data_8TWF
#
_entry.id   8TWF
#
_cell.length_a   77.964
_cell.length_b   134.282
_cell.length_c   165.068
_cell.angle_alpha   90.000
_cell.angle_beta   90.000
_cell.angle_gamma   90.000
#
_symmetry.space_group_name_H-M   'P 21 21 21'
#
loop_
_entity.id
_entity.type
_entity.pdbx_description
1 polymer '6-hydroxynicotinate 3-monooxygenase'
2 non-polymer 'FLAVIN-ADENINE DINUCLEOTIDE'
3 water water
#
_entity_poly.entity_id   1
_entity_poly.type   'polypeptide(L)'
_entity_poly.pdbx_seq_one_letter_code
;MTGSSHHHHHHSSGKLMYKNIKILVIGAGIAGPAICYWLRRFGFSPVLIEKYASIRKGGQALDVRGIATHIAKEMGIYDQ
ICGMRTRIECGRFVDSSGKVLHEEHGEKFGFRQDDEVEIVRGDLVEILMKTITDIPCYFNQSIISIQQNSDHVTVNFKDG
QVEHYDLVIAADGIHSATRRMVFDKNEYQLIHLGAYLSTFTIPNYLNLRHIDLECEANHKLVSINNDNDPEIARAGFMFL
SQHILKDIRDEHEQKQFLCDTFRDFGWETQNILNRMSESDDFYFDAITQVKMNSWTKGRIALIGDAGYCPSPLSGQGNNL
AFVGAYILAGELKAADGNYMQAFTRYNALLRPFVDANQEFGVWVSKSFLVEDEVSKEIAEERSNRTLALIKSVSNAITLP
QYE
;
_entity_poly.pdbx_strand_id   D,A,B,C
#
# COMPACT_ATOMS: atom_id res chain seq x y z
N TYR A 18 7.12 -11.33 -7.12
CA TYR A 18 8.01 -10.36 -7.73
C TYR A 18 9.13 -11.02 -8.52
N LYS A 19 9.96 -10.19 -9.15
CA LYS A 19 11.14 -10.65 -9.86
C LYS A 19 12.26 -9.65 -9.58
N ASN A 20 13.46 -10.15 -9.30
CA ASN A 20 14.63 -9.30 -9.15
C ASN A 20 15.66 -9.67 -10.20
N ILE A 21 15.19 -9.75 -11.44
CA ILE A 21 16.05 -9.88 -12.60
C ILE A 21 16.70 -8.53 -12.87
N LYS A 22 18.00 -8.55 -13.19
CA LYS A 22 18.74 -7.31 -13.47
C LYS A 22 18.45 -6.86 -14.89
N ILE A 23 17.67 -5.79 -15.03
CA ILE A 23 17.25 -5.26 -16.33
C ILE A 23 17.74 -3.84 -16.45
N LEU A 24 18.41 -3.53 -17.55
CA LEU A 24 18.85 -2.18 -17.87
C LEU A 24 17.98 -1.64 -19.01
N VAL A 25 17.46 -0.43 -18.83
CA VAL A 25 16.70 0.27 -19.87
C VAL A 25 17.47 1.54 -20.21
N ILE A 26 17.73 1.74 -21.52
CA ILE A 26 18.60 2.80 -22.01
C ILE A 26 17.76 3.81 -22.77
N GLY A 27 17.71 5.04 -22.26
CA GLY A 27 17.02 6.12 -22.95
C GLY A 27 15.79 6.65 -22.22
N ALA A 28 15.87 7.91 -21.75
CA ALA A 28 14.78 8.52 -20.99
C ALA A 28 13.94 9.43 -21.88
N GLY A 29 13.31 8.82 -22.88
CA GLY A 29 12.43 9.53 -23.78
C GLY A 29 10.97 9.22 -23.54
N ILE A 30 10.34 8.49 -24.44
CA ILE A 30 8.97 8.01 -24.28
C ILE A 30 8.94 6.50 -24.05
N ALA A 31 9.55 5.73 -24.96
CA ALA A 31 9.53 4.28 -24.84
C ALA A 31 10.22 3.82 -23.56
N GLY A 32 11.35 4.44 -23.22
CA GLY A 32 12.13 4.03 -22.08
C GLY A 32 11.38 4.18 -20.78
N PRO A 33 10.98 5.42 -20.45
CA PRO A 33 10.18 5.60 -19.24
C PRO A 33 8.90 4.78 -19.25
N ALA A 34 8.28 4.63 -20.42
CA ALA A 34 7.04 3.88 -20.49
C ALA A 34 7.24 2.44 -20.03
N ILE A 35 8.31 1.79 -20.50
CA ILE A 35 8.49 0.38 -20.19
C ILE A 35 8.96 0.17 -18.76
N CYS A 36 9.73 1.13 -18.22
CA CYS A 36 10.09 1.05 -16.80
C CYS A 36 8.83 0.96 -15.94
N TYR A 37 7.80 1.75 -16.26
CA TYR A 37 6.57 1.70 -15.49
C TYR A 37 5.94 0.31 -15.54
N TRP A 38 5.74 -0.22 -16.74
CA TRP A 38 5.04 -1.49 -16.88
C TRP A 38 5.83 -2.65 -16.32
N LEU A 39 7.16 -2.58 -16.41
CA LEU A 39 7.99 -3.62 -15.80
C LEU A 39 7.81 -3.65 -14.29
N ARG A 40 7.85 -2.47 -13.66
CA ARG A 40 7.66 -2.41 -12.21
C ARG A 40 6.25 -2.83 -11.82
N ARG A 41 5.24 -2.39 -12.59
CA ARG A 41 3.87 -2.82 -12.35
C ARG A 41 3.75 -4.34 -12.39
N PHE A 42 4.59 -4.99 -13.19
CA PHE A 42 4.50 -6.43 -13.40
C PHE A 42 5.43 -7.23 -12.50
N GLY A 43 6.14 -6.58 -11.59
CA GLY A 43 6.98 -7.25 -10.62
C GLY A 43 8.47 -7.18 -10.86
N PHE A 44 8.93 -6.40 -11.83
CA PHE A 44 10.34 -6.30 -12.15
C PHE A 44 10.93 -5.04 -11.53
N SER A 45 12.26 -4.96 -11.56
CA SER A 45 13.00 -3.84 -11.00
C SER A 45 14.02 -3.35 -12.03
N PRO A 46 13.58 -2.58 -13.01
CA PRO A 46 14.53 -2.03 -14.00
C PRO A 46 15.25 -0.80 -13.47
N VAL A 47 16.34 -0.46 -14.18
CA VAL A 47 17.08 0.77 -13.93
C VAL A 47 17.20 1.54 -15.24
N LEU A 48 17.00 2.85 -15.17
CA LEU A 48 17.01 3.72 -16.33
C LEU A 48 18.28 4.57 -16.36
N ILE A 49 18.84 4.76 -17.55
CA ILE A 49 19.96 5.67 -17.75
C ILE A 49 19.66 6.60 -18.91
N GLU A 50 20.31 7.75 -18.89
CA GLU A 50 20.16 8.78 -19.92
C GLU A 50 21.53 9.35 -20.25
N LYS A 51 21.80 9.50 -21.54
CA LYS A 51 23.07 10.03 -22.00
C LYS A 51 23.25 11.49 -21.58
N TYR A 52 22.19 12.27 -21.67
CA TYR A 52 22.29 13.70 -21.37
C TYR A 52 22.12 13.96 -19.87
N ALA A 53 22.66 15.09 -19.44
CA ALA A 53 22.73 15.40 -18.02
C ALA A 53 21.36 15.71 -17.42
N SER A 54 20.35 15.98 -18.24
CA SER A 54 19.00 16.20 -17.76
C SER A 54 18.02 15.64 -18.79
N ILE A 55 16.74 15.61 -18.39
CA ILE A 55 15.72 15.02 -19.24
C ILE A 55 15.47 15.94 -20.44
N ARG A 56 15.43 15.34 -21.63
CA ARG A 56 15.26 16.10 -22.87
C ARG A 56 13.78 16.32 -23.11
N LYS A 57 13.33 17.58 -22.96
CA LYS A 57 11.93 17.95 -23.10
C LYS A 57 11.65 18.67 -24.42
N GLY A 58 12.58 18.64 -25.36
CA GLY A 58 12.34 19.21 -26.67
C GLY A 58 11.30 18.44 -27.45
N GLY A 59 10.98 18.97 -28.62
CA GLY A 59 10.06 18.34 -29.55
C GLY A 59 8.76 19.12 -29.71
N GLN A 60 8.10 18.88 -30.83
CA GLN A 60 6.82 19.50 -31.15
C GLN A 60 5.67 18.77 -30.46
N ALA A 61 4.45 19.22 -30.74
CA ALA A 61 3.26 18.58 -30.20
C ALA A 61 3.11 17.17 -30.77
N LEU A 62 2.66 16.26 -29.91
CA LEU A 62 2.39 14.87 -30.26
C LEU A 62 0.93 14.56 -29.97
N ASP A 63 0.46 13.46 -30.55
CA ASP A 63 -0.91 13.00 -30.38
C ASP A 63 -0.89 11.62 -29.76
N VAL A 64 -1.53 11.49 -28.60
CA VAL A 64 -1.82 10.18 -28.02
C VAL A 64 -3.12 9.71 -28.65
N ARG A 65 -3.06 8.58 -29.35
CA ARG A 65 -4.11 8.22 -30.29
C ARG A 65 -4.28 6.72 -30.31
N GLY A 66 -5.52 6.28 -30.55
CA GLY A 66 -5.79 4.86 -30.76
C GLY A 66 -5.60 4.03 -29.50
N ILE A 67 -5.15 2.79 -29.69
CA ILE A 67 -4.92 1.89 -28.58
C ILE A 67 -3.91 2.47 -27.58
N ALA A 68 -3.07 3.40 -28.01
CA ALA A 68 -2.15 4.04 -27.07
C ALA A 68 -2.91 4.84 -26.02
N THR A 69 -4.11 5.31 -26.34
CA THR A 69 -4.90 6.02 -25.33
C THR A 69 -5.32 5.07 -24.22
N HIS A 70 -5.68 3.83 -24.56
CA HIS A 70 -6.06 2.86 -23.54
C HIS A 70 -4.88 2.56 -22.61
N ILE A 71 -3.69 2.38 -23.18
CA ILE A 71 -2.51 2.18 -22.36
C ILE A 71 -2.29 3.36 -21.43
N ALA A 72 -2.49 4.57 -21.94
CA ALA A 72 -2.30 5.77 -21.11
C ALA A 72 -3.31 5.81 -19.98
N LYS A 73 -4.55 5.37 -20.24
CA LYS A 73 -5.55 5.32 -19.19
C LYS A 73 -5.16 4.32 -18.11
N GLU A 74 -4.76 3.11 -18.51
CA GLU A 74 -4.35 2.10 -17.54
C GLU A 74 -3.12 2.54 -16.75
N MET A 75 -2.30 3.45 -17.30
CA MET A 75 -1.21 4.04 -16.54
C MET A 75 -1.66 5.18 -15.63
N GLY A 76 -2.93 5.56 -15.68
CA GLY A 76 -3.43 6.65 -14.86
C GLY A 76 -2.83 8.00 -15.18
N ILE A 77 -2.51 8.26 -16.45
CA ILE A 77 -1.96 9.53 -16.88
C ILE A 77 -2.88 10.26 -17.85
N TYR A 78 -3.99 9.66 -18.26
CA TYR A 78 -4.83 10.27 -19.28
C TYR A 78 -5.28 11.67 -18.86
N ASP A 79 -5.81 11.80 -17.63
CA ASP A 79 -6.29 13.10 -17.18
C ASP A 79 -5.13 14.09 -17.07
N GLN A 80 -3.97 13.65 -16.59
CA GLN A 80 -2.80 14.50 -16.60
C GLN A 80 -2.47 14.96 -18.02
N ILE A 81 -2.57 14.04 -18.99
CA ILE A 81 -2.31 14.41 -20.38
C ILE A 81 -3.37 15.38 -20.88
N CYS A 82 -4.64 15.11 -20.58
CA CYS A 82 -5.68 16.09 -20.87
C CYS A 82 -5.39 17.41 -20.18
N GLY A 83 -4.93 17.35 -18.92
CA GLY A 83 -4.69 18.56 -18.17
C GLY A 83 -3.64 19.44 -18.82
N MET A 84 -2.63 18.84 -19.44
CA MET A 84 -1.57 19.56 -20.11
C MET A 84 -1.72 19.55 -21.62
N ARG A 85 -2.94 19.38 -22.13
CA ARG A 85 -3.15 19.36 -23.57
C ARG A 85 -2.79 20.70 -24.17
N THR A 86 -2.38 20.69 -25.44
CA THR A 86 -2.12 21.93 -26.14
C THR A 86 -3.39 22.77 -26.15
N ARG A 87 -3.21 24.09 -26.08
CA ARG A 87 -4.34 25.02 -26.06
C ARG A 87 -4.07 26.20 -26.97
N ILE A 88 -3.55 25.93 -28.16
CA ILE A 88 -3.43 26.96 -29.19
C ILE A 88 -4.83 27.37 -29.62
N GLU A 89 -5.12 28.67 -29.56
CA GLU A 89 -6.45 29.16 -29.86
C GLU A 89 -6.61 29.56 -31.31
N CYS A 90 -5.55 30.01 -31.96
CA CYS A 90 -5.61 30.51 -33.32
C CYS A 90 -4.41 30.01 -34.11
N GLY A 91 -4.65 29.67 -35.37
CA GLY A 91 -3.58 29.26 -36.26
C GLY A 91 -3.58 30.05 -37.55
N ARG A 92 -2.55 30.85 -37.77
CA ARG A 92 -2.46 31.72 -38.93
C ARG A 92 -1.37 31.23 -39.87
N PHE A 93 -1.73 31.05 -41.14
CA PHE A 93 -0.78 30.74 -42.20
C PHE A 93 -0.52 32.02 -42.99
N VAL A 94 0.76 32.38 -43.12
CA VAL A 94 1.13 33.68 -43.67
C VAL A 94 2.14 33.48 -44.79
N ASP A 95 2.33 34.53 -45.60
CA ASP A 95 3.32 34.49 -46.65
C ASP A 95 4.64 35.06 -46.13
N SER A 96 5.65 35.08 -47.00
CA SER A 96 6.98 35.52 -46.59
C SER A 96 6.99 36.96 -46.09
N SER A 97 5.95 37.74 -46.42
CA SER A 97 5.85 39.13 -45.99
C SER A 97 5.04 39.29 -44.70
N GLY A 98 4.42 38.23 -44.20
CA GLY A 98 3.64 38.30 -42.98
C GLY A 98 2.15 38.46 -43.17
N LYS A 99 1.67 38.48 -44.41
CA LYS A 99 0.24 38.66 -44.68
C LYS A 99 -0.51 37.36 -44.42
N VAL A 100 -1.61 37.46 -43.68
CA VAL A 100 -2.38 36.27 -43.34
C VAL A 100 -3.14 35.79 -44.57
N LEU A 101 -2.99 34.51 -44.88
CA LEU A 101 -3.69 33.88 -45.99
C LEU A 101 -4.78 32.93 -45.55
N HIS A 102 -4.75 32.50 -44.28
CA HIS A 102 -5.73 31.55 -43.74
C HIS A 102 -5.58 31.56 -42.22
N GLU A 103 -6.72 31.53 -41.53
CA GLU A 103 -6.73 31.62 -40.07
C GLU A 103 -7.70 30.57 -39.54
N GLU A 104 -7.18 29.64 -38.74
CA GLU A 104 -7.99 28.59 -38.12
C GLU A 104 -8.26 28.94 -36.66
N HIS A 105 -9.45 28.57 -36.20
CA HIS A 105 -9.82 28.78 -34.80
C HIS A 105 -10.38 27.48 -34.21
N ASP A 114 -11.71 11.33 -30.61
CA ASP A 114 -11.76 9.90 -30.32
C ASP A 114 -10.80 9.54 -29.21
N ASP A 115 -11.01 10.13 -28.04
CA ASP A 115 -10.17 9.93 -26.86
C ASP A 115 -8.71 10.36 -27.09
N GLU A 116 -8.41 10.99 -28.23
CA GLU A 116 -7.04 11.38 -28.55
C GLU A 116 -6.77 12.80 -28.03
N VAL A 117 -5.54 13.02 -27.59
CA VAL A 117 -5.15 14.26 -26.93
C VAL A 117 -3.84 14.75 -27.55
N GLU A 118 -3.78 16.03 -27.88
CA GLU A 118 -2.55 16.64 -28.35
C GLU A 118 -1.81 17.25 -27.17
N ILE A 119 -0.51 16.98 -27.07
CA ILE A 119 0.30 17.42 -25.93
C ILE A 119 1.73 17.58 -26.40
N VAL A 120 2.37 18.68 -25.98
CA VAL A 120 3.79 18.87 -26.27
C VAL A 120 4.56 17.65 -25.81
N ARG A 121 5.57 17.26 -26.59
CA ARG A 121 6.35 16.08 -26.25
C ARG A 121 7.00 16.22 -24.87
N GLY A 122 7.61 17.38 -24.61
CA GLY A 122 8.23 17.58 -23.31
C GLY A 122 7.30 17.34 -22.14
N ASP A 123 6.04 17.77 -22.28
CA ASP A 123 5.07 17.58 -21.20
C ASP A 123 4.69 16.11 -21.04
N LEU A 124 4.70 15.35 -22.14
CA LEU A 124 4.43 13.92 -22.03
C LEU A 124 5.60 13.18 -21.38
N VAL A 125 6.83 13.60 -21.69
CA VAL A 125 7.99 13.02 -21.04
C VAL A 125 7.97 13.32 -19.54
N GLU A 126 7.64 14.55 -19.17
CA GLU A 126 7.54 14.90 -17.75
C GLU A 126 6.53 13.99 -17.06
N ILE A 127 5.32 13.89 -17.61
CA ILE A 127 4.30 13.04 -17.00
C ILE A 127 4.86 11.65 -16.78
N LEU A 128 5.48 11.07 -17.82
CA LEU A 128 5.95 9.70 -17.73
C LEU A 128 7.00 9.53 -16.63
N MET A 129 7.91 10.50 -16.51
CA MET A 129 8.91 10.43 -15.46
C MET A 129 8.28 10.52 -14.07
N LYS A 130 7.10 11.16 -13.97
CA LYS A 130 6.38 11.23 -12.70
C LYS A 130 5.64 9.93 -12.37
N THR A 131 5.57 8.97 -13.30
CA THR A 131 4.97 7.68 -13.02
C THR A 131 5.99 6.62 -12.65
N ILE A 132 7.29 6.94 -12.72
CA ILE A 132 8.35 6.01 -12.38
C ILE A 132 9.28 6.65 -11.35
N THR A 133 8.71 7.40 -10.40
CA THR A 133 9.52 8.04 -9.38
C THR A 133 10.17 7.05 -8.42
N ASP A 134 9.71 5.80 -8.41
CA ASP A 134 10.29 4.77 -7.57
C ASP A 134 11.40 3.99 -8.25
N ILE A 135 11.80 4.36 -9.46
CA ILE A 135 12.79 3.63 -10.23
C ILE A 135 14.02 4.53 -10.39
N PRO A 136 15.24 4.02 -10.18
CA PRO A 136 16.42 4.87 -10.33
C PRO A 136 16.62 5.28 -11.78
N CYS A 137 17.03 6.54 -11.97
CA CYS A 137 17.29 7.10 -13.29
C CYS A 137 18.59 7.90 -13.20
N TYR A 138 19.63 7.41 -13.87
CA TYR A 138 20.97 8.00 -13.81
C TYR A 138 21.26 8.76 -15.10
N PHE A 139 21.39 10.07 -14.98
CA PHE A 139 21.71 10.93 -16.10
C PHE A 139 23.22 11.00 -16.31
N ASN A 140 23.62 11.49 -17.48
CA ASN A 140 25.02 11.54 -17.88
C ASN A 140 25.66 10.16 -17.81
N GLN A 141 24.88 9.14 -18.15
CA GLN A 141 25.36 7.76 -18.24
C GLN A 141 25.17 7.26 -19.67
N SER A 142 26.20 6.58 -20.19
CA SER A 142 26.15 6.04 -21.54
C SER A 142 27.10 4.87 -21.64
N ILE A 143 26.78 3.95 -22.56
CA ILE A 143 27.53 2.72 -22.76
C ILE A 143 28.61 2.95 -23.82
N ILE A 144 29.79 2.35 -23.61
CA ILE A 144 30.86 2.40 -24.60
C ILE A 144 30.96 1.10 -25.39
N SER A 145 30.68 -0.03 -24.74
CA SER A 145 30.74 -1.32 -25.40
C SER A 145 29.81 -2.29 -24.70
N ILE A 146 29.41 -3.32 -25.43
CA ILE A 146 28.53 -4.37 -24.91
C ILE A 146 29.06 -5.72 -25.38
N GLN A 147 29.10 -6.67 -24.45
CA GLN A 147 29.29 -8.07 -24.78
C GLN A 147 28.13 -8.84 -24.14
N GLN A 148 27.84 -10.02 -24.68
CA GLN A 148 26.84 -10.87 -24.07
C GLN A 148 27.16 -12.32 -24.36
N ASN A 149 26.77 -13.19 -23.42
CA ASN A 149 26.83 -14.63 -23.60
C ASN A 149 25.48 -15.21 -23.20
N SER A 150 25.38 -16.53 -23.08
CA SER A 150 24.11 -17.17 -22.76
C SER A 150 23.64 -16.88 -21.34
N ASP A 151 24.51 -16.38 -20.47
CA ASP A 151 24.19 -16.18 -19.06
C ASP A 151 23.89 -14.73 -18.70
N HIS A 152 24.58 -13.76 -19.30
CA HIS A 152 24.37 -12.36 -18.93
C HIS A 152 24.91 -11.47 -20.03
N VAL A 153 24.58 -10.18 -19.92
CA VAL A 153 25.06 -9.14 -20.83
C VAL A 153 26.04 -8.26 -20.06
N THR A 154 27.22 -8.03 -20.64
CA THR A 154 28.25 -7.19 -20.03
C THR A 154 28.15 -5.79 -20.63
N VAL A 155 27.74 -4.83 -19.80
CA VAL A 155 27.59 -3.44 -20.20
C VAL A 155 28.73 -2.64 -19.58
N ASN A 156 29.53 -2.00 -20.42
CA ASN A 156 30.67 -1.20 -19.99
C ASN A 156 30.32 0.27 -20.15
N PHE A 157 30.49 1.03 -19.08
CA PHE A 157 29.97 2.38 -19.00
C PHE A 157 31.04 3.44 -19.25
N LYS A 158 30.57 4.66 -19.50
CA LYS A 158 31.46 5.78 -19.80
C LYS A 158 32.34 6.14 -18.61
N ASP A 159 31.79 6.04 -17.40
CA ASP A 159 32.52 6.41 -16.19
C ASP A 159 33.39 5.28 -15.65
N GLY A 160 33.51 4.17 -16.39
CA GLY A 160 34.41 3.10 -16.01
C GLY A 160 33.80 1.91 -15.33
N GLN A 161 32.47 1.83 -15.26
CA GLN A 161 31.81 0.72 -14.58
C GLN A 161 31.61 -0.44 -15.57
N VAL A 162 31.67 -1.65 -15.01
CA VAL A 162 31.39 -2.88 -15.75
C VAL A 162 30.33 -3.63 -14.97
N GLU A 163 29.17 -3.83 -15.60
CA GLU A 163 28.03 -4.45 -14.93
C GLU A 163 27.49 -5.60 -15.77
N HIS A 164 26.99 -6.61 -15.09
CA HIS A 164 26.35 -7.77 -15.72
C HIS A 164 24.84 -7.65 -15.55
N TYR A 165 24.10 -7.91 -16.63
CA TYR A 165 22.65 -7.80 -16.64
C TYR A 165 22.04 -9.06 -17.23
N ASP A 166 20.88 -9.43 -16.69
CA ASP A 166 20.10 -10.51 -17.29
C ASP A 166 19.47 -10.06 -18.60
N LEU A 167 18.93 -8.84 -18.64
CA LEU A 167 18.30 -8.30 -19.83
C LEU A 167 18.70 -6.85 -20.02
N VAL A 168 18.88 -6.45 -21.27
CA VAL A 168 19.14 -5.06 -21.64
C VAL A 168 18.10 -4.64 -22.66
N ILE A 169 17.44 -3.52 -22.42
CA ILE A 169 16.40 -3.01 -23.30
C ILE A 169 16.81 -1.61 -23.77
N ALA A 170 16.91 -1.43 -25.09
CA ALA A 170 17.33 -0.17 -25.68
C ALA A 170 16.10 0.65 -26.06
N ALA A 171 16.06 1.89 -25.59
CA ALA A 171 15.07 2.88 -26.00
C ALA A 171 15.76 4.20 -26.28
N ASP A 172 16.88 4.14 -27.01
CA ASP A 172 17.74 5.29 -27.20
C ASP A 172 17.58 5.93 -28.58
N GLY A 173 16.49 5.64 -29.28
CA GLY A 173 16.06 6.44 -30.41
C GLY A 173 16.53 5.93 -31.77
N ILE A 174 16.17 6.71 -32.79
CA ILE A 174 16.40 6.32 -34.19
C ILE A 174 17.86 5.93 -34.41
N HIS A 175 18.79 6.73 -33.88
CA HIS A 175 20.21 6.46 -34.04
C HIS A 175 20.79 5.62 -32.91
N SER A 176 20.02 4.64 -32.45
CA SER A 176 20.38 3.78 -31.32
C SER A 176 21.85 3.37 -31.33
N ALA A 177 22.61 3.86 -30.35
CA ALA A 177 23.98 3.38 -30.18
C ALA A 177 24.00 1.92 -29.73
N THR A 178 22.94 1.46 -29.08
CA THR A 178 22.88 0.06 -28.66
C THR A 178 22.66 -0.85 -29.86
N ARG A 179 21.80 -0.44 -30.80
CA ARG A 179 21.59 -1.24 -32.00
C ARG A 179 22.89 -1.41 -32.78
N ARG A 180 23.65 -0.32 -32.92
CA ARG A 180 24.89 -0.38 -33.70
C ARG A 180 25.95 -1.23 -33.00
N MET A 181 25.89 -1.35 -31.67
CA MET A 181 26.82 -2.22 -30.96
C MET A 181 26.39 -3.68 -31.01
N VAL A 182 25.10 -3.96 -31.02
CA VAL A 182 24.58 -5.31 -30.88
C VAL A 182 24.25 -5.93 -32.24
N PHE A 183 23.70 -5.16 -33.16
CA PHE A 183 23.26 -5.69 -34.45
C PHE A 183 24.26 -5.31 -35.53
N ASP A 184 24.51 -6.25 -36.44
CA ASP A 184 25.36 -5.96 -37.58
C ASP A 184 24.61 -5.08 -38.59
N LYS A 185 25.37 -4.40 -39.45
CA LYS A 185 24.74 -3.59 -40.50
C LYS A 185 23.89 -4.42 -41.44
N ASN A 186 23.94 -5.75 -41.36
CA ASN A 186 23.12 -6.63 -42.19
C ASN A 186 21.72 -6.83 -41.62
N GLU A 187 21.48 -6.44 -40.37
CA GLU A 187 20.24 -6.75 -39.68
C GLU A 187 19.30 -5.56 -39.54
N TYR A 188 19.74 -4.35 -39.88
CA TYR A 188 18.86 -3.18 -39.85
C TYR A 188 19.12 -2.30 -41.05
N GLN A 189 18.08 -1.58 -41.46
CA GLN A 189 18.11 -0.76 -42.66
C GLN A 189 17.40 0.56 -42.37
N LEU A 190 18.10 1.67 -42.56
CA LEU A 190 17.53 3.00 -42.34
C LEU A 190 17.08 3.59 -43.66
N ILE A 191 15.79 3.94 -43.75
CA ILE A 191 15.15 4.38 -44.98
C ILE A 191 14.89 5.87 -44.88
N HIS A 192 15.48 6.64 -45.79
CA HIS A 192 15.23 8.08 -45.87
C HIS A 192 13.93 8.33 -46.62
N LEU A 193 13.03 9.09 -45.99
CA LEU A 193 11.73 9.42 -46.58
C LEU A 193 11.74 10.78 -47.26
N GLY A 194 12.92 11.33 -47.55
CA GLY A 194 13.03 12.48 -48.42
C GLY A 194 12.79 13.82 -47.77
N ALA A 195 12.86 13.92 -46.44
CA ALA A 195 12.54 15.15 -45.76
C ALA A 195 13.38 15.26 -44.49
N TYR A 196 13.36 16.45 -43.89
CA TYR A 196 14.09 16.77 -42.68
C TYR A 196 13.21 17.60 -41.76
N LEU A 197 13.42 17.44 -40.45
CA LEU A 197 12.66 18.16 -39.44
C LEU A 197 13.60 18.77 -38.41
N SER A 198 13.25 19.96 -37.92
CA SER A 198 14.01 20.59 -36.85
C SER A 198 13.06 21.45 -36.01
N THR A 199 13.25 21.42 -34.70
CA THR A 199 12.45 22.22 -33.79
C THR A 199 13.29 22.60 -32.58
N PHE A 200 13.05 23.80 -32.05
CA PHE A 200 13.76 24.27 -30.88
C PHE A 200 13.07 25.50 -30.31
N THR A 201 13.15 25.66 -28.99
CA THR A 201 12.57 26.80 -28.31
C THR A 201 13.52 27.98 -28.28
N ILE A 202 12.95 29.18 -28.26
CA ILE A 202 13.72 30.42 -28.24
C ILE A 202 12.98 31.43 -27.38
N PRO A 203 13.58 32.57 -27.02
CA PRO A 203 12.79 33.63 -26.39
C PRO A 203 11.69 34.13 -27.34
N ASN A 204 10.52 34.39 -26.75
CA ASN A 204 9.33 34.78 -27.51
C ASN A 204 9.44 36.24 -27.96
N TYR A 205 10.42 36.47 -28.84
CA TYR A 205 10.74 37.84 -29.26
C TYR A 205 9.60 38.50 -30.03
N LEU A 206 8.66 37.71 -30.55
CA LEU A 206 7.49 38.26 -31.22
C LEU A 206 6.31 38.53 -30.29
N ASN A 207 6.41 38.12 -29.03
CA ASN A 207 5.32 38.30 -28.07
C ASN A 207 4.02 37.66 -28.57
N LEU A 208 4.12 36.35 -28.83
CA LEU A 208 2.96 35.57 -29.24
C LEU A 208 2.28 34.99 -28.01
N ARG A 209 0.97 34.79 -28.10
CA ARG A 209 0.18 34.20 -27.03
C ARG A 209 -0.82 33.22 -27.63
N HIS A 210 -0.69 31.94 -27.28
CA HIS A 210 -1.66 30.91 -27.66
C HIS A 210 -2.00 30.97 -29.15
N ILE A 211 -0.96 31.09 -29.98
CA ILE A 211 -1.13 31.20 -31.42
C ILE A 211 0.01 30.48 -32.12
N ASP A 212 -0.27 29.98 -33.33
CA ASP A 212 0.70 29.30 -34.17
C ASP A 212 0.79 30.02 -35.50
N LEU A 213 1.98 30.50 -35.85
CA LEU A 213 2.25 31.15 -37.12
C LEU A 213 3.06 30.23 -38.01
N GLU A 214 2.59 30.00 -39.23
CA GLU A 214 3.25 29.10 -40.17
C GLU A 214 3.34 29.75 -41.54
N CYS A 215 4.42 29.43 -42.25
CA CYS A 215 4.65 29.92 -43.61
C CYS A 215 5.28 28.80 -44.42
N GLU A 216 4.68 28.48 -45.55
CA GLU A 216 5.14 27.42 -46.43
C GLU A 216 5.48 27.99 -47.81
N ALA A 217 6.56 27.49 -48.40
CA ALA A 217 6.96 27.92 -49.73
C ALA A 217 8.12 27.06 -50.21
N ASN A 218 8.14 26.76 -51.50
CA ASN A 218 9.25 26.06 -52.13
C ASN A 218 9.61 24.77 -51.39
N HIS A 219 8.58 24.02 -50.99
CA HIS A 219 8.76 22.72 -50.34
C HIS A 219 9.45 22.86 -48.99
N LYS A 220 9.27 24.02 -48.36
CA LYS A 220 9.79 24.28 -47.03
C LYS A 220 8.66 24.85 -46.18
N LEU A 221 8.70 24.53 -44.88
CA LEU A 221 7.71 24.98 -43.92
C LEU A 221 8.42 25.53 -42.69
N VAL A 222 8.10 26.77 -42.32
CA VAL A 222 8.66 27.42 -41.14
C VAL A 222 7.49 27.78 -40.22
N SER A 223 7.63 27.47 -38.93
CA SER A 223 6.58 27.74 -37.97
C SER A 223 7.18 28.31 -36.70
N ILE A 224 6.34 29.02 -35.94
CA ILE A 224 6.71 29.56 -34.63
C ILE A 224 5.43 29.78 -33.85
N ASN A 225 5.38 29.25 -32.63
CA ASN A 225 4.16 29.27 -31.85
C ASN A 225 4.49 29.55 -30.39
N ASN A 226 3.43 29.66 -29.58
CA ASN A 226 3.52 29.85 -28.15
C ASN A 226 2.24 29.26 -27.58
N ASP A 227 2.35 28.55 -26.46
CA ASP A 227 1.14 28.01 -25.85
C ASP A 227 1.06 28.33 -24.35
N ASN A 228 2.04 27.86 -23.57
CA ASN A 228 1.97 27.94 -22.12
C ASN A 228 2.93 28.96 -21.54
N ASP A 229 4.23 28.77 -21.71
CA ASP A 229 5.21 29.70 -21.13
C ASP A 229 5.22 31.00 -21.91
N PRO A 230 4.76 32.11 -21.35
CA PRO A 230 4.66 33.35 -22.14
C PRO A 230 5.99 33.90 -22.62
N GLU A 231 7.11 33.46 -22.05
CA GLU A 231 8.42 33.97 -22.44
C GLU A 231 9.10 33.10 -23.48
N ILE A 232 8.52 31.97 -23.86
CA ILE A 232 9.18 31.00 -24.74
C ILE A 232 8.29 30.71 -25.93
N ALA A 233 8.87 30.77 -27.13
CA ALA A 233 8.20 30.34 -28.35
C ALA A 233 8.95 29.15 -28.94
N ARG A 234 8.22 28.28 -29.63
CA ARG A 234 8.80 27.09 -30.24
C ARG A 234 8.86 27.27 -31.76
N ALA A 235 10.04 27.11 -32.32
CA ALA A 235 10.25 27.24 -33.76
C ALA A 235 10.26 25.87 -34.43
N GLY A 236 9.81 25.85 -35.67
CA GLY A 236 9.72 24.61 -36.44
C GLY A 236 10.25 24.80 -37.85
N PHE A 237 10.94 23.77 -38.34
CA PHE A 237 11.44 23.77 -39.71
C PHE A 237 11.23 22.38 -40.30
N MET A 238 10.65 22.32 -41.50
CA MET A 238 10.47 21.07 -42.23
C MET A 238 10.66 21.35 -43.70
N PHE A 239 11.41 20.49 -44.37
CA PHE A 239 11.68 20.68 -45.79
C PHE A 239 11.95 19.33 -46.44
N LEU A 240 11.84 19.31 -47.77
CA LEU A 240 12.13 18.12 -48.55
C LEU A 240 13.59 18.19 -49.02
N SER A 241 14.24 17.03 -49.04
CA SER A 241 15.62 16.96 -49.50
C SER A 241 16.03 15.51 -49.63
N GLN A 242 16.71 15.20 -50.73
CA GLN A 242 17.36 13.90 -50.91
C GLN A 242 18.77 13.88 -50.34
N HIS A 243 19.29 15.01 -49.90
CA HIS A 243 20.64 15.07 -49.35
C HIS A 243 20.72 14.28 -48.04
N ILE A 244 21.89 13.71 -47.80
CA ILE A 244 22.18 12.97 -46.57
C ILE A 244 23.42 13.60 -45.94
N LEU A 245 23.33 13.87 -44.64
CA LEU A 245 24.45 14.43 -43.90
C LEU A 245 25.66 13.50 -43.96
N LYS A 246 26.86 14.09 -44.02
CA LYS A 246 28.07 13.30 -43.88
C LYS A 246 28.11 12.58 -42.54
N ASP A 247 27.75 13.29 -41.46
CA ASP A 247 27.61 12.69 -40.13
C ASP A 247 26.33 13.25 -39.52
N ILE A 248 25.32 12.39 -39.34
CA ILE A 248 24.01 12.85 -38.91
C ILE A 248 24.01 13.35 -37.47
N ARG A 249 25.01 12.97 -36.67
CA ARG A 249 25.09 13.35 -35.26
C ARG A 249 25.90 14.61 -35.02
N ASP A 250 26.42 15.24 -36.06
CA ASP A 250 27.23 16.45 -35.94
C ASP A 250 26.31 17.67 -36.00
N GLU A 251 26.04 18.26 -34.83
CA GLU A 251 25.12 19.40 -34.79
C GLU A 251 25.58 20.53 -35.70
N HIS A 252 26.90 20.78 -35.76
CA HIS A 252 27.39 21.87 -36.60
C HIS A 252 27.02 21.66 -38.06
N GLU A 253 27.15 20.43 -38.56
CA GLU A 253 26.74 20.15 -39.94
C GLU A 253 25.24 20.27 -40.09
N GLN A 254 24.48 19.86 -39.06
CA GLN A 254 23.03 20.03 -39.09
C GLN A 254 22.65 21.49 -39.29
N LYS A 255 23.12 22.35 -38.38
CA LYS A 255 22.72 23.76 -38.42
C LYS A 255 23.22 24.43 -39.70
N GLN A 256 24.44 24.11 -40.14
CA GLN A 256 24.93 24.65 -41.39
C GLN A 256 24.03 24.26 -42.55
N PHE A 257 23.55 23.01 -42.55
CA PHE A 257 22.61 22.55 -43.57
C PHE A 257 21.28 23.29 -43.44
N LEU A 258 20.77 23.44 -42.22
CA LEU A 258 19.51 24.15 -42.00
C LEU A 258 19.61 25.61 -42.44
N CYS A 259 20.70 26.28 -42.07
CA CYS A 259 20.86 27.69 -42.42
C CYS A 259 20.97 27.87 -43.93
N ASP A 260 21.72 26.99 -44.59
CA ASP A 260 21.87 27.09 -46.03
C ASP A 260 20.58 26.74 -46.75
N THR A 261 19.76 25.86 -46.16
CA THR A 261 18.48 25.51 -46.77
C THR A 261 17.51 26.69 -46.74
N PHE A 262 17.56 27.49 -45.68
CA PHE A 262 16.64 28.62 -45.51
C PHE A 262 17.32 29.97 -45.75
N ARG A 263 18.45 29.97 -46.45
CA ARG A 263 19.23 31.19 -46.65
C ARG A 263 18.35 32.34 -47.12
N ASP A 264 17.62 32.15 -48.21
CA ASP A 264 16.80 33.18 -48.83
C ASP A 264 15.30 32.90 -48.66
N PHE A 265 14.91 32.36 -47.51
CA PHE A 265 13.49 32.09 -47.30
C PHE A 265 12.71 33.37 -46.96
N GLY A 266 13.28 34.23 -46.14
CA GLY A 266 12.59 35.43 -45.71
C GLY A 266 11.78 35.18 -44.45
N TRP A 267 10.77 36.02 -44.27
CA TRP A 267 9.90 36.00 -43.09
C TRP A 267 10.79 36.01 -41.86
N GLU A 268 10.54 35.16 -40.86
CA GLU A 268 11.26 35.20 -39.59
C GLU A 268 12.42 34.23 -39.54
N THR A 269 12.84 33.67 -40.67
CA THR A 269 13.84 32.60 -40.63
C THR A 269 15.17 33.10 -40.10
N GLN A 270 15.61 34.29 -40.53
CA GLN A 270 16.89 34.80 -40.03
C GLN A 270 16.78 35.22 -38.57
N ASN A 271 15.65 35.80 -38.18
CA ASN A 271 15.43 36.10 -36.76
C ASN A 271 15.46 34.85 -35.91
N ILE A 272 14.77 33.80 -36.36
CA ILE A 272 14.71 32.56 -35.58
C ILE A 272 16.08 31.91 -35.51
N LEU A 273 16.73 31.75 -36.67
CA LEU A 273 18.01 31.05 -36.71
C LEU A 273 19.13 31.85 -36.05
N ASN A 274 18.94 33.14 -35.82
CA ASN A 274 19.90 33.90 -35.02
C ASN A 274 19.84 33.51 -33.55
N ARG A 275 18.65 33.12 -33.07
CA ARG A 275 18.45 32.76 -31.67
C ARG A 275 18.70 31.29 -31.40
N MET A 276 19.29 30.58 -32.37
CA MET A 276 19.55 29.15 -32.20
C MET A 276 20.57 28.90 -31.10
N SER A 277 21.58 29.76 -30.99
CA SER A 277 22.63 29.60 -29.98
C SER A 277 22.12 29.83 -28.56
N GLU A 278 20.92 30.40 -28.40
CA GLU A 278 20.30 30.55 -27.09
C GLU A 278 19.35 29.41 -26.76
N SER A 279 19.25 28.41 -27.62
CA SER A 279 18.32 27.31 -27.40
C SER A 279 18.97 26.24 -26.53
N ASP A 280 18.14 25.57 -25.73
CA ASP A 280 18.59 24.51 -24.85
C ASP A 280 18.04 23.12 -25.24
N ASP A 281 17.27 23.01 -26.31
CA ASP A 281 16.62 21.75 -26.66
C ASP A 281 16.63 21.54 -28.18
N PHE A 282 17.74 21.89 -28.82
CA PHE A 282 17.82 21.81 -30.28
C PHE A 282 17.62 20.38 -30.75
N TYR A 283 16.73 20.21 -31.72
CA TYR A 283 16.45 18.91 -32.33
C TYR A 283 16.50 19.04 -33.84
N PHE A 284 17.28 18.18 -34.48
CA PHE A 284 17.38 18.12 -35.92
C PHE A 284 17.55 16.67 -36.34
N ASP A 285 16.83 16.27 -37.38
CA ASP A 285 16.93 14.88 -37.81
C ASP A 285 16.28 14.73 -39.18
N ALA A 286 16.81 13.79 -39.95
CA ALA A 286 16.13 13.35 -41.16
C ALA A 286 14.90 12.54 -40.80
N ILE A 287 13.87 12.65 -41.63
CA ILE A 287 12.67 11.82 -41.49
C ILE A 287 13.03 10.44 -42.02
N THR A 288 13.14 9.46 -41.11
CA THR A 288 13.73 8.16 -41.40
C THR A 288 12.92 7.07 -40.73
N GLN A 289 13.05 5.85 -41.25
CA GLN A 289 12.45 4.66 -40.66
C GLN A 289 13.53 3.60 -40.45
N VAL A 290 13.29 2.72 -39.49
CA VAL A 290 14.17 1.60 -39.19
C VAL A 290 13.45 0.32 -39.60
N LYS A 291 14.07 -0.43 -40.50
CA LYS A 291 13.52 -1.69 -41.01
C LYS A 291 14.37 -2.85 -40.50
N MET A 292 13.79 -3.68 -39.64
CA MET A 292 14.43 -4.88 -39.13
C MET A 292 13.43 -6.02 -39.25
N ASN A 293 13.95 -7.23 -39.52
CA ASN A 293 13.10 -8.41 -39.50
C ASN A 293 12.75 -8.81 -38.07
N SER A 294 13.69 -8.65 -37.15
CA SER A 294 13.49 -8.92 -35.73
C SER A 294 14.10 -7.78 -34.94
N TRP A 295 13.65 -7.62 -33.70
CA TRP A 295 14.07 -6.51 -32.84
C TRP A 295 14.78 -7.00 -31.58
N THR A 296 15.23 -8.25 -31.55
CA THR A 296 15.88 -8.83 -30.38
C THR A 296 17.06 -9.69 -30.82
N LYS A 297 18.07 -9.74 -29.95
CA LYS A 297 19.23 -10.61 -30.17
C LYS A 297 19.74 -11.06 -28.80
N GLY A 298 19.49 -12.33 -28.48
CA GLY A 298 19.90 -12.88 -27.20
C GLY A 298 19.14 -12.27 -26.04
N ARG A 299 19.85 -11.60 -25.14
CA ARG A 299 19.27 -10.98 -23.96
C ARG A 299 19.04 -9.48 -24.15
N ILE A 300 19.07 -9.00 -25.40
CA ILE A 300 18.94 -7.58 -25.69
C ILE A 300 17.74 -7.38 -26.61
N ALA A 301 16.93 -6.36 -26.31
CA ALA A 301 15.72 -6.07 -27.05
C ALA A 301 15.65 -4.59 -27.39
N LEU A 302 15.18 -4.29 -28.59
CA LEU A 302 14.99 -2.92 -29.05
C LEU A 302 13.51 -2.57 -28.93
N ILE A 303 13.24 -1.38 -28.39
CA ILE A 303 11.89 -0.83 -28.32
C ILE A 303 11.89 0.59 -28.86
N GLY A 304 10.73 1.02 -29.33
CA GLY A 304 10.58 2.38 -29.81
C GLY A 304 11.30 2.63 -31.14
N ASP A 305 11.72 3.89 -31.32
CA ASP A 305 12.40 4.29 -32.55
C ASP A 305 13.69 3.51 -32.80
N ALA A 306 14.33 2.99 -31.75
CA ALA A 306 15.54 2.19 -31.93
C ALA A 306 15.27 0.95 -32.80
N GLY A 307 14.04 0.45 -32.81
CA GLY A 307 13.72 -0.76 -33.54
C GLY A 307 12.85 -0.57 -34.77
N TYR A 308 11.84 0.31 -34.69
CA TYR A 308 10.79 0.37 -35.71
C TYR A 308 10.28 1.80 -35.87
N CYS A 309 11.16 2.78 -35.72
CA CYS A 309 10.82 4.19 -35.90
C CYS A 309 9.94 4.39 -37.13
N PRO A 310 8.70 4.86 -36.98
CA PRO A 310 7.84 5.09 -38.15
C PRO A 310 7.96 6.48 -38.75
N SER A 311 8.85 7.33 -38.22
CA SER A 311 9.15 8.66 -38.72
C SER A 311 8.12 9.67 -38.22
N PRO A 312 8.47 10.96 -38.15
CA PRO A 312 7.46 11.97 -37.77
C PRO A 312 6.28 12.04 -38.72
N LEU A 313 6.47 11.74 -40.00
CA LEU A 313 5.36 11.85 -40.94
C LEU A 313 4.27 10.84 -40.65
N SER A 314 4.56 9.81 -39.84
CA SER A 314 3.52 8.88 -39.42
C SER A 314 2.67 9.45 -38.30
N GLY A 315 3.21 10.39 -37.53
CA GLY A 315 2.51 10.89 -36.35
C GLY A 315 2.17 9.82 -35.35
N GLN A 316 3.00 8.77 -35.26
CA GLN A 316 2.69 7.62 -34.43
C GLN A 316 3.88 7.09 -33.64
N GLY A 317 5.04 7.75 -33.71
CA GLY A 317 6.21 7.24 -33.02
C GLY A 317 5.96 7.05 -31.54
N ASN A 318 5.39 8.07 -30.90
CA ASN A 318 5.13 7.97 -29.46
C ASN A 318 4.13 6.86 -29.15
N ASN A 319 3.09 6.72 -29.99
CA ASN A 319 2.10 5.68 -29.75
C ASN A 319 2.67 4.29 -30.01
N LEU A 320 3.51 4.15 -31.04
CA LEU A 320 4.19 2.88 -31.26
C LEU A 320 5.13 2.57 -30.10
N ALA A 321 5.79 3.59 -29.55
CA ALA A 321 6.61 3.41 -28.36
C ALA A 321 5.78 2.94 -27.17
N PHE A 322 4.57 3.48 -27.04
CA PHE A 322 3.67 3.03 -25.96
C PHE A 322 3.38 1.55 -26.09
N VAL A 323 2.98 1.11 -27.28
CA VAL A 323 2.57 -0.28 -27.46
C VAL A 323 3.77 -1.20 -27.35
N GLY A 324 4.92 -0.77 -27.86
CA GLY A 324 6.11 -1.60 -27.76
C GLY A 324 6.53 -1.83 -26.32
N ALA A 325 6.54 -0.77 -25.51
CA ALA A 325 6.87 -0.90 -24.10
C ALA A 325 5.86 -1.80 -23.38
N TYR A 326 4.59 -1.66 -23.73
CA TYR A 326 3.54 -2.44 -23.07
C TYR A 326 3.68 -3.93 -23.36
N ILE A 327 3.85 -4.29 -24.64
CA ILE A 327 3.80 -5.69 -25.01
C ILE A 327 5.07 -6.41 -24.58
N LEU A 328 6.24 -5.78 -24.70
CA LEU A 328 7.47 -6.41 -24.24
C LEU A 328 7.41 -6.68 -22.74
N ALA A 329 7.04 -5.67 -21.95
CA ALA A 329 6.91 -5.88 -20.52
C ALA A 329 5.87 -6.96 -20.21
N GLY A 330 4.72 -6.90 -20.90
CA GLY A 330 3.67 -7.86 -20.62
C GLY A 330 4.08 -9.29 -20.96
N GLU A 331 4.76 -9.48 -22.08
CA GLU A 331 5.17 -10.82 -22.46
C GLU A 331 6.25 -11.37 -21.54
N LEU A 332 7.08 -10.50 -20.96
CA LEU A 332 8.06 -10.97 -19.98
C LEU A 332 7.36 -11.49 -18.71
N LYS A 333 6.33 -10.78 -18.24
CA LYS A 333 5.55 -11.27 -17.12
C LYS A 333 4.83 -12.56 -17.46
N ALA A 334 4.25 -12.65 -18.67
CA ALA A 334 3.48 -13.82 -19.07
C ALA A 334 4.35 -15.06 -19.13
N ALA A 335 5.65 -14.90 -19.42
CA ALA A 335 6.58 -16.03 -19.50
C ALA A 335 7.42 -16.18 -18.24
N ASP A 336 7.09 -15.46 -17.17
CA ASP A 336 7.80 -15.57 -15.89
C ASP A 336 9.29 -15.31 -16.05
N GLY A 337 9.64 -14.27 -16.80
CA GLY A 337 11.01 -13.86 -16.96
C GLY A 337 11.80 -14.61 -18.02
N ASN A 338 11.20 -15.62 -18.66
CA ASN A 338 11.86 -16.38 -19.72
C ASN A 338 12.01 -15.52 -20.97
N TYR A 339 13.16 -14.84 -21.11
CA TYR A 339 13.33 -13.91 -22.21
C TYR A 339 13.24 -14.59 -23.56
N MET A 340 13.61 -15.88 -23.64
CA MET A 340 13.51 -16.61 -24.90
C MET A 340 12.07 -16.59 -25.42
N GLN A 341 11.12 -17.02 -24.60
CA GLN A 341 9.72 -17.00 -25.00
C GLN A 341 9.22 -15.57 -25.17
N ALA A 342 9.55 -14.69 -24.21
CA ALA A 342 9.03 -13.33 -24.26
C ALA A 342 9.45 -12.63 -25.55
N PHE A 343 10.74 -12.70 -25.90
CA PHE A 343 11.21 -11.99 -27.09
C PHE A 343 10.54 -12.52 -28.36
N THR A 344 10.12 -13.78 -28.37
CA THR A 344 9.49 -14.35 -29.56
C THR A 344 8.08 -13.81 -29.74
N ARG A 345 7.28 -13.77 -28.66
CA ARG A 345 5.96 -13.19 -28.75
C ARG A 345 6.03 -11.71 -29.10
N TYR A 346 6.94 -10.97 -28.46
CA TYR A 346 7.11 -9.55 -28.74
C TYR A 346 7.33 -9.31 -30.23
N ASN A 347 8.31 -10.00 -30.83
CA ASN A 347 8.57 -9.83 -32.25
C ASN A 347 7.33 -10.13 -33.08
N ALA A 348 6.64 -11.23 -32.77
CA ALA A 348 5.51 -11.64 -33.60
C ALA A 348 4.33 -10.69 -33.46
N LEU A 349 4.01 -10.27 -32.22
CA LEU A 349 2.78 -9.52 -31.99
C LEU A 349 2.87 -8.09 -32.52
N LEU A 350 4.05 -7.47 -32.44
CA LEU A 350 4.22 -6.10 -32.89
C LEU A 350 4.32 -5.97 -34.40
N ARG A 351 4.75 -7.03 -35.09
CA ARG A 351 4.95 -6.97 -36.54
C ARG A 351 3.78 -6.35 -37.29
N PRO A 352 2.53 -6.81 -37.14
CA PRO A 352 1.44 -6.18 -37.90
C PRO A 352 1.27 -4.70 -37.57
N PHE A 353 1.41 -4.32 -36.30
CA PHE A 353 1.26 -2.91 -35.92
C PHE A 353 2.39 -2.07 -36.49
N VAL A 354 3.64 -2.56 -36.44
CA VAL A 354 4.76 -1.83 -37.00
C VAL A 354 4.58 -1.68 -38.51
N ASP A 355 4.07 -2.72 -39.16
CA ASP A 355 3.88 -2.67 -40.61
C ASP A 355 2.91 -1.57 -41.01
N ALA A 356 1.75 -1.50 -40.33
CA ALA A 356 0.73 -0.52 -40.69
C ALA A 356 1.22 0.90 -40.44
N ASN A 357 1.90 1.12 -39.30
CA ASN A 357 2.35 2.47 -38.97
C ASN A 357 3.50 2.92 -39.85
N GLN A 358 4.46 2.02 -40.12
CA GLN A 358 5.56 2.38 -41.00
C GLN A 358 5.05 2.65 -42.41
N GLU A 359 4.13 1.80 -42.90
CA GLU A 359 3.57 2.01 -44.23
C GLU A 359 2.78 3.31 -44.29
N PHE A 360 2.03 3.64 -43.24
CA PHE A 360 1.30 4.90 -43.24
C PHE A 360 2.26 6.08 -43.32
N GLY A 361 3.39 6.01 -42.60
CA GLY A 361 4.36 7.08 -42.68
C GLY A 361 4.92 7.26 -44.08
N VAL A 362 5.20 6.16 -44.78
CA VAL A 362 5.63 6.25 -46.17
C VAL A 362 4.53 6.89 -47.00
N TRP A 363 3.28 6.46 -46.80
CA TRP A 363 2.18 6.99 -47.59
C TRP A 363 2.09 8.51 -47.45
N VAL A 364 2.23 9.03 -46.24
CA VAL A 364 2.19 10.48 -46.04
C VAL A 364 3.30 11.15 -46.84
N SER A 365 4.48 10.53 -46.90
CA SER A 365 5.62 11.15 -47.56
C SER A 365 5.43 11.30 -49.06
N LYS A 366 4.48 10.57 -49.67
CA LYS A 366 4.25 10.72 -51.09
C LYS A 366 3.68 12.10 -51.44
N SER A 367 3.02 12.76 -50.50
CA SER A 367 2.41 14.05 -50.74
C SER A 367 2.91 15.15 -49.80
N PHE A 368 3.73 14.83 -48.81
CA PHE A 368 4.14 15.82 -47.82
C PHE A 368 4.94 16.94 -48.49
N LEU A 369 4.42 18.16 -48.40
CA LEU A 369 5.08 19.36 -48.92
C LEU A 369 5.33 19.29 -50.42
N VAL A 370 4.61 18.43 -51.14
CA VAL A 370 4.82 18.35 -52.58
C VAL A 370 4.24 19.57 -53.27
N GLU A 371 3.15 20.13 -52.75
CA GLU A 371 2.60 21.40 -53.23
C GLU A 371 2.16 21.30 -54.70
N ASP A 372 1.25 20.37 -54.95
CA ASP A 372 0.68 20.20 -56.27
C ASP A 372 -0.43 21.22 -56.51
N GLU A 373 -0.51 21.71 -57.74
CA GLU A 373 -1.61 22.60 -58.13
C GLU A 373 -2.91 21.82 -58.08
N VAL A 374 -3.76 22.13 -57.10
CA VAL A 374 -5.00 21.41 -56.89
C VAL A 374 -6.04 22.35 -56.31
N SER A 375 -7.31 21.97 -56.43
CA SER A 375 -8.38 22.73 -55.81
C SER A 375 -8.25 22.68 -54.29
N LYS A 376 -8.92 23.61 -53.63
CA LYS A 376 -9.05 23.52 -52.18
C LYS A 376 -9.99 22.38 -51.79
N GLU A 377 -10.81 21.91 -52.73
CA GLU A 377 -11.57 20.69 -52.50
C GLU A 377 -10.67 19.47 -52.52
N ILE A 378 -9.68 19.46 -53.42
CA ILE A 378 -8.77 18.32 -53.52
C ILE A 378 -7.88 18.26 -52.28
N ALA A 379 -7.29 19.39 -51.90
CA ALA A 379 -6.47 19.42 -50.70
C ALA A 379 -7.29 19.02 -49.48
N GLU A 380 -8.54 19.45 -49.41
CA GLU A 380 -9.43 19.02 -48.32
C GLU A 380 -9.65 17.52 -48.37
N GLU A 381 -9.86 16.97 -49.56
CA GLU A 381 -10.12 15.54 -49.68
C GLU A 381 -8.92 14.71 -49.24
N ARG A 382 -7.71 15.15 -49.61
CA ARG A 382 -6.51 14.44 -49.17
C ARG A 382 -6.39 14.46 -47.65
N SER A 383 -6.76 15.57 -47.02
CA SER A 383 -6.68 15.66 -45.56
C SER A 383 -7.73 14.77 -44.91
N ASN A 384 -8.94 14.72 -45.46
CA ASN A 384 -9.96 13.82 -44.92
C ASN A 384 -9.49 12.37 -44.99
N ARG A 385 -8.90 11.98 -46.12
CA ARG A 385 -8.41 10.62 -46.25
C ARG A 385 -7.28 10.35 -45.26
N THR A 386 -6.38 11.32 -45.09
CA THR A 386 -5.29 11.15 -44.13
C THR A 386 -5.83 10.90 -42.73
N LEU A 387 -6.85 11.66 -42.32
CA LEU A 387 -7.42 11.51 -40.98
C LEU A 387 -8.13 10.17 -40.84
N ALA A 388 -8.83 9.72 -41.89
CA ALA A 388 -9.49 8.43 -41.83
C ALA A 388 -8.48 7.28 -41.78
N LEU A 389 -7.39 7.40 -42.54
CA LEU A 389 -6.36 6.37 -42.53
C LEU A 389 -5.68 6.27 -41.17
N ILE A 390 -5.24 7.39 -40.60
CA ILE A 390 -4.51 7.35 -39.34
C ILE A 390 -5.42 6.84 -38.23
N LYS A 391 -6.73 7.07 -38.35
CA LYS A 391 -7.66 6.53 -37.37
C LYS A 391 -7.57 5.01 -37.34
N SER A 392 -7.58 4.38 -38.51
CA SER A 392 -7.51 2.92 -38.57
C SER A 392 -6.11 2.42 -38.22
N VAL A 393 -5.07 3.09 -38.71
CA VAL A 393 -3.70 2.68 -38.42
C VAL A 393 -3.42 2.72 -36.92
N SER A 394 -4.04 3.65 -36.20
CA SER A 394 -3.80 3.77 -34.77
C SER A 394 -4.48 2.66 -33.97
N ASN A 395 -5.38 1.90 -34.58
CA ASN A 395 -6.10 0.79 -33.95
C ASN A 395 -5.88 -0.50 -34.72
N ALA A 396 -4.69 -0.67 -35.29
CA ALA A 396 -4.44 -1.76 -36.22
C ALA A 396 -4.17 -3.10 -35.53
N ILE A 397 -4.07 -3.14 -34.20
CA ILE A 397 -3.97 -4.42 -33.49
C ILE A 397 -4.87 -4.36 -32.27
N THR A 398 -5.18 -5.54 -31.75
CA THR A 398 -5.89 -5.69 -30.48
C THR A 398 -4.88 -6.02 -29.39
N LEU A 399 -4.89 -5.23 -28.33
CA LEU A 399 -3.86 -5.37 -27.30
C LEU A 399 -4.07 -6.63 -26.48
N PRO A 400 -3.01 -7.34 -26.11
CA PRO A 400 -3.16 -8.46 -25.18
C PRO A 400 -3.42 -7.96 -23.77
N GLN A 401 -4.01 -8.84 -22.97
CA GLN A 401 -4.32 -8.55 -21.57
C GLN A 401 -3.37 -9.34 -20.68
N TYR A 402 -2.74 -8.67 -19.72
CA TYR A 402 -1.83 -9.30 -18.79
C TYR A 402 -2.32 -9.20 -17.35
N GLU A 403 -3.41 -8.49 -17.12
CA GLU A 403 -4.00 -8.31 -15.78
C GLU A 403 -2.92 -8.11 -14.71
N ILE B 21 -21.84 -1.23 -2.43
CA ILE B 21 -22.67 -2.36 -2.01
C ILE B 21 -22.40 -2.69 -0.56
N LYS B 22 -23.27 -2.21 0.33
CA LYS B 22 -23.11 -2.40 1.76
C LYS B 22 -23.66 -3.77 2.16
N ILE B 23 -22.82 -4.59 2.79
CA ILE B 23 -23.15 -5.97 3.11
C ILE B 23 -22.96 -6.19 4.60
N LEU B 24 -23.97 -6.78 5.24
CA LEU B 24 -23.87 -7.18 6.64
C LEU B 24 -23.63 -8.69 6.71
N VAL B 25 -22.65 -9.09 7.51
CA VAL B 25 -22.38 -10.50 7.80
C VAL B 25 -22.60 -10.71 9.30
N ILE B 26 -23.41 -11.72 9.63
CA ILE B 26 -23.86 -11.95 11.00
C ILE B 26 -23.23 -13.24 11.51
N GLY B 27 -22.31 -13.09 12.48
CA GLY B 27 -21.67 -14.24 13.10
C GLY B 27 -20.18 -14.29 12.88
N ALA B 28 -19.41 -14.23 13.96
CA ALA B 28 -17.96 -14.31 13.89
C ALA B 28 -17.48 -15.69 14.34
N GLY B 29 -17.83 -16.69 13.55
CA GLY B 29 -17.38 -18.04 13.78
C GLY B 29 -16.35 -18.46 12.76
N ILE B 30 -16.73 -19.31 11.81
CA ILE B 30 -15.86 -19.74 10.72
C ILE B 30 -16.36 -19.22 9.38
N ALA B 31 -17.63 -19.48 9.06
CA ALA B 31 -18.17 -19.05 7.77
C ALA B 31 -18.19 -17.53 7.65
N GLY B 32 -18.56 -16.84 8.72
CA GLY B 32 -18.70 -15.40 8.70
C GLY B 32 -17.41 -14.70 8.36
N PRO B 33 -16.40 -14.87 9.20
CA PRO B 33 -15.11 -14.23 8.92
C PRO B 33 -14.56 -14.60 7.54
N ALA B 34 -14.71 -15.86 7.13
CA ALA B 34 -14.13 -16.31 5.87
C ALA B 34 -14.80 -15.65 4.67
N ILE B 35 -16.11 -15.42 4.73
CA ILE B 35 -16.77 -14.74 3.63
C ILE B 35 -16.45 -13.25 3.66
N CYS B 36 -16.24 -12.68 4.85
CA CYS B 36 -15.77 -11.29 4.91
C CYS B 36 -14.47 -11.13 4.13
N TYR B 37 -13.54 -12.06 4.33
CA TYR B 37 -12.28 -11.98 3.59
C TYR B 37 -12.51 -12.09 2.09
N TRP B 38 -13.36 -13.03 1.66
CA TRP B 38 -13.53 -13.27 0.23
C TRP B 38 -14.37 -12.19 -0.43
N LEU B 39 -15.28 -11.56 0.32
CA LEU B 39 -15.99 -10.40 -0.22
C LEU B 39 -15.07 -9.20 -0.36
N ARG B 40 -14.20 -9.00 0.65
CA ARG B 40 -13.26 -7.88 0.60
C ARG B 40 -12.28 -8.04 -0.54
N ARG B 41 -11.70 -9.23 -0.68
CA ARG B 41 -10.74 -9.47 -1.74
C ARG B 41 -11.36 -9.32 -3.12
N PHE B 42 -12.66 -9.60 -3.24
CA PHE B 42 -13.37 -9.46 -4.51
C PHE B 42 -13.91 -8.06 -4.75
N GLY B 43 -13.63 -7.11 -3.86
CA GLY B 43 -13.96 -5.71 -4.07
C GLY B 43 -15.05 -5.16 -3.16
N PHE B 44 -15.83 -6.02 -2.51
CA PHE B 44 -16.93 -5.56 -1.69
C PHE B 44 -16.42 -5.01 -0.36
N SER B 45 -17.33 -4.37 0.38
CA SER B 45 -17.02 -3.74 1.67
C SER B 45 -17.96 -4.33 2.71
N PRO B 46 -17.64 -5.49 3.26
CA PRO B 46 -18.51 -6.10 4.27
C PRO B 46 -18.35 -5.47 5.65
N VAL B 47 -19.36 -5.70 6.47
CA VAL B 47 -19.35 -5.33 7.89
C VAL B 47 -19.83 -6.54 8.68
N LEU B 48 -19.11 -6.86 9.76
CA LEU B 48 -19.36 -8.06 10.55
C LEU B 48 -19.87 -7.71 11.94
N ILE B 49 -20.81 -8.53 12.44
CA ILE B 49 -21.33 -8.39 13.78
C ILE B 49 -21.26 -9.74 14.49
N GLU B 50 -21.21 -9.69 15.82
CA GLU B 50 -21.12 -10.88 16.64
C GLU B 50 -21.94 -10.64 17.91
N LYS B 51 -22.86 -11.58 18.19
CA LYS B 51 -23.75 -11.44 19.34
C LYS B 51 -22.97 -11.39 20.65
N TYR B 52 -21.95 -12.22 20.80
CA TYR B 52 -21.22 -12.28 22.05
C TYR B 52 -20.21 -11.13 22.16
N ALA B 53 -19.82 -10.84 23.40
CA ALA B 53 -18.98 -9.68 23.69
C ALA B 53 -17.57 -9.84 23.15
N SER B 54 -17.10 -11.08 22.95
CA SER B 54 -15.76 -11.33 22.42
C SER B 54 -15.81 -12.57 21.55
N ILE B 55 -14.78 -12.75 20.72
CA ILE B 55 -14.75 -13.90 19.83
C ILE B 55 -14.77 -15.17 20.67
N ARG B 56 -15.61 -16.12 20.25
CA ARG B 56 -15.81 -17.36 20.99
C ARG B 56 -14.81 -18.38 20.48
N LYS B 57 -13.85 -18.76 21.32
CA LYS B 57 -12.74 -19.62 20.95
C LYS B 57 -12.91 -21.06 21.44
N GLY B 58 -14.03 -21.39 22.05
CA GLY B 58 -14.28 -22.76 22.46
C GLY B 58 -14.34 -23.71 21.27
N GLY B 59 -14.40 -24.99 21.59
CA GLY B 59 -14.56 -26.01 20.57
C GLY B 59 -13.44 -27.04 20.56
N GLN B 60 -13.74 -28.22 20.01
CA GLN B 60 -12.78 -29.32 19.95
C GLN B 60 -11.90 -29.18 18.71
N ALA B 61 -11.01 -30.15 18.52
CA ALA B 61 -10.21 -30.17 17.31
C ALA B 61 -11.09 -30.32 16.08
N LEU B 62 -10.82 -29.52 15.06
CA LEU B 62 -11.51 -29.57 13.78
C LEU B 62 -10.50 -29.93 12.69
N ASP B 63 -11.00 -30.27 11.52
CA ASP B 63 -10.15 -30.73 10.42
C ASP B 63 -10.44 -29.90 9.18
N VAL B 64 -9.42 -29.21 8.67
CA VAL B 64 -9.51 -28.55 7.38
C VAL B 64 -9.16 -29.60 6.32
N ARG B 65 -10.14 -29.92 5.47
CA ARG B 65 -10.07 -31.14 4.68
C ARG B 65 -10.54 -30.89 3.26
N GLY B 66 -9.98 -31.68 2.33
CA GLY B 66 -10.43 -31.68 0.94
C GLY B 66 -10.26 -30.34 0.26
N ILE B 67 -11.29 -29.96 -0.52
CA ILE B 67 -11.24 -28.73 -1.29
C ILE B 67 -11.17 -27.51 -0.40
N ALA B 68 -11.50 -27.64 0.89
CA ALA B 68 -11.38 -26.50 1.80
C ALA B 68 -9.92 -26.16 2.05
N THR B 69 -9.01 -27.13 1.96
CA THR B 69 -7.58 -26.83 2.10
C THR B 69 -7.10 -25.99 0.92
N HIS B 70 -7.64 -26.23 -0.27
CA HIS B 70 -7.29 -25.40 -1.42
C HIS B 70 -7.74 -23.95 -1.19
N ILE B 71 -8.93 -23.78 -0.62
CA ILE B 71 -9.39 -22.43 -0.30
C ILE B 71 -8.46 -21.78 0.71
N ALA B 72 -8.06 -22.52 1.74
CA ALA B 72 -7.16 -21.97 2.75
C ALA B 72 -5.83 -21.55 2.14
N LYS B 73 -5.25 -22.39 1.28
CA LYS B 73 -4.03 -22.01 0.57
C LYS B 73 -4.24 -20.74 -0.25
N GLU B 74 -5.39 -20.62 -0.90
CA GLU B 74 -5.67 -19.42 -1.69
C GLU B 74 -5.89 -18.21 -0.78
N MET B 75 -6.34 -18.43 0.46
CA MET B 75 -6.46 -17.35 1.42
C MET B 75 -5.13 -16.96 2.04
N GLY B 76 -4.09 -17.77 1.82
CA GLY B 76 -2.79 -17.47 2.38
C GLY B 76 -2.64 -17.77 3.85
N ILE B 77 -3.43 -18.69 4.40
CA ILE B 77 -3.40 -19.03 5.82
C ILE B 77 -3.04 -20.48 6.05
N TYR B 78 -2.71 -21.23 5.00
CA TYR B 78 -2.45 -22.65 5.14
C TYR B 78 -1.22 -22.90 6.01
N ASP B 79 -0.16 -22.12 5.83
CA ASP B 79 1.03 -22.28 6.67
C ASP B 79 0.72 -21.96 8.12
N GLN B 80 0.02 -20.85 8.36
CA GLN B 80 -0.36 -20.50 9.73
C GLN B 80 -1.14 -21.64 10.40
N ILE B 81 -2.11 -22.20 9.68
CA ILE B 81 -2.89 -23.31 10.24
C ILE B 81 -1.98 -24.49 10.53
N CYS B 82 -1.12 -24.85 9.58
CA CYS B 82 -0.15 -25.92 9.82
C CYS B 82 0.71 -25.60 11.03
N GLY B 83 1.08 -24.32 11.21
CA GLY B 83 1.89 -23.95 12.35
C GLY B 83 1.17 -24.13 13.67
N MET B 84 -0.16 -23.98 13.68
CA MET B 84 -0.95 -24.12 14.88
C MET B 84 -1.56 -25.52 15.03
N ARG B 85 -1.17 -26.46 14.16
CA ARG B 85 -1.78 -27.79 14.13
C ARG B 85 -1.73 -28.46 15.50
N THR B 86 -2.61 -29.43 15.74
CA THR B 86 -2.57 -30.17 16.99
C THR B 86 -1.30 -31.01 17.06
N ARG B 87 -0.82 -31.25 18.27
CA ARG B 87 0.43 -31.97 18.52
C ARG B 87 0.24 -33.01 19.61
N ILE B 88 -0.86 -33.75 19.54
CA ILE B 88 -1.08 -34.87 20.45
C ILE B 88 -0.22 -36.05 19.99
N GLU B 89 0.63 -36.55 20.89
CA GLU B 89 1.58 -37.60 20.56
C GLU B 89 1.02 -38.99 20.82
N CYS B 90 0.13 -39.12 21.80
CA CYS B 90 -0.40 -40.41 22.21
C CYS B 90 -1.91 -40.30 22.41
N GLY B 91 -2.63 -41.34 21.98
CA GLY B 91 -4.06 -41.45 22.21
C GLY B 91 -4.38 -42.77 22.89
N ARG B 92 -4.90 -42.69 24.12
CA ARG B 92 -5.16 -43.87 24.93
C ARG B 92 -6.65 -44.04 25.17
N PHE B 93 -7.18 -45.19 24.79
CA PHE B 93 -8.52 -45.61 25.21
C PHE B 93 -8.39 -46.40 26.50
N VAL B 94 -9.23 -46.06 27.48
CA VAL B 94 -9.05 -46.51 28.85
C VAL B 94 -10.41 -46.90 29.41
N ASP B 95 -10.41 -47.76 30.42
CA ASP B 95 -11.63 -48.18 31.09
C ASP B 95 -11.93 -47.23 32.24
N SER B 96 -13.08 -47.44 32.90
CA SER B 96 -13.50 -46.53 33.96
C SER B 96 -12.54 -46.51 35.14
N SER B 97 -11.66 -47.51 35.25
CA SER B 97 -10.72 -47.59 36.35
C SER B 97 -9.32 -47.09 36.00
N GLY B 98 -9.05 -46.81 34.72
CA GLY B 98 -7.77 -46.30 34.30
C GLY B 98 -6.92 -47.28 33.52
N LYS B 99 -7.34 -48.54 33.41
CA LYS B 99 -6.55 -49.53 32.69
C LYS B 99 -6.58 -49.23 31.19
N VAL B 100 -5.40 -49.26 30.58
CA VAL B 100 -5.27 -48.93 29.16
C VAL B 100 -5.74 -50.12 28.33
N LEU B 101 -6.76 -49.91 27.52
CA LEU B 101 -7.26 -50.92 26.60
C LEU B 101 -6.58 -50.85 25.24
N HIS B 102 -6.46 -49.64 24.70
CA HIS B 102 -5.89 -49.41 23.38
C HIS B 102 -5.05 -48.16 23.43
N GLU B 103 -3.92 -48.18 22.71
CA GLU B 103 -3.01 -47.05 22.67
C GLU B 103 -2.49 -46.86 21.26
N GLU B 104 -2.50 -45.61 20.80
CA GLU B 104 -2.01 -45.26 19.48
C GLU B 104 -1.02 -44.11 19.59
N HIS B 105 -0.23 -43.92 18.54
CA HIS B 105 0.75 -42.83 18.47
C HIS B 105 0.67 -42.26 17.06
N GLY B 106 -0.17 -41.24 16.89
CA GLY B 106 -0.37 -40.60 15.60
C GLY B 106 0.12 -39.17 15.57
N GLN B 113 0.95 -34.86 5.18
CA GLN B 113 -0.34 -34.80 4.52
C GLN B 113 -0.78 -33.36 4.26
N ASP B 114 -1.35 -33.14 3.07
CA ASP B 114 -2.13 -31.94 2.77
C ASP B 114 -3.58 -32.30 2.46
N ASP B 115 -3.96 -33.57 2.64
CA ASP B 115 -5.38 -33.93 2.62
C ASP B 115 -6.13 -33.28 3.78
N GLU B 116 -5.45 -33.05 4.90
CA GLU B 116 -6.14 -32.80 6.17
C GLU B 116 -5.18 -32.16 7.15
N VAL B 117 -5.62 -31.09 7.82
CA VAL B 117 -4.88 -30.46 8.90
C VAL B 117 -5.81 -30.32 10.10
N GLU B 118 -5.46 -30.95 11.22
CA GLU B 118 -6.25 -30.87 12.44
C GLU B 118 -5.78 -29.69 13.27
N ILE B 119 -6.74 -28.89 13.74
CA ILE B 119 -6.44 -27.65 14.46
C ILE B 119 -7.61 -27.33 15.38
N VAL B 120 -7.31 -27.00 16.63
CA VAL B 120 -8.36 -26.65 17.58
C VAL B 120 -9.16 -25.48 17.03
N ARG B 121 -10.48 -25.52 17.25
CA ARG B 121 -11.37 -24.55 16.63
C ARG B 121 -10.95 -23.12 16.95
N GLY B 122 -10.73 -22.82 18.23
CA GLY B 122 -10.37 -21.46 18.60
C GLY B 122 -9.20 -20.92 17.81
N ASP B 123 -8.16 -21.74 17.63
CA ASP B 123 -6.97 -21.28 16.90
C ASP B 123 -7.29 -20.98 15.44
N LEU B 124 -8.18 -21.76 14.83
CA LEU B 124 -8.56 -21.48 13.45
C LEU B 124 -9.40 -20.21 13.36
N VAL B 125 -10.24 -19.98 14.37
CA VAL B 125 -11.00 -18.73 14.41
C VAL B 125 -10.06 -17.54 14.49
N GLU B 126 -9.06 -17.63 15.38
CA GLU B 126 -8.09 -16.54 15.50
C GLU B 126 -7.43 -16.25 14.16
N ILE B 127 -6.96 -17.30 13.47
CA ILE B 127 -6.30 -17.11 12.19
C ILE B 127 -7.22 -16.38 11.21
N LEU B 128 -8.49 -16.80 11.14
CA LEU B 128 -9.43 -16.15 10.21
C LEU B 128 -9.63 -14.68 10.56
N MET B 129 -9.77 -14.37 11.86
CA MET B 129 -10.01 -12.98 12.26
C MET B 129 -8.83 -12.09 11.88
N LYS B 130 -7.60 -12.60 12.02
CA LYS B 130 -6.43 -11.80 11.71
C LYS B 130 -6.34 -11.44 10.24
N THR B 131 -7.10 -12.10 9.38
CA THR B 131 -7.11 -11.79 7.96
C THR B 131 -8.13 -10.70 7.59
N ILE B 132 -8.92 -10.22 8.56
CA ILE B 132 -9.95 -9.24 8.29
C ILE B 132 -9.87 -8.12 9.33
N THR B 133 -8.66 -7.76 9.74
CA THR B 133 -8.50 -6.66 10.68
C THR B 133 -8.93 -5.32 10.10
N ASP B 134 -8.94 -5.20 8.76
CA ASP B 134 -9.39 -3.98 8.10
C ASP B 134 -10.91 -3.89 7.97
N ILE B 135 -11.64 -4.94 8.29
CA ILE B 135 -13.09 -4.97 8.17
C ILE B 135 -13.71 -4.66 9.54
N PRO B 136 -14.69 -3.76 9.63
CA PRO B 136 -15.27 -3.44 10.94
C PRO B 136 -15.99 -4.64 11.53
N CYS B 137 -15.74 -4.92 12.80
CA CYS B 137 -16.39 -6.00 13.52
C CYS B 137 -16.96 -5.44 14.81
N TYR B 138 -18.27 -5.57 14.99
CA TYR B 138 -18.98 -5.04 16.13
C TYR B 138 -19.48 -6.18 17.00
N PHE B 139 -19.04 -6.20 18.25
CA PHE B 139 -19.40 -7.23 19.21
C PHE B 139 -20.54 -6.74 20.09
N ASN B 140 -21.17 -7.69 20.79
CA ASN B 140 -22.35 -7.40 21.61
C ASN B 140 -23.43 -6.74 20.77
N GLN B 141 -23.60 -7.23 19.54
CA GLN B 141 -24.56 -6.67 18.58
C GLN B 141 -25.37 -7.80 17.96
N SER B 142 -26.69 -7.70 18.07
CA SER B 142 -27.60 -8.72 17.58
C SER B 142 -28.87 -8.06 17.06
N ILE B 143 -29.50 -8.72 16.09
CA ILE B 143 -30.67 -8.20 15.40
C ILE B 143 -31.94 -8.71 16.08
N ILE B 144 -32.92 -7.81 16.24
CA ILE B 144 -34.23 -8.19 16.76
C ILE B 144 -35.31 -8.23 15.69
N SER B 145 -35.15 -7.49 14.59
CA SER B 145 -36.11 -7.49 13.49
C SER B 145 -35.36 -7.34 12.18
N ILE B 146 -35.91 -7.93 11.13
CA ILE B 146 -35.33 -7.81 9.80
C ILE B 146 -36.47 -7.80 8.78
N GLN B 147 -36.47 -6.80 7.91
CA GLN B 147 -37.44 -6.68 6.82
C GLN B 147 -36.68 -6.42 5.53
N GLN B 148 -37.33 -6.66 4.39
CA GLN B 148 -36.70 -6.38 3.11
C GLN B 148 -37.75 -5.97 2.08
N ASN B 149 -37.32 -5.13 1.14
CA ASN B 149 -38.12 -4.79 -0.02
C ASN B 149 -37.28 -5.05 -1.26
N SER B 150 -37.75 -4.63 -2.43
CA SER B 150 -37.02 -4.86 -3.67
C SER B 150 -35.74 -4.02 -3.77
N ASP B 151 -35.52 -3.08 -2.85
CA ASP B 151 -34.40 -2.14 -2.93
C ASP B 151 -33.37 -2.33 -1.83
N HIS B 152 -33.77 -2.70 -0.61
CA HIS B 152 -32.81 -2.84 0.48
C HIS B 152 -33.42 -3.71 1.57
N VAL B 153 -32.56 -4.15 2.48
CA VAL B 153 -32.97 -4.89 3.68
C VAL B 153 -32.86 -3.94 4.86
N THR B 154 -33.89 -3.91 5.70
CA THR B 154 -33.91 -3.06 6.88
C THR B 154 -33.66 -3.93 8.11
N VAL B 155 -32.69 -3.52 8.93
CA VAL B 155 -32.28 -4.28 10.10
C VAL B 155 -32.45 -3.39 11.33
N ASN B 156 -33.13 -3.91 12.34
CA ASN B 156 -33.30 -3.24 13.63
C ASN B 156 -32.48 -4.01 14.66
N PHE B 157 -31.57 -3.31 15.33
CA PHE B 157 -30.67 -3.92 16.29
C PHE B 157 -31.22 -3.78 17.70
N LYS B 158 -30.64 -4.57 18.62
CA LYS B 158 -31.10 -4.60 20.00
C LYS B 158 -30.84 -3.29 20.72
N ASP B 159 -29.87 -2.50 20.27
CA ASP B 159 -29.53 -1.22 20.90
C ASP B 159 -30.35 -0.06 20.35
N GLY B 160 -31.31 -0.31 19.46
CA GLY B 160 -32.15 0.73 18.91
C GLY B 160 -31.72 1.24 17.55
N GLN B 161 -30.59 0.78 17.04
CA GLN B 161 -30.14 1.22 15.72
C GLN B 161 -30.96 0.56 14.62
N VAL B 162 -31.10 1.29 13.50
CA VAL B 162 -31.77 0.80 12.30
C VAL B 162 -30.88 1.10 11.12
N GLU B 163 -30.54 0.08 10.34
CA GLU B 163 -29.62 0.23 9.23
C GLU B 163 -30.16 -0.49 8.01
N HIS B 164 -29.91 0.09 6.84
CA HIS B 164 -30.26 -0.49 5.56
C HIS B 164 -29.02 -1.13 4.96
N TYR B 165 -29.20 -2.30 4.33
CA TYR B 165 -28.12 -3.01 3.68
C TYR B 165 -28.59 -3.50 2.32
N ASP B 166 -27.67 -3.52 1.35
CA ASP B 166 -27.98 -4.11 0.06
C ASP B 166 -28.15 -5.62 0.18
N LEU B 167 -27.35 -6.25 1.05
CA LEU B 167 -27.41 -7.69 1.26
C LEU B 167 -27.10 -7.98 2.72
N VAL B 168 -27.75 -9.02 3.25
CA VAL B 168 -27.47 -9.55 4.57
C VAL B 168 -27.14 -11.03 4.41
N ILE B 169 -25.97 -11.43 4.92
CA ILE B 169 -25.53 -12.82 4.88
C ILE B 169 -25.49 -13.33 6.31
N ALA B 170 -26.27 -14.36 6.59
CA ALA B 170 -26.37 -14.92 7.94
C ALA B 170 -25.37 -16.05 8.09
N ALA B 171 -24.48 -15.92 9.06
CA ALA B 171 -23.48 -16.92 9.40
C ALA B 171 -23.46 -17.13 10.91
N ASP B 172 -24.64 -17.24 11.51
CA ASP B 172 -24.82 -17.30 12.94
C ASP B 172 -25.12 -18.71 13.46
N GLY B 173 -24.81 -19.73 12.66
CA GLY B 173 -24.76 -21.09 13.17
C GLY B 173 -26.06 -21.86 13.12
N ILE B 174 -26.02 -23.05 13.72
CA ILE B 174 -27.15 -23.99 13.68
C ILE B 174 -28.44 -23.34 14.19
N HIS B 175 -28.35 -22.58 15.29
CA HIS B 175 -29.53 -21.96 15.90
C HIS B 175 -29.82 -20.56 15.34
N SER B 176 -29.45 -20.32 14.09
CA SER B 176 -29.53 -19.00 13.46
C SER B 176 -30.86 -18.31 13.72
N ALA B 177 -30.81 -17.18 14.42
CA ALA B 177 -32.01 -16.36 14.58
C ALA B 177 -32.38 -15.68 13.28
N THR B 178 -31.41 -15.45 12.40
CA THR B 178 -31.71 -14.83 11.11
C THR B 178 -32.60 -15.73 10.27
N ARG B 179 -32.27 -17.01 10.19
CA ARG B 179 -33.10 -17.96 9.44
C ARG B 179 -34.52 -17.98 10.00
N ARG B 180 -34.66 -17.93 11.33
CA ARG B 180 -35.97 -17.96 11.96
C ARG B 180 -36.81 -16.74 11.60
N MET B 181 -36.16 -15.57 11.47
CA MET B 181 -36.89 -14.33 11.21
C MET B 181 -37.18 -14.12 9.73
N VAL B 182 -36.46 -14.78 8.83
CA VAL B 182 -36.58 -14.56 7.40
C VAL B 182 -37.34 -15.68 6.71
N PHE B 183 -37.07 -16.93 7.08
CA PHE B 183 -37.68 -18.08 6.43
C PHE B 183 -38.82 -18.62 7.28
N ASP B 184 -39.91 -19.01 6.62
CA ASP B 184 -41.05 -19.58 7.33
C ASP B 184 -40.73 -20.97 7.86
N LYS B 185 -41.45 -21.37 8.90
CA LYS B 185 -41.32 -22.72 9.44
C LYS B 185 -41.44 -23.76 8.34
N ASN B 186 -42.19 -23.43 7.28
CA ASN B 186 -42.38 -24.34 6.16
C ASN B 186 -41.08 -24.60 5.41
N GLU B 187 -40.15 -23.66 5.42
CA GLU B 187 -39.00 -23.68 4.52
C GLU B 187 -37.74 -24.29 5.12
N TYR B 188 -37.75 -24.67 6.39
CA TYR B 188 -36.58 -25.30 6.97
C TYR B 188 -36.99 -26.33 8.01
N GLN B 189 -36.08 -27.24 8.30
CA GLN B 189 -36.35 -28.33 9.23
C GLN B 189 -35.05 -28.72 9.91
N LEU B 190 -35.05 -28.74 11.23
CA LEU B 190 -33.92 -29.22 12.01
C LEU B 190 -34.14 -30.67 12.40
N ILE B 191 -33.17 -31.53 12.07
CA ILE B 191 -33.28 -32.97 12.27
C ILE B 191 -32.27 -33.38 13.34
N HIS B 192 -32.78 -33.91 14.45
CA HIS B 192 -31.96 -34.42 15.54
C HIS B 192 -31.36 -35.77 15.16
N LEU B 193 -30.05 -35.92 15.32
CA LEU B 193 -29.37 -37.17 15.04
C LEU B 193 -29.21 -38.06 16.27
N GLY B 194 -29.91 -37.75 17.36
CA GLY B 194 -29.93 -38.62 18.52
C GLY B 194 -28.65 -38.66 19.34
N ALA B 195 -27.99 -37.52 19.49
CA ALA B 195 -26.73 -37.48 20.24
C ALA B 195 -26.41 -36.04 20.62
N TYR B 196 -25.49 -35.90 21.58
CA TYR B 196 -25.14 -34.60 22.12
C TYR B 196 -23.62 -34.49 22.23
N LEU B 197 -23.14 -33.24 22.21
CA LEU B 197 -21.73 -32.92 22.30
C LEU B 197 -21.53 -31.79 23.29
N SER B 198 -20.45 -31.87 24.06
CA SER B 198 -20.04 -30.81 24.96
C SER B 198 -18.53 -30.82 25.10
N THR B 199 -17.94 -29.63 25.18
CA THR B 199 -16.49 -29.53 25.36
C THR B 199 -16.15 -28.20 26.02
N PHE B 200 -15.13 -28.23 26.88
CA PHE B 200 -14.71 -27.04 27.60
C PHE B 200 -13.31 -27.26 28.16
N THR B 201 -12.59 -26.16 28.36
CA THR B 201 -11.24 -26.21 28.92
C THR B 201 -11.30 -26.01 30.42
N ILE B 202 -10.45 -26.77 31.12
CA ILE B 202 -10.33 -26.69 32.58
C ILE B 202 -8.84 -26.65 32.90
N PRO B 203 -8.44 -26.38 34.16
CA PRO B 203 -7.03 -26.54 34.53
C PRO B 203 -6.57 -27.97 34.31
N ASN B 204 -5.31 -28.12 33.91
CA ASN B 204 -4.72 -29.42 33.59
C ASN B 204 -4.28 -30.15 34.86
N TYR B 205 -5.29 -30.47 35.69
CA TYR B 205 -5.01 -31.00 37.02
C TYR B 205 -4.30 -32.35 36.99
N LEU B 206 -4.32 -33.05 35.86
CA LEU B 206 -3.66 -34.35 35.74
C LEU B 206 -2.26 -34.25 35.16
N ASN B 207 -1.78 -33.04 34.86
CA ASN B 207 -0.44 -32.82 34.34
C ASN B 207 -0.21 -33.66 33.08
N LEU B 208 -1.19 -33.62 32.18
CA LEU B 208 -1.09 -34.32 30.90
C LEU B 208 -0.22 -33.54 29.92
N ARG B 209 0.47 -34.27 29.05
CA ARG B 209 1.40 -33.65 28.09
C ARG B 209 1.22 -34.29 26.72
N HIS B 210 0.56 -33.56 25.81
CA HIS B 210 0.37 -34.01 24.44
C HIS B 210 -0.24 -35.42 24.39
N ILE B 211 -1.30 -35.61 25.17
CA ILE B 211 -1.97 -36.89 25.26
C ILE B 211 -3.47 -36.66 25.36
N ASP B 212 -4.24 -37.58 24.76
CA ASP B 212 -5.69 -37.59 24.86
C ASP B 212 -6.11 -38.90 25.51
N LEU B 213 -6.84 -38.81 26.61
CA LEU B 213 -7.43 -39.96 27.28
C LEU B 213 -8.92 -39.99 26.99
N GLU B 214 -9.44 -41.15 26.61
CA GLU B 214 -10.84 -41.31 26.31
C GLU B 214 -11.36 -42.59 26.94
N CYS B 215 -12.62 -42.54 27.37
CA CYS B 215 -13.29 -43.68 27.99
C CYS B 215 -14.70 -43.76 27.45
N GLU B 216 -15.04 -44.87 26.81
CA GLU B 216 -16.37 -45.09 26.23
C GLU B 216 -17.08 -46.24 26.94
N ALA B 217 -18.35 -46.03 27.24
CA ALA B 217 -19.16 -47.04 27.90
C ALA B 217 -20.61 -46.60 27.88
N ASN B 218 -21.51 -47.57 27.70
CA ASN B 218 -22.96 -47.34 27.80
C ASN B 218 -23.40 -46.18 26.91
N HIS B 219 -22.93 -46.18 25.66
CA HIS B 219 -23.33 -45.17 24.68
C HIS B 219 -22.94 -43.76 25.14
N LYS B 220 -21.83 -43.66 25.87
CA LYS B 220 -21.31 -42.38 26.34
C LYS B 220 -19.81 -42.38 26.16
N LEU B 221 -19.25 -41.20 25.94
CA LEU B 221 -17.82 -41.04 25.73
C LEU B 221 -17.32 -39.81 26.49
N VAL B 222 -16.27 -39.99 27.27
CA VAL B 222 -15.65 -38.92 28.05
C VAL B 222 -14.20 -38.82 27.61
N SER B 223 -13.78 -37.63 27.20
CA SER B 223 -12.42 -37.38 26.76
C SER B 223 -11.78 -36.27 27.61
N ILE B 224 -10.45 -36.30 27.68
CA ILE B 224 -9.67 -35.23 28.29
C ILE B 224 -8.29 -35.24 27.64
N ASN B 225 -7.84 -34.09 27.16
CA ASN B 225 -6.57 -34.02 26.46
C ASN B 225 -5.82 -32.74 26.84
N ASN B 226 -4.52 -32.77 26.60
CA ASN B 226 -3.67 -31.59 26.67
C ASN B 226 -2.84 -31.57 25.40
N ASP B 227 -2.74 -30.40 24.77
CA ASP B 227 -1.98 -30.32 23.52
C ASP B 227 -0.87 -29.28 23.62
N ASN B 228 -1.20 -28.00 23.49
CA ASN B 228 -0.20 -26.97 23.29
C ASN B 228 0.02 -26.07 24.51
N ASP B 229 -0.99 -25.89 25.37
CA ASP B 229 -0.81 -25.10 26.57
C ASP B 229 -0.65 -26.03 27.75
N PRO B 230 0.52 -26.09 28.40
CA PRO B 230 0.71 -27.08 29.48
C PRO B 230 -0.22 -26.87 30.66
N GLU B 231 -0.78 -25.68 30.83
CA GLU B 231 -1.63 -25.39 31.97
C GLU B 231 -3.08 -25.79 31.78
N ILE B 232 -3.51 -26.07 30.55
CA ILE B 232 -4.92 -26.22 30.23
C ILE B 232 -5.17 -27.61 29.67
N ALA B 233 -6.25 -28.23 30.11
CA ALA B 233 -6.77 -29.45 29.52
C ALA B 233 -8.15 -29.19 28.95
N ARG B 234 -8.49 -29.88 27.86
CA ARG B 234 -9.79 -29.76 27.22
C ARG B 234 -10.59 -31.04 27.49
N ALA B 235 -11.74 -30.88 28.14
CA ALA B 235 -12.66 -31.98 28.37
C ALA B 235 -13.69 -32.06 27.25
N GLY B 236 -14.13 -33.28 26.96
CA GLY B 236 -15.15 -33.51 25.96
C GLY B 236 -16.13 -34.59 26.37
N PHE B 237 -17.41 -34.38 26.10
CA PHE B 237 -18.46 -35.36 26.36
C PHE B 237 -19.27 -35.58 25.09
N MET B 238 -19.59 -36.84 24.82
CA MET B 238 -20.47 -37.22 23.71
C MET B 238 -21.29 -38.41 24.15
N PHE B 239 -22.61 -38.35 23.92
CA PHE B 239 -23.47 -39.44 24.31
C PHE B 239 -24.68 -39.51 23.39
N LEU B 240 -25.24 -40.72 23.26
CA LEU B 240 -26.49 -40.91 22.54
C LEU B 240 -27.66 -40.54 23.46
N SER B 241 -28.66 -39.89 22.87
CA SER B 241 -29.91 -39.60 23.56
C SER B 241 -30.94 -39.13 22.54
N GLN B 242 -32.17 -39.58 22.70
CA GLN B 242 -33.30 -39.09 21.92
C GLN B 242 -34.09 -38.03 22.67
N HIS B 243 -33.68 -37.70 23.89
CA HIS B 243 -34.29 -36.61 24.64
C HIS B 243 -34.01 -35.27 23.98
N ILE B 244 -34.97 -34.36 24.09
CA ILE B 244 -34.84 -32.99 23.62
C ILE B 244 -35.05 -32.07 24.80
N LEU B 245 -34.16 -31.10 24.98
CA LEU B 245 -34.26 -30.20 26.12
C LEU B 245 -35.47 -29.28 25.97
N LYS B 246 -35.96 -28.80 27.10
CA LYS B 246 -37.09 -27.88 27.08
C LYS B 246 -36.70 -26.54 26.48
N ASP B 247 -35.49 -26.08 26.74
CA ASP B 247 -34.96 -24.85 26.16
C ASP B 247 -33.47 -25.06 25.92
N ILE B 248 -33.12 -25.39 24.67
CA ILE B 248 -31.74 -25.68 24.33
C ILE B 248 -30.83 -24.47 24.51
N ARG B 249 -31.39 -23.28 24.68
CA ARG B 249 -30.60 -22.08 24.91
C ARG B 249 -30.28 -21.85 26.38
N ASP B 250 -30.85 -22.66 27.28
CA ASP B 250 -30.63 -22.51 28.72
C ASP B 250 -29.38 -23.30 29.09
N GLU B 251 -28.31 -22.59 29.43
CA GLU B 251 -27.07 -23.26 29.82
C GLU B 251 -27.24 -24.05 31.12
N HIS B 252 -28.11 -23.57 32.03
CA HIS B 252 -28.34 -24.30 33.27
C HIS B 252 -28.92 -25.68 32.99
N GLU B 253 -29.89 -25.76 32.08
CA GLU B 253 -30.44 -27.04 31.67
C GLU B 253 -29.38 -27.90 30.98
N GLN B 254 -28.62 -27.30 30.06
CA GLN B 254 -27.53 -28.02 29.40
C GLN B 254 -26.62 -28.68 30.42
N LYS B 255 -26.15 -27.92 31.41
CA LYS B 255 -25.21 -28.46 32.38
C LYS B 255 -25.87 -29.50 33.28
N GLN B 256 -27.13 -29.26 33.67
CA GLN B 256 -27.83 -30.23 34.51
C GLN B 256 -28.03 -31.54 33.77
N PHE B 257 -28.49 -31.47 32.52
CA PHE B 257 -28.63 -32.66 31.70
C PHE B 257 -27.31 -33.38 31.55
N LEU B 258 -26.22 -32.63 31.35
CA LEU B 258 -24.91 -33.25 31.22
C LEU B 258 -24.53 -34.01 32.49
N CYS B 259 -24.78 -33.41 33.65
CA CYS B 259 -24.41 -34.07 34.90
C CYS B 259 -25.28 -35.29 35.16
N ASP B 260 -26.59 -35.21 34.87
CA ASP B 260 -27.45 -36.36 35.10
C ASP B 260 -27.07 -37.52 34.19
N THR B 261 -26.65 -37.23 32.96
CA THR B 261 -26.30 -38.30 32.03
C THR B 261 -25.05 -39.04 32.47
N PHE B 262 -24.10 -38.32 33.05
CA PHE B 262 -22.82 -38.89 33.48
C PHE B 262 -22.75 -39.06 34.99
N ARG B 263 -23.90 -39.18 35.65
CA ARG B 263 -23.95 -39.16 37.11
C ARG B 263 -23.00 -40.18 37.72
N ASP B 264 -23.00 -41.40 37.21
CA ASP B 264 -22.19 -42.47 37.75
C ASP B 264 -21.41 -43.18 36.64
N PHE B 265 -20.92 -42.40 35.68
CA PHE B 265 -20.02 -42.95 34.67
C PHE B 265 -18.70 -43.37 35.29
N GLY B 266 -18.27 -42.69 36.35
CA GLY B 266 -17.01 -43.01 37.00
C GLY B 266 -15.83 -42.35 36.31
N TRP B 267 -14.65 -42.92 36.57
CA TRP B 267 -13.39 -42.43 35.99
C TRP B 267 -13.22 -40.97 36.41
N GLU B 268 -12.83 -40.07 35.50
CA GLU B 268 -12.54 -38.68 35.83
C GLU B 268 -13.75 -37.78 35.64
N THR B 269 -14.95 -38.35 35.50
CA THR B 269 -16.13 -37.54 35.22
C THR B 269 -16.32 -36.45 36.26
N GLN B 270 -16.36 -36.82 37.54
CA GLN B 270 -16.61 -35.85 38.59
C GLN B 270 -15.47 -34.82 38.68
N ASN B 271 -14.22 -35.27 38.56
CA ASN B 271 -13.11 -34.33 38.55
C ASN B 271 -13.25 -33.31 37.43
N ILE B 272 -13.87 -33.70 36.32
CA ILE B 272 -14.04 -32.78 35.19
C ILE B 272 -15.23 -31.87 35.42
N LEU B 273 -16.37 -32.44 35.81
CA LEU B 273 -17.57 -31.62 35.96
C LEU B 273 -17.44 -30.61 37.08
N ASN B 274 -16.70 -30.95 38.15
CA ASN B 274 -16.51 -30.01 39.25
C ASN B 274 -15.69 -28.79 38.85
N ARG B 275 -14.96 -28.88 37.74
CA ARG B 275 -14.18 -27.76 37.23
C ARG B 275 -14.91 -27.02 36.13
N MET B 276 -16.17 -27.38 35.85
CA MET B 276 -16.90 -26.75 34.76
C MET B 276 -17.11 -25.26 35.02
N SER B 277 -17.38 -24.88 36.27
CA SER B 277 -17.63 -23.49 36.58
C SER B 277 -16.38 -22.62 36.35
N GLU B 278 -15.18 -23.22 36.42
CA GLU B 278 -13.96 -22.47 36.17
C GLU B 278 -13.71 -22.25 34.68
N SER B 279 -14.51 -22.85 33.81
CA SER B 279 -14.26 -22.83 32.38
C SER B 279 -14.74 -21.51 31.78
N ASP B 280 -13.96 -20.97 30.84
CA ASP B 280 -14.28 -19.73 30.15
C ASP B 280 -14.89 -19.94 28.77
N ASP B 281 -15.00 -21.18 28.29
CA ASP B 281 -15.38 -21.45 26.91
C ASP B 281 -16.36 -22.60 26.81
N PHE B 282 -17.27 -22.70 27.78
CA PHE B 282 -18.19 -23.84 27.81
C PHE B 282 -19.00 -23.90 26.52
N TYR B 283 -19.15 -25.13 26.00
CA TYR B 283 -19.91 -25.36 24.78
C TYR B 283 -20.73 -26.64 24.93
N PHE B 284 -21.98 -26.58 24.47
CA PHE B 284 -22.89 -27.71 24.56
C PHE B 284 -23.93 -27.56 23.46
N ASP B 285 -24.24 -28.65 22.77
CA ASP B 285 -25.27 -28.60 21.75
C ASP B 285 -25.69 -30.01 21.37
N ALA B 286 -26.85 -30.09 20.76
CA ALA B 286 -27.30 -31.35 20.18
C ALA B 286 -26.65 -31.54 18.81
N ILE B 287 -26.51 -32.80 18.42
CA ILE B 287 -25.99 -33.14 17.11
C ILE B 287 -27.14 -33.08 16.11
N THR B 288 -27.16 -32.02 15.30
CA THR B 288 -28.33 -31.67 14.51
C THR B 288 -27.93 -31.30 13.08
N GLN B 289 -28.85 -31.55 12.14
CA GLN B 289 -28.70 -31.10 10.76
C GLN B 289 -29.80 -30.13 10.41
N VAL B 290 -29.52 -29.25 9.45
CA VAL B 290 -30.49 -28.27 8.93
C VAL B 290 -30.77 -28.62 7.47
N LYS B 291 -32.05 -28.75 7.13
CA LYS B 291 -32.48 -29.21 5.81
C LYS B 291 -33.34 -28.14 5.17
N MET B 292 -32.90 -27.64 4.01
CA MET B 292 -33.63 -26.64 3.25
C MET B 292 -33.42 -26.90 1.77
N ASN B 293 -34.46 -26.63 0.97
CA ASN B 293 -34.36 -26.75 -0.48
C ASN B 293 -33.60 -25.58 -1.08
N SER B 294 -33.69 -24.42 -0.46
CA SER B 294 -32.98 -23.22 -0.89
C SER B 294 -32.46 -22.50 0.34
N TRP B 295 -31.38 -21.75 0.17
CA TRP B 295 -30.72 -21.05 1.27
C TRP B 295 -30.74 -19.54 1.09
N THR B 296 -31.58 -19.04 0.19
CA THR B 296 -31.67 -17.61 -0.08
C THR B 296 -33.12 -17.18 -0.14
N LYS B 297 -33.35 -15.91 0.20
CA LYS B 297 -34.67 -15.30 0.04
C LYS B 297 -34.44 -13.81 -0.19
N GLY B 298 -34.71 -13.36 -1.42
CA GLY B 298 -34.52 -11.96 -1.74
C GLY B 298 -33.06 -11.59 -1.65
N ARG B 299 -32.77 -10.57 -0.86
CA ARG B 299 -31.42 -10.07 -0.64
C ARG B 299 -30.72 -10.71 0.54
N ILE B 300 -31.32 -11.74 1.15
CA ILE B 300 -30.78 -12.37 2.35
C ILE B 300 -30.36 -13.79 2.00
N ALA B 301 -29.11 -14.13 2.32
CA ALA B 301 -28.57 -15.46 2.08
C ALA B 301 -28.02 -16.03 3.38
N LEU B 302 -28.06 -17.35 3.49
CA LEU B 302 -27.51 -18.08 4.61
C LEU B 302 -26.27 -18.85 4.18
N ILE B 303 -25.27 -18.91 5.05
CA ILE B 303 -24.07 -19.69 4.82
C ILE B 303 -23.69 -20.39 6.11
N GLY B 304 -22.99 -21.50 5.96
CA GLY B 304 -22.51 -22.24 7.11
C GLY B 304 -23.59 -23.15 7.69
N ASP B 305 -23.50 -23.35 9.01
CA ASP B 305 -24.46 -24.19 9.70
C ASP B 305 -25.87 -23.60 9.63
N ALA B 306 -25.99 -22.27 9.54
CA ALA B 306 -27.31 -21.64 9.52
C ALA B 306 -28.16 -22.14 8.36
N GLY B 307 -27.52 -22.59 7.28
CA GLY B 307 -28.25 -23.05 6.12
C GLY B 307 -28.22 -24.56 5.91
N TYR B 308 -27.08 -25.20 6.19
CA TYR B 308 -26.92 -26.61 5.84
C TYR B 308 -25.95 -27.29 6.81
N CYS B 309 -26.18 -27.10 8.11
CA CYS B 309 -25.35 -27.72 9.12
C CYS B 309 -25.24 -29.22 8.85
N PRO B 310 -24.05 -29.77 8.69
CA PRO B 310 -23.90 -31.23 8.52
C PRO B 310 -23.74 -32.00 9.81
N SER B 311 -23.72 -31.31 10.96
CA SER B 311 -23.66 -31.90 12.29
C SER B 311 -22.22 -32.26 12.66
N PRO B 312 -21.87 -32.19 13.94
CA PRO B 312 -20.53 -32.64 14.36
C PRO B 312 -20.17 -34.03 13.85
N LEU B 313 -21.14 -34.94 13.63
CA LEU B 313 -20.79 -36.31 13.24
C LEU B 313 -20.29 -36.40 11.82
N SER B 314 -20.45 -35.36 11.01
CA SER B 314 -19.87 -35.34 9.67
C SER B 314 -18.40 -34.92 9.68
N GLY B 315 -17.96 -34.17 10.70
CA GLY B 315 -16.61 -33.65 10.72
C GLY B 315 -16.28 -32.72 9.58
N GLN B 316 -17.28 -32.10 8.96
CA GLN B 316 -17.10 -31.29 7.77
C GLN B 316 -17.81 -29.95 7.85
N GLY B 317 -18.28 -29.54 9.03
CA GLY B 317 -18.97 -28.26 9.14
C GLY B 317 -18.11 -27.09 8.70
N ASN B 318 -16.91 -26.98 9.27
CA ASN B 318 -16.04 -25.86 8.95
C ASN B 318 -15.62 -25.88 7.49
N ASN B 319 -15.45 -27.07 6.90
CA ASN B 319 -15.09 -27.15 5.49
C ASN B 319 -16.25 -26.75 4.60
N LEU B 320 -17.46 -27.18 4.94
CA LEU B 320 -18.63 -26.72 4.21
C LEU B 320 -18.87 -25.23 4.44
N ALA B 321 -18.39 -24.68 5.56
CA ALA B 321 -18.43 -23.23 5.75
C ALA B 321 -17.44 -22.51 4.84
N PHE B 322 -16.24 -23.08 4.65
CA PHE B 322 -15.27 -22.47 3.75
C PHE B 322 -15.79 -22.46 2.31
N VAL B 323 -16.35 -23.59 1.88
CA VAL B 323 -16.83 -23.67 0.50
C VAL B 323 -18.03 -22.76 0.29
N GLY B 324 -18.91 -22.65 1.31
CA GLY B 324 -20.06 -21.79 1.18
C GLY B 324 -19.70 -20.32 1.05
N ALA B 325 -18.72 -19.89 1.84
CA ALA B 325 -18.30 -18.49 1.77
C ALA B 325 -17.63 -18.19 0.42
N TYR B 326 -16.67 -19.03 0.02
CA TYR B 326 -15.94 -18.80 -1.21
C TYR B 326 -16.88 -18.73 -2.41
N ILE B 327 -17.85 -19.64 -2.49
CA ILE B 327 -18.72 -19.68 -3.65
C ILE B 327 -19.68 -18.50 -3.67
N LEU B 328 -20.23 -18.14 -2.51
CA LEU B 328 -21.18 -17.03 -2.46
C LEU B 328 -20.50 -15.73 -2.85
N ALA B 329 -19.34 -15.44 -2.26
CA ALA B 329 -18.62 -14.22 -2.62
C ALA B 329 -18.25 -14.23 -4.10
N GLY B 330 -17.80 -15.38 -4.61
CA GLY B 330 -17.41 -15.45 -6.00
C GLY B 330 -18.57 -15.24 -6.95
N GLU B 331 -19.73 -15.79 -6.63
CA GLU B 331 -20.88 -15.63 -7.52
C GLU B 331 -21.42 -14.21 -7.50
N LEU B 332 -21.25 -13.48 -6.39
CA LEU B 332 -21.59 -12.06 -6.39
C LEU B 332 -20.63 -11.27 -7.28
N LYS B 333 -19.35 -11.66 -7.26
CA LYS B 333 -18.38 -11.04 -8.15
C LYS B 333 -18.69 -11.33 -9.61
N ALA B 334 -18.93 -12.60 -9.94
CA ALA B 334 -19.20 -12.98 -11.33
C ALA B 334 -20.47 -12.35 -11.88
N ALA B 335 -21.40 -11.98 -11.01
CA ALA B 335 -22.66 -11.39 -11.44
C ALA B 335 -22.66 -9.87 -11.39
N ASP B 336 -21.54 -9.25 -11.00
CA ASP B 336 -21.45 -7.79 -10.88
C ASP B 336 -22.50 -7.25 -9.92
N GLY B 337 -22.70 -7.95 -8.81
CA GLY B 337 -23.62 -7.51 -7.79
C GLY B 337 -25.06 -7.89 -8.00
N ASN B 338 -25.40 -8.50 -9.14
CA ASN B 338 -26.78 -8.97 -9.36
C ASN B 338 -27.05 -10.13 -8.42
N TYR B 339 -27.51 -9.84 -7.19
CA TYR B 339 -27.72 -10.90 -6.22
C TYR B 339 -28.67 -11.97 -6.73
N MET B 340 -29.65 -11.58 -7.55
CA MET B 340 -30.56 -12.56 -8.14
C MET B 340 -29.80 -13.65 -8.88
N GLN B 341 -28.92 -13.25 -9.80
CA GLN B 341 -28.08 -14.20 -10.52
C GLN B 341 -27.17 -14.97 -9.56
N ALA B 342 -26.48 -14.24 -8.69
CA ALA B 342 -25.51 -14.89 -7.80
C ALA B 342 -26.18 -15.88 -6.85
N PHE B 343 -27.32 -15.51 -6.29
CA PHE B 343 -27.96 -16.39 -5.30
C PHE B 343 -28.43 -17.68 -5.94
N THR B 344 -29.06 -17.60 -7.12
CA THR B 344 -29.49 -18.83 -7.80
C THR B 344 -28.30 -19.71 -8.12
N ARG B 345 -27.23 -19.11 -8.65
CA ARG B 345 -25.99 -19.87 -8.90
C ARG B 345 -25.46 -20.47 -7.61
N TYR B 346 -25.48 -19.69 -6.53
CA TYR B 346 -24.99 -20.19 -5.24
C TYR B 346 -25.72 -21.47 -4.84
N ASN B 347 -27.05 -21.42 -4.79
CA ASN B 347 -27.81 -22.59 -4.34
C ASN B 347 -27.53 -23.81 -5.22
N ALA B 348 -27.44 -23.61 -6.54
CA ALA B 348 -27.24 -24.75 -7.44
C ALA B 348 -25.86 -25.38 -7.24
N LEU B 349 -24.80 -24.56 -7.19
CA LEU B 349 -23.45 -25.09 -7.09
C LEU B 349 -23.21 -25.79 -5.75
N LEU B 350 -23.88 -25.34 -4.70
CA LEU B 350 -23.61 -25.87 -3.37
C LEU B 350 -24.40 -27.15 -3.09
N ARG B 351 -25.56 -27.30 -3.74
CA ARG B 351 -26.45 -28.42 -3.45
C ARG B 351 -25.74 -29.78 -3.43
N PRO B 352 -25.02 -30.17 -4.48
CA PRO B 352 -24.36 -31.50 -4.43
C PRO B 352 -23.36 -31.63 -3.31
N PHE B 353 -22.66 -30.54 -2.95
CA PHE B 353 -21.68 -30.64 -1.88
C PHE B 353 -22.36 -30.75 -0.52
N VAL B 354 -23.46 -30.02 -0.32
CA VAL B 354 -24.19 -30.13 0.94
C VAL B 354 -24.75 -31.53 1.11
N ASP B 355 -25.38 -32.07 0.07
CA ASP B 355 -26.02 -33.38 0.19
C ASP B 355 -25.01 -34.46 0.54
N ALA B 356 -23.85 -34.46 -0.12
CA ALA B 356 -22.88 -35.51 0.13
C ALA B 356 -22.38 -35.45 1.57
N ASN B 357 -22.18 -34.25 2.10
CA ASN B 357 -21.64 -34.11 3.45
C ASN B 357 -22.68 -34.38 4.53
N GLN B 358 -23.92 -33.94 4.32
CA GLN B 358 -24.97 -34.25 5.27
C GLN B 358 -25.30 -35.75 5.26
N GLU B 359 -25.35 -36.35 4.07
CA GLU B 359 -25.62 -37.78 3.99
C GLU B 359 -24.51 -38.58 4.67
N PHE B 360 -23.27 -38.14 4.52
CA PHE B 360 -22.18 -38.80 5.24
C PHE B 360 -22.38 -38.67 6.74
N GLY B 361 -22.80 -37.49 7.21
CA GLY B 361 -23.04 -37.31 8.63
C GLY B 361 -24.05 -38.32 9.15
N VAL B 362 -25.18 -38.47 8.44
CA VAL B 362 -26.20 -39.40 8.88
C VAL B 362 -25.68 -40.83 8.79
N TRP B 363 -24.91 -41.13 7.75
CA TRP B 363 -24.30 -42.46 7.64
C TRP B 363 -23.46 -42.79 8.87
N VAL B 364 -22.75 -41.80 9.42
CA VAL B 364 -21.92 -42.03 10.60
C VAL B 364 -22.78 -42.26 11.83
N SER B 365 -23.89 -41.51 11.95
CA SER B 365 -24.74 -41.62 13.12
C SER B 365 -25.42 -42.99 13.24
N LYS B 366 -25.51 -43.74 12.14
CA LYS B 366 -26.11 -45.07 12.23
C LYS B 366 -25.33 -45.98 13.17
N SER B 367 -24.02 -45.80 13.26
CA SER B 367 -23.20 -46.62 14.14
C SER B 367 -22.54 -45.86 15.28
N PHE B 368 -22.72 -44.54 15.36
CA PHE B 368 -21.98 -43.74 16.33
C PHE B 368 -22.39 -44.11 17.75
N LEU B 369 -21.45 -44.65 18.52
CA LEU B 369 -21.67 -45.08 19.91
C LEU B 369 -22.76 -46.15 20.03
N VAL B 370 -23.14 -46.80 18.92
CA VAL B 370 -24.13 -47.86 19.02
C VAL B 370 -23.54 -49.05 19.77
N GLU B 371 -22.24 -49.30 19.63
CA GLU B 371 -21.54 -50.33 20.39
C GLU B 371 -22.14 -51.72 20.12
N ASP B 372 -22.31 -52.03 18.84
CA ASP B 372 -22.75 -53.35 18.44
C ASP B 372 -21.59 -54.33 18.53
N GLU B 373 -21.84 -55.48 19.16
CA GLU B 373 -20.85 -56.54 19.25
C GLU B 373 -20.46 -56.99 17.85
N VAL B 374 -19.26 -56.63 17.39
CA VAL B 374 -18.81 -56.91 16.03
C VAL B 374 -17.38 -57.43 16.09
N SER B 375 -16.99 -58.12 15.03
CA SER B 375 -15.62 -58.61 14.92
C SER B 375 -14.64 -57.44 14.85
N LYS B 376 -13.47 -57.62 15.45
CA LYS B 376 -12.42 -56.62 15.32
C LYS B 376 -12.11 -56.34 13.86
N GLU B 377 -12.23 -57.36 13.00
CA GLU B 377 -12.09 -57.14 11.56
C GLU B 377 -13.21 -56.25 11.04
N ILE B 378 -14.44 -56.48 11.49
CA ILE B 378 -15.57 -55.66 11.05
C ILE B 378 -15.36 -54.21 11.48
N ALA B 379 -15.05 -54.01 12.76
CA ALA B 379 -14.85 -52.65 13.25
C ALA B 379 -13.75 -51.95 12.46
N GLU B 380 -12.62 -52.64 12.25
CA GLU B 380 -11.56 -52.08 11.42
C GLU B 380 -12.06 -51.80 10.01
N GLU B 381 -12.94 -52.65 9.49
CA GLU B 381 -13.43 -52.47 8.13
C GLU B 381 -14.33 -51.24 8.04
N ARG B 382 -15.24 -51.06 9.00
CA ARG B 382 -16.10 -49.89 8.98
C ARG B 382 -15.29 -48.60 9.18
N SER B 383 -14.17 -48.69 9.89
CA SER B 383 -13.31 -47.53 10.06
C SER B 383 -12.62 -47.16 8.74
N ASN B 384 -12.09 -48.17 8.05
CA ASN B 384 -11.50 -47.93 6.73
C ASN B 384 -12.52 -47.30 5.79
N ARG B 385 -13.77 -47.77 5.84
CA ARG B 385 -14.79 -47.22 4.95
C ARG B 385 -15.12 -45.79 5.31
N THR B 386 -15.15 -45.46 6.60
CA THR B 386 -15.44 -44.09 7.01
C THR B 386 -14.35 -43.14 6.51
N LEU B 387 -13.09 -43.51 6.71
CA LEU B 387 -12.00 -42.65 6.25
C LEU B 387 -12.03 -42.50 4.72
N ALA B 388 -12.30 -43.59 4.01
CA ALA B 388 -12.42 -43.51 2.56
C ALA B 388 -13.60 -42.62 2.17
N LEU B 389 -14.70 -42.71 2.91
CA LEU B 389 -15.91 -41.99 2.52
C LEU B 389 -15.74 -40.49 2.73
N ILE B 390 -15.22 -40.08 3.89
CA ILE B 390 -15.04 -38.66 4.16
C ILE B 390 -14.05 -38.05 3.18
N LYS B 391 -13.02 -38.80 2.79
CA LYS B 391 -12.07 -38.31 1.80
C LYS B 391 -12.78 -37.94 0.50
N SER B 392 -13.64 -38.84 0.00
CA SER B 392 -14.36 -38.58 -1.24
C SER B 392 -15.41 -37.49 -1.05
N VAL B 393 -16.11 -37.49 0.09
CA VAL B 393 -17.13 -36.48 0.35
C VAL B 393 -16.51 -35.09 0.42
N SER B 394 -15.32 -34.98 1.00
CA SER B 394 -14.68 -33.67 1.15
C SER B 394 -14.22 -33.09 -0.18
N ASN B 395 -14.19 -33.89 -1.25
CA ASN B 395 -13.88 -33.41 -2.59
C ASN B 395 -15.04 -33.62 -3.54
N ALA B 396 -16.27 -33.60 -3.01
CA ALA B 396 -17.44 -33.99 -3.79
C ALA B 396 -17.76 -33.04 -4.93
N ILE B 397 -17.17 -31.84 -4.95
CA ILE B 397 -17.37 -30.91 -6.06
C ILE B 397 -16.04 -30.30 -6.45
N THR B 398 -16.03 -29.68 -7.64
CA THR B 398 -14.89 -28.92 -8.12
C THR B 398 -15.18 -27.44 -7.90
N LEU B 399 -14.21 -26.74 -7.31
CA LEU B 399 -14.41 -25.33 -7.02
C LEU B 399 -14.44 -24.52 -8.32
N PRO B 400 -15.34 -23.56 -8.45
CA PRO B 400 -15.24 -22.62 -9.58
C PRO B 400 -14.09 -21.65 -9.36
N GLN B 401 -13.59 -21.12 -10.47
CA GLN B 401 -12.50 -20.16 -10.44
C GLN B 401 -13.07 -18.76 -10.66
N TYR B 402 -12.71 -17.83 -9.76
CA TYR B 402 -13.16 -16.46 -9.84
C TYR B 402 -12.03 -15.47 -10.08
N GLU B 403 -10.78 -15.93 -10.01
CA GLU B 403 -9.60 -15.12 -10.33
C GLU B 403 -9.73 -13.69 -9.82
N ILE C 21 20.36 7.49 -4.87
CA ILE C 21 21.57 7.16 -4.12
C ILE C 21 21.85 5.66 -4.20
N LYS C 22 23.02 5.31 -4.76
CA LYS C 22 23.43 3.92 -4.85
C LYS C 22 24.02 3.48 -3.52
N ILE C 23 23.41 2.47 -2.90
CA ILE C 23 23.84 1.94 -1.61
C ILE C 23 23.99 0.44 -1.72
N LEU C 24 25.15 -0.06 -1.32
CA LEU C 24 25.45 -1.49 -1.34
C LEU C 24 25.48 -2.00 0.11
N VAL C 25 24.66 -3.01 0.39
CA VAL C 25 24.65 -3.70 1.68
C VAL C 25 25.22 -5.10 1.46
N ILE C 26 26.26 -5.43 2.22
CA ILE C 26 27.03 -6.66 2.01
C ILE C 26 26.71 -7.62 3.15
N GLY C 27 26.01 -8.71 2.83
CA GLY C 27 25.72 -9.74 3.80
C GLY C 27 24.25 -9.89 4.12
N ALA C 28 23.70 -11.08 3.89
CA ALA C 28 22.28 -11.35 4.12
C ALA C 28 22.11 -12.19 5.37
N GLY C 29 22.48 -11.61 6.51
CA GLY C 29 22.33 -12.26 7.79
C GLY C 29 21.17 -11.68 8.57
N ILE C 30 21.48 -10.90 9.61
CA ILE C 30 20.48 -10.19 10.39
C ILE C 30 20.64 -8.67 10.23
N ALA C 31 21.85 -8.16 10.45
CA ALA C 31 22.10 -6.73 10.28
C ALA C 31 21.78 -6.27 8.86
N GLY C 32 22.17 -7.07 7.87
CA GLY C 32 22.00 -6.69 6.49
C GLY C 32 20.55 -6.51 6.11
N PRO C 33 19.76 -7.58 6.26
CA PRO C 33 18.32 -7.46 5.95
C PRO C 33 17.63 -6.38 6.76
N ALA C 34 18.04 -6.18 8.01
CA ALA C 34 17.39 -5.19 8.86
C ALA C 34 17.60 -3.79 8.31
N ILE C 35 18.83 -3.46 7.92
CA ILE C 35 19.08 -2.10 7.43
C ILE C 35 18.48 -1.91 6.05
N CYS C 36 18.38 -2.98 5.26
CA CYS C 36 17.72 -2.85 3.97
C CYS C 36 16.27 -2.41 4.16
N TYR C 37 15.55 -3.04 5.09
CA TYR C 37 14.19 -2.63 5.36
C TYR C 37 14.11 -1.15 5.74
N TRP C 38 14.95 -0.74 6.69
CA TRP C 38 14.89 0.64 7.18
C TRP C 38 15.29 1.63 6.09
N LEU C 39 16.38 1.35 5.37
CA LEU C 39 16.78 2.25 4.28
C LEU C 39 15.64 2.43 3.28
N ARG C 40 14.94 1.34 2.95
CA ARG C 40 13.81 1.46 2.02
C ARG C 40 12.67 2.25 2.64
N ARG C 41 12.41 2.02 3.93
CA ARG C 41 11.33 2.74 4.61
C ARG C 41 11.60 4.23 4.70
N PHE C 42 12.86 4.64 4.62
CA PHE C 42 13.23 6.05 4.73
C PHE C 42 13.44 6.73 3.38
N GLY C 43 13.24 6.00 2.27
CA GLY C 43 13.30 6.59 0.95
C GLY C 43 14.45 6.12 0.07
N PHE C 44 15.37 5.32 0.61
CA PHE C 44 16.51 4.85 -0.17
C PHE C 44 16.13 3.60 -0.96
N SER C 45 17.01 3.21 -1.87
CA SER C 45 16.83 2.02 -2.70
C SER C 45 18.07 1.15 -2.55
N PRO C 46 18.19 0.42 -1.44
CA PRO C 46 19.39 -0.39 -1.22
C PRO C 46 19.41 -1.62 -2.12
N VAL C 47 20.61 -2.17 -2.28
CA VAL C 47 20.82 -3.45 -2.93
C VAL C 47 21.63 -4.32 -1.98
N LEU C 48 21.24 -5.59 -1.87
CA LEU C 48 21.84 -6.54 -0.95
C LEU C 48 22.57 -7.64 -1.72
N ILE C 49 23.76 -8.01 -1.24
CA ILE C 49 24.51 -9.11 -1.82
C ILE C 49 24.83 -10.11 -0.72
N GLU C 50 25.03 -11.36 -1.14
CA GLU C 50 25.37 -12.45 -0.24
C GLU C 50 26.48 -13.29 -0.84
N LYS C 51 27.47 -13.63 -0.01
CA LYS C 51 28.59 -14.44 -0.46
C LYS C 51 28.15 -15.84 -0.85
N TYR C 52 27.34 -16.48 -0.02
CA TYR C 52 26.91 -17.85 -0.27
C TYR C 52 25.82 -17.87 -1.33
N ALA C 53 25.57 -19.09 -1.84
CA ALA C 53 24.62 -19.24 -2.95
C ALA C 53 23.20 -18.95 -2.52
N SER C 54 22.83 -19.33 -1.28
CA SER C 54 21.49 -19.12 -0.77
C SER C 54 21.60 -18.61 0.66
N ILE C 55 20.46 -18.15 1.19
CA ILE C 55 20.44 -17.62 2.55
C ILE C 55 20.79 -18.71 3.54
N ARG C 56 21.58 -18.36 4.54
CA ARG C 56 22.09 -19.32 5.52
C ARG C 56 21.19 -19.26 6.75
N LYS C 57 20.40 -20.33 6.94
CA LYS C 57 19.42 -20.39 8.02
C LYS C 57 19.90 -21.23 9.20
N GLY C 58 21.20 -21.45 9.31
CA GLY C 58 21.73 -22.14 10.47
C GLY C 58 21.71 -21.27 11.71
N GLY C 59 21.99 -21.90 12.84
CA GLY C 59 22.09 -21.20 14.10
C GLY C 59 21.15 -21.74 15.16
N GLN C 60 21.44 -21.45 16.43
CA GLN C 60 20.66 -21.93 17.55
C GLN C 60 19.67 -20.85 17.99
N ALA C 61 18.96 -21.11 19.08
CA ALA C 61 17.98 -20.15 19.59
C ALA C 61 18.64 -18.82 19.97
N LEU C 62 18.03 -17.73 19.50
CA LEU C 62 18.44 -16.37 19.81
C LEU C 62 17.32 -15.66 20.57
N ASP C 63 17.62 -14.50 21.14
CA ASP C 63 16.68 -13.76 21.96
C ASP C 63 16.56 -12.33 21.43
N VAL C 64 15.38 -11.97 20.95
CA VAL C 64 15.07 -10.56 20.69
C VAL C 64 14.66 -9.94 22.02
N ARG C 65 15.34 -8.87 22.40
CA ARG C 65 15.27 -8.37 23.77
C ARG C 65 15.57 -6.88 23.80
N GLY C 66 15.04 -6.19 24.80
CA GLY C 66 15.40 -4.80 25.03
C GLY C 66 14.84 -3.89 23.95
N ILE C 67 15.62 -2.85 23.61
CA ILE C 67 15.18 -1.89 22.61
C ILE C 67 14.99 -2.58 21.26
N ALA C 68 15.63 -3.74 21.05
CA ALA C 68 15.44 -4.46 19.80
C ALA C 68 13.99 -4.87 19.63
N THR C 69 13.30 -5.19 20.74
CA THR C 69 11.90 -5.59 20.66
C THR C 69 11.03 -4.46 20.15
N HIS C 70 11.37 -3.21 20.49
CA HIS C 70 10.62 -2.08 19.98
C HIS C 70 10.85 -1.89 18.48
N ILE C 71 12.09 -2.05 18.03
CA ILE C 71 12.39 -1.96 16.60
C ILE C 71 11.65 -3.04 15.84
N ALA C 72 11.63 -4.26 16.37
CA ALA C 72 10.83 -5.32 15.76
C ALA C 72 9.37 -4.92 15.66
N LYS C 73 8.84 -4.25 16.69
CA LYS C 73 7.46 -3.79 16.63
C LYS C 73 7.29 -2.76 15.52
N GLU C 74 8.18 -1.77 15.45
CA GLU C 74 8.07 -0.75 14.41
C GLU C 74 8.25 -1.33 13.02
N MET C 75 8.97 -2.45 12.90
CA MET C 75 9.16 -3.08 11.60
C MET C 75 7.95 -3.89 11.16
N GLY C 76 7.03 -4.19 12.08
CA GLY C 76 5.87 -4.97 11.74
C GLY C 76 6.11 -6.46 11.68
N ILE C 77 6.99 -6.99 12.54
CA ILE C 77 7.33 -8.41 12.52
C ILE C 77 7.20 -9.02 13.92
N TYR C 78 6.96 -8.18 14.93
CA TYR C 78 6.95 -8.68 16.30
C TYR C 78 6.01 -9.87 16.45
N ASP C 79 4.77 -9.74 15.99
CA ASP C 79 3.82 -10.84 16.10
C ASP C 79 4.30 -12.05 15.28
N GLN C 80 4.84 -11.81 14.08
CA GLN C 80 5.45 -12.88 13.31
C GLN C 80 6.54 -13.60 14.12
N ILE C 81 7.36 -12.84 14.83
CA ILE C 81 8.40 -13.44 15.65
C ILE C 81 7.77 -14.25 16.79
N CYS C 82 6.74 -13.69 17.42
CA CYS C 82 6.02 -14.43 18.46
C CYS C 82 5.44 -15.72 17.92
N GLY C 83 4.86 -15.67 16.71
CA GLY C 83 4.25 -16.86 16.15
C GLY C 83 5.23 -18.00 15.96
N MET C 84 6.49 -17.67 15.66
CA MET C 84 7.51 -18.69 15.42
C MET C 84 8.47 -18.83 16.60
N ARG C 85 8.00 -18.58 17.81
CA ARG C 85 8.89 -18.63 18.96
C ARG C 85 9.13 -20.08 19.37
N THR C 86 10.15 -20.27 20.20
CA THR C 86 10.49 -21.59 20.69
C THR C 86 9.42 -22.12 21.63
N ARG C 87 9.27 -23.44 21.65
CA ARG C 87 8.25 -24.11 22.42
C ARG C 87 8.83 -25.29 23.20
N ILE C 88 10.02 -25.14 23.74
CA ILE C 88 10.61 -26.19 24.57
C ILE C 88 9.93 -26.17 25.93
N GLU C 89 9.44 -27.33 26.34
CA GLU C 89 8.64 -27.45 27.55
C GLU C 89 9.39 -28.07 28.71
N CYS C 90 10.60 -28.58 28.48
CA CYS C 90 11.37 -29.21 29.54
C CYS C 90 12.84 -29.17 29.19
N GLY C 91 13.67 -28.96 30.20
CA GLY C 91 15.11 -29.01 30.04
C GLY C 91 15.74 -29.93 31.06
N ARG C 92 16.49 -30.92 30.60
CA ARG C 92 17.15 -31.88 31.48
C ARG C 92 18.66 -31.77 31.30
N PHE C 93 19.37 -31.66 32.42
CA PHE C 93 20.82 -31.79 32.44
C PHE C 93 21.15 -33.21 32.91
N VAL C 94 22.08 -33.84 32.20
CA VAL C 94 22.29 -35.29 32.30
C VAL C 94 23.80 -35.55 32.37
N ASP C 95 24.15 -36.69 32.98
CA ASP C 95 25.53 -37.12 33.01
C ASP C 95 25.85 -37.92 31.75
N SER C 96 27.11 -38.33 31.61
CA SER C 96 27.52 -39.04 30.41
C SER C 96 26.81 -40.38 30.25
N SER C 97 26.24 -40.93 31.33
CA SER C 97 25.57 -42.23 31.25
C SER C 97 24.07 -42.11 31.04
N GLY C 98 23.53 -40.90 30.94
CA GLY C 98 22.12 -40.70 30.68
C GLY C 98 21.26 -40.42 31.90
N LYS C 99 21.84 -40.39 33.10
CA LYS C 99 21.07 -40.17 34.31
C LYS C 99 20.80 -38.69 34.51
N VAL C 100 19.54 -38.36 34.82
CA VAL C 100 19.14 -36.98 34.97
C VAL C 100 19.66 -36.40 36.28
N LEU C 101 20.08 -35.14 36.24
CA LEU C 101 20.57 -34.43 37.41
C LEU C 101 19.65 -33.27 37.81
N HIS C 102 19.29 -32.43 36.85
CA HIS C 102 18.38 -31.31 37.08
C HIS C 102 17.36 -31.27 35.95
N GLU C 103 16.13 -30.89 36.28
CA GLU C 103 15.06 -30.81 35.31
C GLU C 103 14.25 -29.55 35.54
N GLU C 104 14.02 -28.79 34.48
CA GLU C 104 13.28 -27.54 34.54
C GLU C 104 12.06 -27.61 33.63
N HIS C 105 11.04 -26.84 33.98
CA HIS C 105 9.82 -26.79 33.19
C HIS C 105 9.34 -25.35 33.05
N GLU C 116 10.19 -9.71 25.17
CA GLU C 116 11.26 -10.66 24.92
C GLU C 116 10.70 -11.92 24.27
N VAL C 117 11.42 -12.46 23.29
CA VAL C 117 11.00 -13.65 22.56
C VAL C 117 12.24 -14.44 22.16
N GLU C 118 12.20 -15.76 22.40
CA GLU C 118 13.25 -16.65 21.94
C GLU C 118 12.80 -17.27 20.62
N ILE C 119 13.69 -17.24 19.62
CA ILE C 119 13.39 -17.74 18.29
C ILE C 119 14.68 -18.27 17.68
N VAL C 120 14.55 -19.34 16.88
CA VAL C 120 15.71 -19.93 16.23
C VAL C 120 16.22 -18.97 15.16
N ARG C 121 17.54 -18.88 15.04
CA ARG C 121 18.12 -17.90 14.13
C ARG C 121 17.53 -18.02 12.73
N GLY C 122 17.36 -19.25 12.24
CA GLY C 122 16.81 -19.43 10.91
C GLY C 122 15.43 -18.84 10.76
N ASP C 123 14.58 -19.01 11.77
CA ASP C 123 13.23 -18.44 11.70
C ASP C 123 13.29 -16.92 11.62
N LEU C 124 14.11 -16.29 12.46
CA LEU C 124 14.19 -14.83 12.44
C LEU C 124 14.73 -14.33 11.10
N VAL C 125 15.70 -15.04 10.53
CA VAL C 125 16.21 -14.66 9.21
C VAL C 125 15.13 -14.81 8.15
N GLU C 126 14.24 -15.79 8.30
CA GLU C 126 13.11 -15.91 7.38
C GLU C 126 12.23 -14.68 7.43
N ILE C 127 11.81 -14.30 8.65
CA ILE C 127 10.94 -13.14 8.81
C ILE C 127 11.60 -11.90 8.21
N LEU C 128 12.87 -11.67 8.52
CA LEU C 128 13.53 -10.45 8.04
C LEU C 128 13.58 -10.41 6.52
N MET C 129 13.80 -11.56 5.88
CA MET C 129 13.84 -11.58 4.42
C MET C 129 12.46 -11.38 3.82
N LYS C 130 11.40 -11.77 4.52
CA LYS C 130 10.05 -11.52 4.04
C LYS C 130 9.73 -10.03 4.04
N THR C 131 10.37 -9.26 4.93
CA THR C 131 10.11 -7.84 5.07
C THR C 131 10.75 -7.01 3.97
N ILE C 132 11.62 -7.60 3.15
CA ILE C 132 12.34 -6.84 2.13
C ILE C 132 12.14 -7.49 0.76
N THR C 133 10.92 -7.97 0.51
CA THR C 133 10.61 -8.58 -0.79
C THR C 133 10.81 -7.61 -1.95
N ASP C 134 10.78 -6.30 -1.68
CA ASP C 134 10.96 -5.30 -2.72
C ASP C 134 12.42 -4.91 -2.94
N ILE C 135 13.36 -5.55 -2.26
CA ILE C 135 14.78 -5.19 -2.33
C ILE C 135 15.53 -6.34 -3.00
N PRO C 136 16.27 -6.08 -4.08
CA PRO C 136 16.98 -7.18 -4.75
C PRO C 136 18.06 -7.77 -3.86
N CYS C 137 18.27 -9.08 -3.99
CA CYS C 137 19.31 -9.79 -3.27
C CYS C 137 20.02 -10.72 -4.26
N TYR C 138 21.29 -10.44 -4.53
CA TYR C 138 22.10 -11.23 -5.46
C TYR C 138 23.04 -12.11 -4.66
N PHE C 139 23.13 -13.37 -5.05
CA PHE C 139 23.90 -14.37 -4.33
C PHE C 139 25.17 -14.70 -5.11
N ASN C 140 25.97 -15.60 -4.53
CA ASN C 140 27.24 -16.01 -5.12
C ASN C 140 28.08 -14.81 -5.54
N GLN C 141 28.03 -13.74 -4.73
CA GLN C 141 28.72 -12.50 -5.03
C GLN C 141 29.83 -12.28 -4.02
N SER C 142 31.03 -11.98 -4.53
CA SER C 142 32.21 -11.79 -3.70
C SER C 142 32.97 -10.55 -4.16
N ILE C 143 33.07 -9.57 -3.27
CA ILE C 143 33.91 -8.40 -3.49
C ILE C 143 35.38 -8.79 -3.29
N ILE C 144 36.24 -8.35 -4.20
CA ILE C 144 37.66 -8.66 -4.12
C ILE C 144 38.53 -7.42 -3.88
N SER C 145 38.04 -6.22 -4.19
CA SER C 145 38.81 -5.01 -3.95
C SER C 145 37.86 -3.85 -3.73
N ILE C 146 38.27 -2.91 -2.89
CA ILE C 146 37.44 -1.76 -2.55
C ILE C 146 38.33 -0.53 -2.45
N GLN C 147 37.91 0.55 -3.10
CA GLN C 147 38.60 1.83 -3.05
C GLN C 147 37.56 2.93 -2.99
N GLN C 148 37.96 4.10 -2.52
CA GLN C 148 37.04 5.23 -2.45
C GLN C 148 37.79 6.54 -2.61
N ASN C 149 37.06 7.55 -3.08
CA ASN C 149 37.51 8.94 -3.04
C ASN C 149 36.38 9.78 -2.44
N SER C 150 36.51 11.11 -2.49
CA SER C 150 35.50 11.95 -1.86
C SER C 150 34.17 11.96 -2.60
N ASP C 151 34.07 11.30 -3.75
CA ASP C 151 32.85 11.29 -4.55
C ASP C 151 32.07 9.98 -4.49
N HIS C 152 32.75 8.84 -4.56
CA HIS C 152 32.06 7.56 -4.57
C HIS C 152 33.01 6.47 -4.11
N VAL C 153 32.43 5.31 -3.82
CA VAL C 153 33.16 4.09 -3.48
C VAL C 153 33.16 3.18 -4.70
N THR C 154 34.33 2.64 -5.05
CA THR C 154 34.48 1.72 -6.18
C THR C 154 34.69 0.31 -5.66
N VAL C 155 33.87 -0.63 -6.14
CA VAL C 155 33.84 -1.99 -5.64
C VAL C 155 34.11 -2.95 -6.80
N ASN C 156 35.13 -3.79 -6.64
CA ASN C 156 35.48 -4.82 -7.61
C ASN C 156 34.94 -6.17 -7.19
N PHE C 157 34.33 -6.89 -8.13
CA PHE C 157 33.71 -8.17 -7.86
C PHE C 157 34.53 -9.29 -8.51
N LYS C 158 34.38 -10.49 -7.95
CA LYS C 158 35.16 -11.63 -8.43
C LYS C 158 34.76 -12.00 -9.85
N ASP C 159 33.52 -11.73 -10.26
CA ASP C 159 33.06 -12.04 -11.61
C ASP C 159 33.51 -11.01 -12.64
N GLY C 160 34.24 -9.98 -12.22
CA GLY C 160 34.78 -8.98 -13.14
C GLY C 160 34.05 -7.66 -13.15
N GLN C 161 32.89 -7.57 -12.51
CA GLN C 161 32.14 -6.32 -12.50
C GLN C 161 32.86 -5.26 -11.68
N VAL C 162 32.65 -3.99 -12.05
CA VAL C 162 33.19 -2.84 -11.32
C VAL C 162 32.07 -1.81 -11.22
N GLU C 163 31.62 -1.54 -10.00
CA GLU C 163 30.51 -0.64 -9.75
C GLU C 163 30.92 0.48 -8.80
N HIS C 164 30.38 1.67 -9.02
CA HIS C 164 30.54 2.79 -8.11
C HIS C 164 29.28 2.91 -7.26
N TYR C 165 29.47 3.20 -5.97
CA TYR C 165 28.37 3.41 -5.04
C TYR C 165 28.61 4.69 -4.26
N ASP C 166 27.52 5.34 -3.86
CA ASP C 166 27.64 6.51 -2.99
C ASP C 166 27.96 6.10 -1.56
N LEU C 167 27.49 4.92 -1.13
CA LEU C 167 27.75 4.41 0.19
C LEU C 167 27.84 2.89 0.12
N VAL C 168 28.69 2.32 0.98
CA VAL C 168 28.83 0.87 1.10
C VAL C 168 28.71 0.51 2.57
N ILE C 169 27.78 -0.40 2.88
CA ILE C 169 27.49 -0.79 4.26
C ILE C 169 27.83 -2.27 4.42
N ALA C 170 28.77 -2.56 5.31
CA ALA C 170 29.28 -3.91 5.50
C ALA C 170 28.50 -4.60 6.62
N ALA C 171 27.89 -5.74 6.29
CA ALA C 171 27.21 -6.58 7.27
C ALA C 171 27.60 -8.04 7.04
N ASP C 172 28.89 -8.28 6.76
CA ASP C 172 29.39 -9.60 6.41
C ASP C 172 29.94 -10.36 7.62
N GLY C 173 29.60 -9.95 8.83
CA GLY C 173 29.83 -10.78 10.00
C GLY C 173 31.18 -10.56 10.66
N ILE C 174 31.49 -11.47 11.58
CA ILE C 174 32.70 -11.35 12.40
C ILE C 174 33.96 -11.32 11.53
N HIS C 175 34.03 -12.21 10.53
CA HIS C 175 35.19 -12.29 9.64
C HIS C 175 35.11 -11.33 8.47
N SER C 176 34.53 -10.15 8.67
CA SER C 176 34.25 -9.20 7.60
C SER C 176 35.44 -8.94 6.69
N ALA C 177 35.42 -9.51 5.49
CA ALA C 177 36.41 -9.20 4.47
C ALA C 177 36.43 -7.71 4.16
N THR C 178 35.28 -7.03 4.27
CA THR C 178 35.23 -5.61 4.00
C THR C 178 36.04 -4.80 5.02
N ARG C 179 35.91 -5.15 6.31
CA ARG C 179 36.69 -4.47 7.33
C ARG C 179 38.18 -4.58 7.05
N ARG C 180 38.65 -5.77 6.68
CA ARG C 180 40.07 -5.97 6.46
C ARG C 180 40.57 -5.18 5.26
N MET C 181 39.71 -4.95 4.27
CA MET C 181 40.10 -4.22 3.07
C MET C 181 40.08 -2.71 3.25
N VAL C 182 39.31 -2.18 4.20
CA VAL C 182 39.07 -0.76 4.31
C VAL C 182 39.82 -0.18 5.49
N PHE C 183 40.00 -0.95 6.56
CA PHE C 183 40.59 -0.50 7.81
C PHE C 183 41.96 -1.13 8.01
N ASP C 184 42.93 -0.31 8.40
CA ASP C 184 44.26 -0.81 8.68
C ASP C 184 44.25 -1.70 9.92
N LYS C 185 45.29 -2.52 10.02
CA LYS C 185 45.37 -3.49 11.11
C LYS C 185 45.45 -2.82 12.48
N ASN C 186 45.82 -1.54 12.52
CA ASN C 186 45.93 -0.79 13.77
C ASN C 186 44.64 -0.11 14.18
N GLU C 187 43.61 -0.12 13.33
CA GLU C 187 42.34 0.51 13.62
C GLU C 187 41.31 -0.45 14.19
N TYR C 188 41.63 -1.74 14.31
CA TYR C 188 40.70 -2.72 14.87
C TYR C 188 41.49 -3.84 15.50
N GLN C 189 40.89 -4.47 16.50
CA GLN C 189 41.50 -5.57 17.24
C GLN C 189 40.46 -6.68 17.41
N LEU C 190 40.86 -7.91 17.12
CA LEU C 190 40.03 -9.08 17.34
C LEU C 190 40.43 -9.71 18.67
N ILE C 191 39.45 -9.94 19.54
CA ILE C 191 39.68 -10.46 20.89
C ILE C 191 39.02 -11.83 20.99
N HIS C 192 39.83 -12.85 21.23
CA HIS C 192 39.32 -14.20 21.45
C HIS C 192 38.88 -14.33 22.90
N LEU C 193 37.62 -14.72 23.11
CA LEU C 193 37.08 -14.91 24.44
C LEU C 193 37.28 -16.32 24.98
N GLY C 194 38.10 -17.13 24.30
CA GLY C 194 38.50 -18.42 24.83
C GLY C 194 37.41 -19.46 24.87
N ALA C 195 36.66 -19.60 23.78
CA ALA C 195 35.61 -20.62 23.70
C ALA C 195 35.19 -20.78 22.24
N TYR C 196 34.48 -21.88 21.98
CA TYR C 196 34.03 -22.22 20.65
C TYR C 196 32.58 -22.66 20.70
N LEU C 197 31.91 -22.56 19.55
CA LEU C 197 30.50 -22.92 19.43
C LEU C 197 30.26 -23.59 18.09
N SER C 198 29.55 -24.71 18.11
CA SER C 198 29.11 -25.38 16.88
C SER C 198 27.69 -25.86 17.07
N THR C 199 26.88 -25.75 16.01
CA THR C 199 25.50 -26.19 16.07
C THR C 199 25.03 -26.59 14.68
N PHE C 200 24.27 -27.69 14.62
CA PHE C 200 23.75 -28.16 13.36
C PHE C 200 22.50 -29.01 13.63
N THR C 201 21.68 -29.16 12.59
CA THR C 201 20.47 -29.97 12.64
C THR C 201 20.74 -31.35 12.04
N ILE C 202 20.24 -32.37 12.71
CA ILE C 202 20.39 -33.77 12.30
C ILE C 202 19.02 -34.42 12.43
N PRO C 203 18.80 -35.61 11.87
CA PRO C 203 17.53 -36.32 12.12
C PRO C 203 17.35 -36.59 13.61
N ASN C 204 16.08 -36.61 14.03
CA ASN C 204 15.72 -36.79 15.43
C ASN C 204 15.73 -38.28 15.78
N TYR C 205 16.93 -38.85 15.77
CA TYR C 205 17.08 -40.29 15.98
C TYR C 205 16.69 -40.73 17.39
N LEU C 206 16.62 -39.80 18.35
CA LEU C 206 16.23 -40.11 19.71
C LEU C 206 14.74 -39.93 19.97
N ASN C 207 13.99 -39.43 18.98
CA ASN C 207 12.54 -39.22 19.14
C ASN C 207 12.25 -38.25 20.29
N LEU C 208 13.01 -37.18 20.37
CA LEU C 208 12.76 -36.15 21.37
C LEU C 208 11.54 -35.33 21.00
N ARG C 209 10.78 -34.92 22.00
CA ARG C 209 9.59 -34.09 21.79
C ARG C 209 9.61 -32.89 22.74
N HIS C 210 9.88 -31.71 22.19
CA HIS C 210 9.79 -30.44 22.93
C HIS C 210 10.65 -30.46 24.19
N ILE C 211 11.90 -30.89 24.04
CA ILE C 211 12.81 -31.03 25.17
C ILE C 211 14.22 -30.67 24.71
N ASP C 212 15.04 -30.26 25.68
CA ASP C 212 16.46 -29.99 25.46
C ASP C 212 17.26 -30.82 26.45
N LEU C 213 18.16 -31.66 25.94
CA LEU C 213 19.04 -32.48 26.76
C LEU C 213 20.45 -31.94 26.65
N GLU C 214 21.07 -31.66 27.80
CA GLU C 214 22.41 -31.11 27.84
C GLU C 214 23.28 -31.91 28.80
N CYS C 215 24.57 -31.96 28.51
CA CYS C 215 25.54 -32.71 29.31
C CYS C 215 26.82 -31.90 29.37
N GLU C 216 27.15 -31.41 30.56
CA GLU C 216 28.35 -30.59 30.78
C GLU C 216 29.40 -31.41 31.51
N ALA C 217 30.63 -31.37 31.01
CA ALA C 217 31.74 -32.11 31.59
C ALA C 217 33.07 -31.65 31.02
N ASN C 218 34.06 -31.41 31.90
CA ASN C 218 35.41 -31.03 31.48
C ASN C 218 35.38 -29.73 30.69
N HIS C 219 34.56 -28.78 31.12
CA HIS C 219 34.42 -27.47 30.46
C HIS C 219 33.91 -27.62 29.03
N LYS C 220 33.11 -28.66 28.77
CA LYS C 220 32.54 -28.93 27.47
C LYS C 220 31.05 -29.23 27.61
N LEU C 221 30.26 -28.72 26.68
CA LEU C 221 28.81 -28.83 26.73
C LEU C 221 28.30 -29.43 25.43
N VAL C 222 27.47 -30.48 25.53
CA VAL C 222 26.86 -31.13 24.38
C VAL C 222 25.35 -31.09 24.59
N SER C 223 24.63 -30.58 23.59
CA SER C 223 23.18 -30.45 23.67
C SER C 223 22.51 -31.09 22.46
N ILE C 224 21.27 -31.49 22.65
CA ILE C 224 20.44 -32.03 21.57
C ILE C 224 18.99 -31.76 21.97
N ASN C 225 18.25 -31.04 21.13
CA ASN C 225 16.89 -30.64 21.47
C ASN C 225 15.95 -30.90 20.31
N ASN C 226 14.66 -30.84 20.62
CA ASN C 226 13.59 -30.89 19.62
C ASN C 226 12.56 -29.84 20.01
N ASP C 227 12.22 -28.95 19.08
CA ASP C 227 11.29 -27.85 19.36
C ASP C 227 9.93 -28.10 18.76
N ASN C 228 9.79 -27.95 17.44
CA ASN C 228 8.51 -28.14 16.76
C ASN C 228 8.57 -29.27 15.73
N ASP C 229 9.42 -29.15 14.71
CA ASP C 229 9.54 -30.16 13.67
C ASP C 229 9.94 -31.49 14.30
N PRO C 230 9.03 -32.47 14.35
CA PRO C 230 9.35 -33.72 15.06
C PRO C 230 10.41 -34.55 14.39
N GLU C 231 10.71 -34.29 13.11
CA GLU C 231 11.67 -35.09 12.38
C GLU C 231 13.11 -34.66 12.62
N ILE C 232 13.35 -33.45 13.08
CA ILE C 232 14.70 -32.90 13.19
C ILE C 232 15.02 -32.61 14.65
N ALA C 233 16.27 -32.85 15.02
CA ALA C 233 16.85 -32.42 16.28
C ALA C 233 18.01 -31.48 15.98
N ARG C 234 18.24 -30.53 16.87
CA ARG C 234 19.36 -29.61 16.74
C ARG C 234 20.42 -29.97 17.77
N ALA C 235 21.65 -30.17 17.31
CA ALA C 235 22.76 -30.51 18.18
C ALA C 235 23.59 -29.26 18.44
N GLY C 236 24.20 -29.22 19.63
CA GLY C 236 25.03 -28.10 20.00
C GLY C 236 26.30 -28.54 20.69
N PHE C 237 27.40 -27.84 20.41
CA PHE C 237 28.67 -28.09 21.05
C PHE C 237 29.28 -26.78 21.49
N MET C 238 29.79 -26.75 22.71
CA MET C 238 30.44 -25.58 23.26
C MET C 238 31.54 -26.05 24.20
N PHE C 239 32.68 -25.37 24.18
CA PHE C 239 33.81 -25.77 24.99
C PHE C 239 34.77 -24.61 25.14
N LEU C 240 35.52 -24.63 26.25
CA LEU C 240 36.57 -23.65 26.49
C LEU C 240 37.85 -24.09 25.80
N SER C 241 38.57 -23.13 25.21
CA SER C 241 39.84 -23.41 24.56
C SER C 241 40.51 -22.09 24.20
N GLN C 242 41.84 -22.05 24.38
CA GLN C 242 42.67 -20.95 23.93
C GLN C 242 43.30 -21.22 22.57
N HIS C 243 43.13 -22.42 22.03
CA HIS C 243 43.68 -22.73 20.72
C HIS C 243 42.95 -21.95 19.63
N ILE C 244 43.71 -21.57 18.59
CA ILE C 244 43.18 -20.87 17.43
C ILE C 244 43.48 -21.70 16.19
N LEU C 245 42.51 -21.77 15.29
CA LEU C 245 42.66 -22.58 14.09
C LEU C 245 43.59 -21.89 13.09
N LYS C 246 44.24 -22.70 12.27
CA LYS C 246 45.08 -22.16 11.21
C LYS C 246 44.25 -21.37 10.20
N ASP C 247 43.10 -21.91 9.82
CA ASP C 247 42.18 -21.24 8.89
C ASP C 247 40.76 -21.45 9.44
N ILE C 248 40.24 -20.41 10.09
CA ILE C 248 38.95 -20.51 10.78
C ILE C 248 37.80 -20.75 9.82
N ARG C 249 37.97 -20.44 8.54
CA ARG C 249 36.93 -20.65 7.54
C ARG C 249 37.04 -21.98 6.82
N ASP C 250 38.07 -22.77 7.10
CA ASP C 250 38.20 -24.10 6.50
C ASP C 250 37.31 -25.08 7.26
N GLU C 251 36.30 -25.63 6.58
CA GLU C 251 35.33 -26.48 7.27
C GLU C 251 35.97 -27.77 7.75
N HIS C 252 36.92 -28.33 6.99
CA HIS C 252 37.55 -29.58 7.41
C HIS C 252 38.30 -29.41 8.73
N GLU C 253 39.05 -28.32 8.88
CA GLU C 253 39.75 -28.07 10.13
C GLU C 253 38.78 -27.79 11.27
N GLN C 254 37.60 -27.25 10.95
CA GLN C 254 36.58 -27.04 11.98
C GLN C 254 36.10 -28.36 12.55
N LYS C 255 35.76 -29.32 11.69
CA LYS C 255 35.24 -30.60 12.18
C LYS C 255 36.32 -31.41 12.88
N GLN C 256 37.55 -31.38 12.36
CA GLN C 256 38.64 -32.09 13.03
C GLN C 256 38.83 -31.56 14.44
N PHE C 257 38.85 -30.23 14.60
CA PHE C 257 38.96 -29.64 15.93
C PHE C 257 37.78 -30.02 16.80
N LEU C 258 36.59 -30.19 16.20
CA LEU C 258 35.41 -30.55 16.97
C LEU C 258 35.47 -32.00 17.43
N CYS C 259 35.83 -32.93 16.52
CA CYS C 259 35.90 -34.33 16.89
C CYS C 259 37.00 -34.60 17.90
N ASP C 260 38.18 -33.99 17.71
CA ASP C 260 39.26 -34.16 18.67
C ASP C 260 38.85 -33.67 20.05
N THR C 261 38.16 -32.53 20.11
CA THR C 261 37.75 -31.96 21.39
C THR C 261 36.73 -32.84 22.11
N PHE C 262 35.95 -33.64 21.38
CA PHE C 262 34.93 -34.52 21.96
C PHE C 262 35.24 -35.98 21.65
N ARG C 263 36.52 -36.33 21.59
CA ARG C 263 36.91 -37.70 21.24
C ARG C 263 36.29 -38.70 22.20
N ASP C 264 36.53 -38.53 23.50
CA ASP C 264 36.02 -39.44 24.51
C ASP C 264 35.11 -38.72 25.50
N PHE C 265 34.17 -37.92 24.99
CA PHE C 265 33.16 -37.32 25.85
C PHE C 265 32.08 -38.32 26.24
N GLY C 266 31.82 -39.31 25.40
CA GLY C 266 30.79 -40.28 25.68
C GLY C 266 29.41 -39.75 25.39
N TRP C 267 28.41 -40.42 25.96
CA TRP C 267 27.01 -40.04 25.80
C TRP C 267 26.70 -40.04 24.30
N GLU C 268 26.01 -39.03 23.78
CA GLU C 268 25.53 -39.04 22.40
C GLU C 268 26.49 -38.33 21.44
N THR C 269 27.70 -37.98 21.90
CA THR C 269 28.61 -37.22 21.05
C THR C 269 28.91 -37.95 19.74
N GLN C 270 29.13 -39.27 19.80
CA GLN C 270 29.46 -40.00 18.60
C GLN C 270 28.26 -40.11 17.66
N ASN C 271 27.08 -40.40 18.21
CA ASN C 271 25.88 -40.48 17.38
C ASN C 271 25.57 -39.14 16.72
N ILE C 272 25.84 -38.05 17.42
CA ILE C 272 25.62 -36.73 16.84
C ILE C 272 26.66 -36.45 15.77
N LEU C 273 27.94 -36.62 16.10
CA LEU C 273 29.00 -36.27 15.17
C LEU C 273 29.02 -37.17 13.95
N ASN C 274 28.59 -38.42 14.10
CA ASN C 274 28.49 -39.33 12.95
C ASN C 274 27.43 -38.87 11.95
N ARG C 275 26.57 -37.93 12.30
CA ARG C 275 25.53 -37.46 11.41
C ARG C 275 25.82 -36.08 10.84
N MET C 276 27.01 -35.53 11.07
CA MET C 276 27.36 -34.24 10.47
C MET C 276 27.28 -34.27 8.95
N SER C 277 27.59 -35.42 8.35
CA SER C 277 27.67 -35.49 6.89
C SER C 277 26.31 -35.33 6.22
N GLU C 278 25.23 -35.67 6.93
CA GLU C 278 23.88 -35.51 6.40
C GLU C 278 23.21 -34.22 6.85
N SER C 279 23.92 -33.36 7.57
CA SER C 279 23.38 -32.07 7.99
C SER C 279 23.60 -31.05 6.88
N ASP C 280 22.63 -30.14 6.73
CA ASP C 280 22.67 -29.15 5.66
C ASP C 280 22.97 -27.73 6.15
N ASP C 281 23.30 -27.55 7.43
CA ASP C 281 23.41 -26.20 8.00
C ASP C 281 24.54 -26.09 9.01
N PHE C 282 25.64 -26.81 8.79
CA PHE C 282 26.71 -26.86 9.77
C PHE C 282 27.25 -25.47 10.07
N TYR C 283 27.36 -25.14 11.35
CA TYR C 283 27.93 -23.88 11.80
C TYR C 283 29.03 -24.16 12.81
N PHE C 284 30.15 -23.45 12.66
CA PHE C 284 31.26 -23.55 13.59
C PHE C 284 31.99 -22.21 13.59
N ASP C 285 32.34 -21.72 14.78
CA ASP C 285 33.06 -20.46 14.85
C ASP C 285 33.65 -20.30 16.25
N ALA C 286 34.60 -19.38 16.36
CA ALA C 286 35.18 -19.04 17.65
C ALA C 286 34.37 -17.93 18.28
N ILE C 287 34.41 -17.88 19.61
CA ILE C 287 33.72 -16.82 20.35
C ILE C 287 34.67 -15.63 20.41
N THR C 288 34.36 -14.58 19.65
CA THR C 288 35.30 -13.50 19.41
C THR C 288 34.58 -12.16 19.43
N GLN C 289 35.32 -11.10 19.72
CA GLN C 289 34.80 -9.74 19.62
C GLN C 289 35.69 -8.90 18.70
N VAL C 290 35.14 -7.77 18.26
CA VAL C 290 35.84 -6.83 17.39
C VAL C 290 35.77 -5.46 18.03
N LYS C 291 36.93 -4.88 18.32
CA LYS C 291 37.02 -3.60 19.03
C LYS C 291 37.53 -2.52 18.10
N MET C 292 36.77 -1.44 17.97
CA MET C 292 37.15 -0.30 17.14
C MET C 292 36.72 0.98 17.83
N ASN C 293 37.46 2.06 17.57
CA ASN C 293 37.07 3.38 18.07
C ASN C 293 36.02 4.02 17.17
N SER C 294 36.08 3.75 15.87
CA SER C 294 35.10 4.23 14.91
C SER C 294 34.76 3.09 13.95
N TRP C 295 33.52 3.07 13.48
CA TRP C 295 33.03 2.02 12.61
C TRP C 295 32.81 2.50 11.18
N THR C 296 33.15 3.74 10.86
CA THR C 296 33.02 4.28 9.52
C THR C 296 34.37 4.82 9.06
N LYS C 297 34.54 4.87 7.73
CA LYS C 297 35.69 5.51 7.13
C LYS C 297 35.25 6.06 5.78
N GLY C 298 35.15 7.38 5.68
CA GLY C 298 34.69 8.03 4.47
C GLY C 298 33.24 7.70 4.17
N ARG C 299 33.00 7.01 3.05
CA ARG C 299 31.66 6.63 2.62
C ARG C 299 31.35 5.17 2.91
N ILE C 300 32.10 4.53 3.80
CA ILE C 300 31.93 3.12 4.13
C ILE C 300 31.58 3.00 5.61
N ALA C 301 30.62 2.15 5.92
CA ALA C 301 30.15 1.94 7.29
C ALA C 301 30.03 0.46 7.58
N LEU C 302 30.39 0.09 8.81
CA LEU C 302 30.24 -1.28 9.31
C LEU C 302 29.04 -1.36 10.25
N ILE C 303 28.27 -2.44 10.14
CA ILE C 303 27.18 -2.72 11.05
C ILE C 303 27.21 -4.20 11.43
N GLY C 304 26.58 -4.52 12.54
CA GLY C 304 26.53 -5.90 12.98
C GLY C 304 27.85 -6.38 13.55
N ASP C 305 28.06 -7.70 13.48
CA ASP C 305 29.26 -8.30 14.02
C ASP C 305 30.53 -7.78 13.34
N ALA C 306 30.43 -7.28 12.10
CA ALA C 306 31.61 -6.82 11.38
C ALA C 306 32.27 -5.63 12.08
N GLY C 307 31.49 -4.82 12.80
CA GLY C 307 32.03 -3.64 13.46
C GLY C 307 32.17 -3.78 14.96
N TYR C 308 31.26 -4.48 15.61
CA TYR C 308 31.21 -4.52 17.07
C TYR C 308 30.63 -5.84 17.57
N CYS C 309 31.11 -6.95 17.03
CA CYS C 309 30.59 -8.26 17.41
C CYS C 309 30.70 -8.45 18.91
N PRO C 310 29.59 -8.69 19.62
CA PRO C 310 29.68 -8.95 21.07
C PRO C 310 29.85 -10.42 21.44
N SER C 311 29.85 -11.32 20.46
CA SER C 311 30.12 -12.75 20.65
C SER C 311 28.89 -13.48 21.16
N PRO C 312 28.81 -14.80 20.96
CA PRO C 312 27.65 -15.55 21.48
C PRO C 312 27.45 -15.44 22.98
N LEU C 313 28.53 -15.33 23.77
CA LEU C 313 28.35 -15.31 25.21
C LEU C 313 27.64 -14.06 25.71
N SER C 314 27.45 -13.05 24.86
CA SER C 314 26.66 -11.89 25.23
C SER C 314 25.17 -12.09 25.01
N GLY C 315 24.80 -13.00 24.11
CA GLY C 315 23.41 -13.19 23.77
C GLY C 315 22.77 -11.98 23.13
N GLN C 316 23.57 -11.04 22.63
CA GLN C 316 23.05 -9.77 22.13
C GLN C 316 23.49 -9.46 20.69
N GLY C 317 24.15 -10.40 20.01
CA GLY C 317 24.56 -10.14 18.64
C GLY C 317 23.40 -9.69 17.77
N ASN C 318 22.32 -10.47 17.77
CA ASN C 318 21.19 -10.13 16.91
C ASN C 318 20.54 -8.82 17.34
N ASN C 319 20.51 -8.54 18.65
CA ASN C 319 19.94 -7.28 19.13
C ASN C 319 20.83 -6.10 18.80
N LEU C 320 22.15 -6.31 18.84
CA LEU C 320 23.06 -5.26 18.41
C LEU C 320 22.97 -5.05 16.89
N ALA C 321 22.72 -6.12 16.14
CA ALA C 321 22.48 -5.96 14.71
C ALA C 321 21.27 -5.09 14.45
N PHE C 322 20.17 -5.33 15.19
CA PHE C 322 18.96 -4.54 15.00
C PHE C 322 19.22 -3.06 15.25
N VAL C 323 19.88 -2.72 16.35
CA VAL C 323 20.04 -1.32 16.72
C VAL C 323 20.98 -0.61 15.76
N GLY C 324 22.08 -1.26 15.36
CA GLY C 324 22.98 -0.65 14.41
C GLY C 324 22.29 -0.31 13.11
N ALA C 325 21.52 -1.26 12.57
CA ALA C 325 20.81 -1.02 11.32
C ALA C 325 19.82 0.13 11.47
N TYR C 326 19.10 0.16 12.60
CA TYR C 326 18.06 1.18 12.80
C TYR C 326 18.68 2.56 12.86
N ILE C 327 19.76 2.73 13.63
CA ILE C 327 20.32 4.05 13.82
C ILE C 327 21.03 4.54 12.58
N LEU C 328 21.82 3.68 11.92
CA LEU C 328 22.56 4.11 10.74
C LEU C 328 21.60 4.61 9.66
N ALA C 329 20.56 3.82 9.35
CA ALA C 329 19.57 4.27 8.37
C ALA C 329 18.90 5.55 8.81
N GLY C 330 18.53 5.64 10.10
CA GLY C 330 17.84 6.82 10.58
C GLY C 330 18.70 8.08 10.47
N GLU C 331 19.97 7.97 10.86
CA GLU C 331 20.84 9.15 10.78
C GLU C 331 21.04 9.59 9.34
N LEU C 332 21.11 8.64 8.39
CA LEU C 332 21.19 9.01 6.99
C LEU C 332 19.96 9.81 6.56
N LYS C 333 18.77 9.38 6.99
CA LYS C 333 17.56 10.12 6.66
C LYS C 333 17.59 11.52 7.25
N ALA C 334 17.96 11.63 8.53
CA ALA C 334 17.98 12.93 9.20
C ALA C 334 19.02 13.86 8.57
N ALA C 335 20.11 13.31 8.06
CA ALA C 335 21.13 14.10 7.38
C ALA C 335 20.80 14.36 5.92
N ASP C 336 19.62 13.94 5.46
CA ASP C 336 19.20 14.14 4.07
C ASP C 336 20.21 13.57 3.08
N GLY C 337 20.87 12.48 3.47
CA GLY C 337 21.85 11.83 2.63
C GLY C 337 23.29 12.21 2.91
N ASN C 338 23.51 13.29 3.67
CA ASN C 338 24.87 13.72 4.03
C ASN C 338 25.47 12.69 4.97
N TYR C 339 26.37 11.85 4.43
CA TYR C 339 26.93 10.77 5.23
C TYR C 339 27.87 11.28 6.31
N MET C 340 28.58 12.39 6.04
CA MET C 340 29.52 12.91 7.03
C MET C 340 28.83 13.16 8.36
N GLN C 341 27.67 13.82 8.33
CA GLN C 341 26.91 14.05 9.56
C GLN C 341 26.32 12.75 10.09
N ALA C 342 25.77 11.92 9.19
CA ALA C 342 25.11 10.69 9.61
C ALA C 342 26.08 9.72 10.24
N PHE C 343 27.22 9.47 9.59
CA PHE C 343 28.19 8.54 10.15
C PHE C 343 28.75 9.04 11.47
N THR C 344 29.00 10.34 11.58
CA THR C 344 29.48 10.91 12.83
C THR C 344 28.49 10.65 13.96
N ARG C 345 27.20 10.91 13.71
CA ARG C 345 26.18 10.64 14.72
C ARG C 345 26.00 9.14 14.92
N TYR C 346 26.18 8.34 13.86
CA TYR C 346 26.08 6.89 13.99
C TYR C 346 27.09 6.37 15.01
N ASN C 347 28.36 6.78 14.88
CA ASN C 347 29.37 6.33 15.83
C ASN C 347 29.08 6.88 17.22
N ALA C 348 28.66 8.13 17.31
CA ALA C 348 28.43 8.76 18.61
C ALA C 348 27.28 8.10 19.36
N LEU C 349 26.15 7.89 18.67
CA LEU C 349 24.97 7.36 19.32
C LEU C 349 25.14 5.90 19.72
N LEU C 350 25.89 5.13 18.93
CA LEU C 350 25.99 3.68 19.15
C LEU C 350 27.05 3.31 20.18
N ARG C 351 28.03 4.18 20.43
CA ARG C 351 29.14 3.83 21.33
C ARG C 351 28.67 3.38 22.71
N PRO C 352 27.76 4.09 23.40
CA PRO C 352 27.32 3.60 24.71
C PRO C 352 26.69 2.22 24.66
N PHE C 353 25.83 1.96 23.65
CA PHE C 353 25.16 0.67 23.58
C PHE C 353 26.15 -0.46 23.27
N VAL C 354 27.10 -0.22 22.38
CA VAL C 354 28.06 -1.25 22.02
C VAL C 354 28.92 -1.66 23.21
N ASP C 355 29.43 -0.66 23.94
CA ASP C 355 30.34 -0.96 25.05
C ASP C 355 29.66 -1.84 26.09
N ALA C 356 28.41 -1.50 26.45
CA ALA C 356 27.69 -2.26 27.46
C ALA C 356 27.51 -3.72 27.04
N ASN C 357 27.09 -3.94 25.78
CA ASN C 357 26.83 -5.30 25.31
C ASN C 357 28.13 -6.09 25.14
N GLN C 358 29.17 -5.47 24.58
CA GLN C 358 30.45 -6.15 24.44
C GLN C 358 31.04 -6.49 25.81
N GLU C 359 31.03 -5.52 26.72
CA GLU C 359 31.58 -5.77 28.06
C GLU C 359 30.74 -6.83 28.79
N PHE C 360 29.42 -6.77 28.64
CA PHE C 360 28.58 -7.81 29.22
C PHE C 360 29.02 -9.20 28.74
N GLY C 361 29.35 -9.31 27.45
CA GLY C 361 29.81 -10.59 26.93
C GLY C 361 31.11 -11.04 27.56
N VAL C 362 32.04 -10.11 27.77
CA VAL C 362 33.29 -10.46 28.45
C VAL C 362 33.03 -10.84 29.89
N TRP C 363 32.07 -10.17 30.53
CA TRP C 363 31.71 -10.52 31.90
C TRP C 363 31.23 -11.97 31.98
N VAL C 364 30.47 -12.43 30.98
CA VAL C 364 29.99 -13.81 30.96
C VAL C 364 31.13 -14.78 30.75
N SER C 365 32.13 -14.40 29.95
CA SER C 365 33.20 -15.33 29.60
C SER C 365 34.09 -15.66 30.79
N LYS C 366 34.22 -14.74 31.76
CA LYS C 366 35.10 -15.00 32.89
C LYS C 366 34.66 -16.23 33.68
N SER C 367 33.36 -16.56 33.67
CA SER C 367 32.84 -17.68 34.43
C SER C 367 32.13 -18.72 33.57
N PHE C 368 32.15 -18.57 32.24
CA PHE C 368 31.43 -19.49 31.37
C PHE C 368 32.18 -20.82 31.27
N LEU C 369 31.50 -21.91 31.63
CA LEU C 369 32.03 -23.27 31.62
C LEU C 369 33.21 -23.45 32.57
N VAL C 370 33.47 -22.48 33.44
CA VAL C 370 34.66 -22.57 34.29
C VAL C 370 34.44 -23.57 35.44
N GLU C 371 33.19 -23.74 35.88
CA GLU C 371 32.83 -24.79 36.85
C GLU C 371 33.52 -24.56 38.20
N ASP C 372 33.15 -23.46 38.85
CA ASP C 372 33.67 -23.14 40.17
C ASP C 372 33.01 -24.03 41.22
N GLU C 373 33.69 -24.18 42.35
CA GLU C 373 33.23 -25.05 43.43
C GLU C 373 32.24 -24.28 44.31
N VAL C 374 31.01 -24.20 43.82
CA VAL C 374 29.92 -23.53 44.53
C VAL C 374 28.66 -24.38 44.43
N SER C 375 27.73 -24.12 45.34
CA SER C 375 26.48 -24.86 45.38
C SER C 375 25.54 -24.36 44.28
N LYS C 376 24.36 -25.01 44.19
CA LYS C 376 23.37 -24.61 43.20
C LYS C 376 22.71 -23.28 43.55
N GLU C 377 22.73 -22.88 44.82
CA GLU C 377 22.19 -21.57 45.19
C GLU C 377 23.12 -20.45 44.74
N ILE C 378 24.42 -20.70 44.69
CA ILE C 378 25.36 -19.70 44.17
C ILE C 378 25.23 -19.60 42.65
N ALA C 379 25.15 -20.74 41.96
CA ALA C 379 25.02 -20.73 40.51
C ALA C 379 23.73 -20.03 40.08
N GLU C 380 22.62 -20.37 40.74
CA GLU C 380 21.37 -19.69 40.45
C GLU C 380 21.39 -18.23 40.89
N GLU C 381 22.27 -17.89 41.82
CA GLU C 381 22.45 -16.48 42.20
C GLU C 381 23.17 -15.72 41.09
N ARG C 382 24.25 -16.30 40.56
CA ARG C 382 24.93 -15.70 39.42
C ARG C 382 23.98 -15.59 38.23
N SER C 383 23.15 -16.61 38.01
CA SER C 383 22.20 -16.57 36.90
C SER C 383 21.21 -15.43 37.07
N ASN C 384 20.72 -15.21 38.30
CA ASN C 384 19.84 -14.08 38.55
C ASN C 384 20.55 -12.76 38.27
N ARG C 385 21.84 -12.67 38.63
CA ARG C 385 22.60 -11.47 38.31
C ARG C 385 22.70 -11.27 36.80
N THR C 386 22.92 -12.36 36.06
CA THR C 386 23.02 -12.27 34.61
C THR C 386 21.71 -11.79 34.00
N LEU C 387 20.58 -12.27 34.53
CA LEU C 387 19.29 -11.87 33.98
C LEU C 387 19.04 -10.39 34.20
N ALA C 388 19.38 -9.87 35.38
CA ALA C 388 19.22 -8.44 35.63
C ALA C 388 20.19 -7.63 34.79
N LEU C 389 21.43 -8.10 34.65
CA LEU C 389 22.44 -7.36 33.89
C LEU C 389 22.06 -7.29 32.42
N ILE C 390 21.72 -8.43 31.82
CA ILE C 390 21.43 -8.46 30.39
C ILE C 390 20.23 -7.59 30.06
N LYS C 391 19.26 -7.51 30.97
CA LYS C 391 18.10 -6.66 30.72
C LYS C 391 18.48 -5.19 30.73
N SER C 392 19.33 -4.78 31.68
CA SER C 392 19.81 -3.41 31.69
C SER C 392 20.63 -3.10 30.43
N VAL C 393 21.54 -4.01 30.08
CA VAL C 393 22.39 -3.81 28.91
C VAL C 393 21.54 -3.73 27.65
N SER C 394 20.51 -4.57 27.55
CA SER C 394 19.68 -4.56 26.35
C SER C 394 18.82 -3.31 26.23
N ASN C 395 18.76 -2.48 27.28
CA ASN C 395 18.08 -1.19 27.25
C ASN C 395 19.03 -0.04 27.58
N ALA C 396 20.32 -0.22 27.28
CA ALA C 396 21.36 0.72 27.67
C ALA C 396 21.46 1.94 26.74
N ILE C 397 20.40 2.29 26.02
CA ILE C 397 20.39 3.51 25.22
C ILE C 397 18.94 3.84 24.88
N THR C 398 18.70 5.10 24.50
CA THR C 398 17.39 5.56 24.06
C THR C 398 17.41 5.76 22.55
N LEU C 399 16.45 5.16 21.87
CA LEU C 399 16.43 5.21 20.41
C LEU C 399 15.90 6.57 19.95
N PRO C 400 16.62 7.28 19.09
CA PRO C 400 16.03 8.47 18.45
C PRO C 400 14.81 8.09 17.61
N GLN C 401 14.08 9.11 17.19
CA GLN C 401 12.91 8.94 16.34
C GLN C 401 13.20 9.54 14.97
N TYR C 402 12.66 8.89 13.92
CA TYR C 402 12.89 9.34 12.56
C TYR C 402 11.64 9.32 11.68
N GLU C 403 10.50 8.82 12.16
CA GLU C 403 9.32 8.60 11.32
C GLU C 403 9.63 7.63 10.17
N LYS D 19 -8.16 1.61 17.73
CA LYS D 19 -8.96 2.82 17.59
C LYS D 19 -10.09 2.64 16.59
N ASN D 20 -10.94 1.65 16.84
CA ASN D 20 -12.18 1.46 16.08
C ASN D 20 -13.33 2.34 16.59
N ILE D 21 -13.00 3.52 17.13
CA ILE D 21 -14.03 4.45 17.59
C ILE D 21 -14.86 4.92 16.42
N LYS D 22 -16.19 4.82 16.54
CA LYS D 22 -17.11 5.25 15.49
C LYS D 22 -17.20 6.77 15.49
N ILE D 23 -16.80 7.38 14.37
CA ILE D 23 -16.81 8.83 14.23
C ILE D 23 -17.59 9.20 12.96
N LEU D 24 -18.51 10.15 13.09
CA LEU D 24 -19.26 10.67 11.96
C LEU D 24 -18.78 12.08 11.65
N VAL D 25 -18.51 12.33 10.37
CA VAL D 25 -18.09 13.65 9.89
C VAL D 25 -19.13 14.11 8.86
N ILE D 26 -19.75 15.25 9.12
CA ILE D 26 -20.90 15.74 8.36
C ILE D 26 -20.44 16.88 7.46
N GLY D 27 -20.44 16.65 6.14
CA GLY D 27 -20.12 17.70 5.20
C GLY D 27 -18.90 17.41 4.36
N ALA D 28 -19.10 17.27 3.06
CA ALA D 28 -18.01 16.96 2.13
C ALA D 28 -17.46 18.23 1.47
N GLY D 29 -17.13 19.22 2.30
CA GLY D 29 -16.59 20.47 1.79
C GLY D 29 -15.08 20.51 1.81
N ILE D 30 -14.51 21.33 2.70
CA ILE D 30 -13.07 21.39 2.91
C ILE D 30 -12.70 20.87 4.28
N ALA D 31 -13.33 21.40 5.34
CA ALA D 31 -13.02 20.95 6.68
C ALA D 31 -13.34 19.46 6.85
N GLY D 32 -14.44 19.01 6.26
CA GLY D 32 -14.88 17.63 6.41
C GLY D 32 -13.88 16.63 5.86
N PRO D 33 -13.62 16.69 4.55
CA PRO D 33 -12.64 15.77 3.96
C PRO D 33 -11.25 15.88 4.57
N ALA D 34 -10.84 17.08 4.98
CA ALA D 34 -9.51 17.24 5.57
C ALA D 34 -9.38 16.47 6.88
N ILE D 35 -10.39 16.57 7.75
CA ILE D 35 -10.28 15.91 9.04
C ILE D 35 -10.46 14.40 8.88
N CYS D 36 -11.13 13.96 7.82
CA CYS D 36 -11.20 12.52 7.56
C CYS D 36 -9.82 11.96 7.24
N TYR D 37 -9.06 12.67 6.43
CA TYR D 37 -7.70 12.23 6.13
C TYR D 37 -6.87 12.12 7.40
N TRP D 38 -6.81 13.20 8.18
CA TRP D 38 -5.99 13.19 9.38
C TRP D 38 -6.47 12.16 10.39
N LEU D 39 -7.79 12.03 10.57
CA LEU D 39 -8.30 11.02 11.49
C LEU D 39 -7.83 9.63 11.09
N ARG D 40 -7.87 9.32 9.80
CA ARG D 40 -7.41 8.00 9.36
C ARG D 40 -5.90 7.88 9.51
N ARG D 41 -5.15 8.93 9.15
CA ARG D 41 -3.71 8.89 9.29
C ARG D 41 -3.29 8.67 10.73
N PHE D 42 -4.11 9.09 11.69
CA PHE D 42 -3.81 8.92 13.11
C PHE D 42 -4.43 7.66 13.70
N GLY D 43 -5.04 6.80 12.88
CA GLY D 43 -5.51 5.51 13.33
C GLY D 43 -7.01 5.39 13.51
N PHE D 44 -7.76 6.49 13.40
CA PHE D 44 -9.19 6.42 13.56
C PHE D 44 -9.86 5.99 12.25
N SER D 45 -11.16 5.69 12.34
CA SER D 45 -11.93 5.20 11.20
C SER D 45 -13.20 6.03 11.03
N PRO D 46 -13.11 7.16 10.34
CA PRO D 46 -14.28 8.03 10.17
C PRO D 46 -15.18 7.60 9.03
N VAL D 47 -16.42 8.09 9.08
CA VAL D 47 -17.39 7.95 8.00
C VAL D 47 -17.85 9.35 7.60
N LEU D 48 -17.92 9.61 6.29
CA LEU D 48 -18.25 10.92 5.76
C LEU D 48 -19.60 10.87 5.06
N ILE D 49 -20.40 11.93 5.27
CA ILE D 49 -21.70 12.06 4.62
C ILE D 49 -21.81 13.43 3.99
N GLU D 50 -22.67 13.52 2.98
CA GLU D 50 -22.93 14.74 2.25
C GLU D 50 -24.41 14.80 1.92
N LYS D 51 -25.01 15.96 2.14
CA LYS D 51 -26.45 16.14 1.91
C LYS D 51 -26.78 16.08 0.43
N TYR D 52 -25.93 16.66 -0.41
CA TYR D 52 -26.22 16.70 -1.84
C TYR D 52 -25.80 15.41 -2.52
N ALA D 53 -26.36 15.20 -3.71
CA ALA D 53 -26.16 13.93 -4.42
C ALA D 53 -24.73 13.74 -4.91
N SER D 54 -23.93 14.80 -4.97
CA SER D 54 -22.57 14.69 -5.44
C SER D 54 -21.73 15.80 -4.81
N ILE D 55 -20.41 15.71 -4.98
CA ILE D 55 -19.52 16.71 -4.42
C ILE D 55 -19.83 18.07 -5.03
N ARG D 56 -20.11 19.04 -4.18
CA ARG D 56 -20.36 20.41 -4.62
C ARG D 56 -19.01 21.07 -4.91
N LYS D 57 -18.69 21.21 -6.19
CA LYS D 57 -17.43 21.79 -6.62
C LYS D 57 -17.55 23.26 -7.00
N GLY D 58 -18.62 23.92 -6.58
CA GLY D 58 -18.74 25.34 -6.83
C GLY D 58 -17.78 26.15 -5.98
N GLY D 59 -17.77 27.46 -6.25
CA GLY D 59 -16.98 28.39 -5.47
C GLY D 59 -15.95 29.14 -6.29
N GLN D 60 -15.67 30.37 -5.90
CA GLN D 60 -14.62 31.17 -6.53
C GLN D 60 -13.25 30.60 -6.14
N ALA D 61 -12.20 31.26 -6.62
CA ALA D 61 -10.85 30.88 -6.27
C ALA D 61 -10.59 31.13 -4.79
N LEU D 62 -9.93 30.17 -4.15
CA LEU D 62 -9.50 30.27 -2.76
C LEU D 62 -7.98 30.37 -2.71
N ASP D 63 -7.45 30.74 -1.55
CA ASP D 63 -6.02 30.90 -1.34
C ASP D 63 -5.58 30.01 -0.18
N VAL D 64 -4.74 29.03 -0.48
CA VAL D 64 -4.09 28.24 0.57
C VAL D 64 -2.85 29.02 1.01
N ARG D 65 -2.79 29.38 2.28
CA ARG D 65 -1.90 30.44 2.74
C ARG D 65 -1.43 30.14 4.16
N GLY D 66 -0.23 30.66 4.48
CA GLY D 66 0.25 30.60 5.84
C GLY D 66 0.54 29.19 6.30
N ILE D 67 0.23 28.91 7.57
CA ILE D 67 0.43 27.59 8.13
C ILE D 67 -0.41 26.53 7.42
N ALA D 68 -1.48 26.95 6.73
CA ALA D 68 -2.28 25.98 5.99
C ALA D 68 -1.46 25.31 4.89
N THR D 69 -0.56 26.07 4.25
CA THR D 69 0.31 25.46 3.25
C THR D 69 1.20 24.40 3.88
N HIS D 70 1.67 24.65 5.11
CA HIS D 70 2.46 23.66 5.82
C HIS D 70 1.67 22.37 6.05
N ILE D 71 0.40 22.50 6.46
CA ILE D 71 -0.45 21.31 6.58
C ILE D 71 -0.64 20.65 5.23
N ALA D 72 -0.90 21.46 4.20
CA ALA D 72 -1.08 20.91 2.86
C ALA D 72 0.14 20.12 2.42
N LYS D 73 1.34 20.65 2.66
CA LYS D 73 2.55 19.91 2.33
C LYS D 73 2.63 18.61 3.12
N GLU D 74 2.27 18.65 4.42
CA GLU D 74 2.29 17.44 5.23
C GLU D 74 1.36 16.37 4.67
N MET D 75 0.18 16.77 4.20
CA MET D 75 -0.77 15.82 3.66
C MET D 75 -0.31 15.22 2.33
N GLY D 76 0.68 15.85 1.69
CA GLY D 76 1.17 15.37 0.42
C GLY D 76 0.39 15.85 -0.80
N ILE D 77 -0.33 16.97 -0.68
CA ILE D 77 -1.16 17.48 -1.78
C ILE D 77 -0.66 18.81 -2.30
N TYR D 78 0.42 19.37 -1.73
CA TYR D 78 0.83 20.71 -2.12
C TYR D 78 1.27 20.77 -3.58
N ASP D 79 1.85 19.69 -4.10
CA ASP D 79 2.23 19.68 -5.51
C ASP D 79 0.99 19.64 -6.39
N GLN D 80 -0.01 18.83 -6.03
CA GLN D 80 -1.25 18.80 -6.80
C GLN D 80 -1.90 20.17 -6.83
N ILE D 81 -2.00 20.82 -5.67
CA ILE D 81 -2.61 22.15 -5.61
C ILE D 81 -1.86 23.11 -6.51
N CYS D 82 -0.51 23.09 -6.47
CA CYS D 82 0.27 23.94 -7.35
C CYS D 82 -0.01 23.62 -8.82
N GLY D 83 -0.28 22.35 -9.13
CA GLY D 83 -0.55 21.99 -10.51
C GLY D 83 -1.89 22.47 -11.01
N MET D 84 -2.87 22.62 -10.11
CA MET D 84 -4.21 23.06 -10.48
C MET D 84 -4.47 24.51 -10.06
N ARG D 85 -3.41 25.32 -9.99
CA ARG D 85 -3.55 26.70 -9.58
C ARG D 85 -4.19 27.53 -10.68
N THR D 86 -4.78 28.65 -10.27
CA THR D 86 -5.42 29.55 -11.22
C THR D 86 -4.46 29.92 -12.34
N ARG D 87 -5.00 30.04 -13.56
CA ARG D 87 -4.21 30.37 -14.74
C ARG D 87 -4.65 31.66 -15.40
N ILE D 88 -5.48 32.46 -14.72
CA ILE D 88 -5.90 33.75 -15.27
C ILE D 88 -4.66 34.57 -15.60
N GLU D 89 -4.56 35.02 -16.84
CA GLU D 89 -3.41 35.78 -17.30
C GLU D 89 -3.64 37.29 -17.30
N CYS D 90 -4.88 37.73 -17.46
CA CYS D 90 -5.19 39.14 -17.52
C CYS D 90 -6.42 39.44 -16.66
N GLY D 91 -6.42 40.60 -16.03
CA GLY D 91 -7.56 41.07 -15.27
C GLY D 91 -7.93 42.48 -15.66
N ARG D 92 -9.20 42.71 -15.98
CA ARG D 92 -9.67 44.02 -16.40
C ARG D 92 -10.84 44.46 -15.54
N PHE D 93 -10.75 45.67 -15.01
CA PHE D 93 -11.90 46.36 -14.43
C PHE D 93 -12.46 47.29 -15.49
N VAL D 94 -13.78 47.25 -15.68
CA VAL D 94 -14.45 48.00 -16.73
C VAL D 94 -15.64 48.73 -16.14
N ASP D 95 -16.14 49.71 -16.90
CA ASP D 95 -17.38 50.38 -16.56
C ASP D 95 -18.54 49.64 -17.20
N SER D 96 -19.75 50.16 -17.03
CA SER D 96 -20.94 49.48 -17.54
C SER D 96 -20.96 49.42 -19.06
N SER D 97 -20.17 50.23 -19.74
CA SER D 97 -20.10 50.19 -21.20
C SER D 97 -19.06 49.20 -21.73
N GLY D 98 -18.32 48.53 -20.84
CA GLY D 98 -17.25 47.67 -21.25
C GLY D 98 -15.91 48.34 -21.46
N LYS D 99 -15.82 49.64 -21.19
CA LYS D 99 -14.58 50.38 -21.42
C LYS D 99 -13.59 50.10 -20.29
N VAL D 100 -12.37 49.78 -20.67
CA VAL D 100 -11.37 49.32 -19.71
C VAL D 100 -10.85 50.51 -18.91
N LEU D 101 -10.81 50.34 -17.59
CA LEU D 101 -10.31 51.35 -16.67
C LEU D 101 -8.97 50.97 -16.06
N HIS D 102 -8.82 49.71 -15.64
CA HIS D 102 -7.57 49.19 -15.11
C HIS D 102 -7.37 47.79 -15.67
N GLU D 103 -6.15 47.50 -16.11
CA GLU D 103 -5.79 46.19 -16.61
C GLU D 103 -4.52 45.73 -15.92
N GLU D 104 -4.52 44.47 -15.46
CA GLU D 104 -3.38 43.85 -14.83
C GLU D 104 -3.04 42.55 -15.55
N HIS D 105 -1.81 42.08 -15.34
CA HIS D 105 -1.33 40.88 -16.01
C HIS D 105 -0.59 39.97 -15.04
N GLY D 106 -0.95 40.00 -13.76
CA GLY D 106 -0.34 39.16 -12.75
C GLY D 106 0.34 39.91 -11.63
N GLU D 107 0.33 41.24 -11.63
CA GLU D 107 1.02 41.99 -10.59
C GLU D 107 0.50 41.66 -9.20
N LYS D 108 -0.79 41.34 -9.09
CA LYS D 108 -1.39 41.06 -7.78
C LYS D 108 -0.69 39.90 -7.08
N PHE D 109 -0.28 38.88 -7.83
CA PHE D 109 0.29 37.68 -7.24
C PHE D 109 1.72 37.89 -6.73
N GLY D 110 2.46 38.85 -7.29
CA GLY D 110 3.81 39.10 -6.80
C GLY D 110 3.84 39.63 -5.38
N PHE D 111 2.96 40.58 -5.06
CA PHE D 111 3.01 41.24 -3.76
C PHE D 111 2.68 40.31 -2.60
N ARG D 112 2.16 39.13 -2.87
CA ARG D 112 1.61 38.28 -1.82
C ARG D 112 2.66 37.39 -1.19
N GLN D 113 2.26 36.72 -0.11
CA GLN D 113 3.08 35.77 0.63
C GLN D 113 3.74 34.76 -0.30
N ASP D 114 4.80 34.10 0.17
CA ASP D 114 5.62 33.26 -0.70
C ASP D 114 4.92 31.96 -1.06
N ASP D 115 4.52 31.18 -0.07
CA ASP D 115 3.96 29.85 -0.31
C ASP D 115 2.48 29.87 -0.64
N GLU D 116 1.88 31.05 -0.78
CA GLU D 116 0.47 31.14 -1.11
C GLU D 116 0.20 30.55 -2.50
N VAL D 117 -0.86 29.76 -2.60
CA VAL D 117 -1.30 29.18 -3.87
C VAL D 117 -2.79 29.43 -4.03
N GLU D 118 -3.19 29.99 -5.16
CA GLU D 118 -4.59 30.25 -5.48
C GLU D 118 -5.12 29.15 -6.38
N ILE D 119 -6.28 28.61 -6.01
CA ILE D 119 -6.87 27.45 -6.69
C ILE D 119 -8.39 27.54 -6.56
N VAL D 120 -9.08 27.14 -7.63
CA VAL D 120 -10.54 27.10 -7.59
C VAL D 120 -11.00 26.14 -6.51
N ARG D 121 -12.05 26.53 -5.79
CA ARG D 121 -12.49 25.75 -4.63
C ARG D 121 -12.76 24.30 -5.00
N GLY D 122 -13.48 24.07 -6.10
CA GLY D 122 -13.84 22.71 -6.47
C GLY D 122 -12.63 21.84 -6.76
N ASP D 123 -11.61 22.41 -7.39
CA ASP D 123 -10.37 21.68 -7.60
C ASP D 123 -9.73 21.28 -6.27
N LEU D 124 -9.73 22.18 -5.29
CA LEU D 124 -9.20 21.85 -3.98
C LEU D 124 -10.01 20.74 -3.31
N VAL D 125 -11.34 20.83 -3.39
CA VAL D 125 -12.18 19.78 -2.82
C VAL D 125 -11.91 18.45 -3.50
N GLU D 126 -11.68 18.47 -4.82
CA GLU D 126 -11.40 17.23 -5.54
C GLU D 126 -10.09 16.61 -5.10
N ILE D 127 -9.05 17.43 -4.94
CA ILE D 127 -7.77 16.92 -4.43
C ILE D 127 -7.96 16.32 -3.05
N LEU D 128 -8.81 16.94 -2.22
CA LEU D 128 -9.02 16.43 -0.88
C LEU D 128 -9.81 15.12 -0.90
N MET D 129 -10.79 15.01 -1.80
CA MET D 129 -11.58 13.79 -1.87
C MET D 129 -10.73 12.62 -2.38
N LYS D 130 -9.73 12.88 -3.23
CA LYS D 130 -8.85 11.82 -3.68
C LYS D 130 -7.96 11.30 -2.56
N THR D 131 -7.74 12.10 -1.52
CA THR D 131 -6.91 11.70 -0.39
C THR D 131 -7.63 10.74 0.56
N ILE D 132 -8.94 10.56 0.40
CA ILE D 132 -9.73 9.76 1.34
C ILE D 132 -10.58 8.75 0.58
N THR D 133 -10.05 8.24 -0.55
CA THR D 133 -10.77 7.25 -1.33
C THR D 133 -11.08 5.99 -0.52
N ASP D 134 -10.26 5.69 0.48
CA ASP D 134 -10.47 4.52 1.33
C ASP D 134 -11.40 4.81 2.52
N ILE D 135 -11.98 5.99 2.59
CA ILE D 135 -12.89 6.38 3.68
C ILE D 135 -14.32 6.32 3.16
N PRO D 136 -15.23 5.66 3.88
CA PRO D 136 -16.62 5.60 3.40
C PRO D 136 -17.24 6.98 3.24
N CYS D 137 -17.99 7.16 2.16
CA CYS D 137 -18.60 8.44 1.85
C CYS D 137 -19.98 8.19 1.24
N TYR D 138 -21.02 8.65 1.92
CA TYR D 138 -22.40 8.48 1.48
C TYR D 138 -22.98 9.84 1.12
N PHE D 139 -23.46 9.98 -0.12
CA PHE D 139 -24.10 11.19 -0.59
C PHE D 139 -25.62 11.09 -0.45
N ASN D 140 -26.29 12.22 -0.68
CA ASN D 140 -27.75 12.31 -0.54
C ASN D 140 -28.20 11.79 0.83
N GLN D 141 -27.42 12.10 1.87
CA GLN D 141 -27.69 11.64 3.24
C GLN D 141 -27.91 12.86 4.12
N SER D 142 -29.07 12.92 4.77
CA SER D 142 -29.47 14.09 5.53
C SER D 142 -29.86 13.68 6.95
N ILE D 143 -29.26 14.31 7.94
CA ILE D 143 -29.64 14.10 9.33
C ILE D 143 -30.87 14.92 9.65
N ILE D 144 -31.84 14.31 10.33
CA ILE D 144 -33.07 15.00 10.68
C ILE D 144 -33.06 15.40 12.16
N SER D 145 -32.35 14.64 13.00
CA SER D 145 -32.21 15.01 14.40
C SER D 145 -31.02 14.27 15.00
N ILE D 146 -30.46 14.86 16.05
CA ILE D 146 -29.31 14.30 16.75
C ILE D 146 -29.59 14.36 18.25
N GLN D 147 -29.27 13.28 18.95
CA GLN D 147 -29.34 13.22 20.40
C GLN D 147 -28.06 12.58 20.91
N GLN D 148 -27.73 12.84 22.19
CA GLN D 148 -26.52 12.25 22.74
C GLN D 148 -26.69 12.00 24.24
N ASN D 149 -25.96 11.00 24.71
CA ASN D 149 -25.85 10.69 26.13
C ASN D 149 -24.39 10.37 26.41
N SER D 150 -24.10 10.05 27.67
CA SER D 150 -22.72 9.80 28.08
C SER D 150 -22.07 8.69 27.27
N ASP D 151 -22.86 7.76 26.73
CA ASP D 151 -22.31 6.61 26.02
C ASP D 151 -22.10 6.87 24.54
N HIS D 152 -23.10 7.44 23.85
CA HIS D 152 -23.03 7.57 22.40
C HIS D 152 -23.93 8.71 21.94
N VAL D 153 -23.73 9.09 20.68
CA VAL D 153 -24.61 10.02 19.97
C VAL D 153 -25.57 9.22 19.10
N THR D 154 -26.81 9.67 19.02
CA THR D 154 -27.82 9.04 18.19
C THR D 154 -28.12 9.96 17.01
N VAL D 155 -27.93 9.44 15.80
CA VAL D 155 -28.12 10.19 14.57
C VAL D 155 -29.28 9.56 13.80
N ASN D 156 -30.29 10.38 13.50
CA ASN D 156 -31.46 9.93 12.77
C ASN D 156 -31.43 10.51 11.36
N PHE D 157 -31.62 9.65 10.37
CA PHE D 157 -31.51 10.01 8.96
C PHE D 157 -32.88 10.04 8.31
N LYS D 158 -32.99 10.85 7.25
CA LYS D 158 -34.26 11.05 6.56
C LYS D 158 -34.80 9.77 5.94
N ASP D 159 -33.93 8.82 5.60
CA ASP D 159 -34.36 7.59 4.93
C ASP D 159 -34.81 6.51 5.91
N GLY D 160 -34.77 6.76 7.22
CA GLY D 160 -35.23 5.82 8.21
C GLY D 160 -34.15 5.15 9.02
N GLN D 161 -32.89 5.51 8.83
CA GLN D 161 -31.79 4.89 9.54
C GLN D 161 -31.52 5.63 10.85
N VAL D 162 -31.14 4.86 11.87
CA VAL D 162 -30.77 5.39 13.18
C VAL D 162 -29.44 4.75 13.54
N GLU D 163 -28.39 5.56 13.63
CA GLU D 163 -27.04 5.07 13.88
C GLU D 163 -26.49 5.67 15.16
N HIS D 164 -25.70 4.88 15.89
CA HIS D 164 -25.07 5.31 17.12
C HIS D 164 -23.59 5.53 16.87
N TYR D 165 -23.06 6.66 17.33
CA TYR D 165 -21.67 7.04 17.11
C TYR D 165 -21.02 7.44 18.43
N ASP D 166 -19.72 7.21 18.52
CA ASP D 166 -18.96 7.60 19.69
C ASP D 166 -18.68 9.10 19.70
N LEU D 167 -18.37 9.66 18.53
CA LEU D 167 -18.17 11.08 18.35
C LEU D 167 -18.78 11.50 17.01
N VAL D 168 -19.27 12.72 16.95
CA VAL D 168 -19.76 13.32 15.72
C VAL D 168 -19.07 14.66 15.53
N ILE D 169 -18.57 14.91 14.33
CA ILE D 169 -17.90 16.15 13.99
C ILE D 169 -18.64 16.80 12.83
N ALA D 170 -19.01 18.08 13.01
CA ALA D 170 -19.80 18.82 12.05
C ALA D 170 -18.89 19.67 11.18
N ALA D 171 -19.03 19.53 9.87
CA ALA D 171 -18.33 20.36 8.90
C ALA D 171 -19.27 20.73 7.78
N ASP D 172 -20.49 21.11 8.14
CA ASP D 172 -21.56 21.36 7.18
C ASP D 172 -21.80 22.85 6.93
N GLY D 173 -20.86 23.72 7.34
CA GLY D 173 -20.85 25.10 6.89
C GLY D 173 -21.48 26.05 7.90
N ILE D 174 -21.52 27.32 7.50
CA ILE D 174 -21.95 28.39 8.40
C ILE D 174 -23.41 28.20 8.81
N HIS D 175 -24.24 27.62 7.95
CA HIS D 175 -25.62 27.30 8.26
C HIS D 175 -25.77 25.94 8.95
N SER D 176 -24.71 25.48 9.63
CA SER D 176 -24.66 24.14 10.22
C SER D 176 -25.97 23.72 10.86
N ALA D 177 -26.67 22.77 10.22
CA ALA D 177 -27.84 22.17 10.85
C ALA D 177 -27.47 21.44 12.13
N THR D 178 -26.28 20.83 12.16
CA THR D 178 -25.80 20.17 13.38
C THR D 178 -25.69 21.16 14.53
N ARG D 179 -25.12 22.35 14.27
CA ARG D 179 -25.02 23.35 15.32
C ARG D 179 -26.39 23.68 15.90
N ARG D 180 -27.41 23.74 15.03
CA ARG D 180 -28.75 24.07 15.50
C ARG D 180 -29.38 22.92 16.26
N MET D 181 -29.01 21.68 15.93
CA MET D 181 -29.57 20.51 16.61
C MET D 181 -28.91 20.20 17.93
N VAL D 182 -27.71 20.72 18.17
CA VAL D 182 -26.91 20.36 19.33
C VAL D 182 -26.71 21.55 20.27
N PHE D 183 -26.57 22.75 19.72
CA PHE D 183 -26.34 23.95 20.51
C PHE D 183 -27.62 24.77 20.62
N ASP D 184 -27.79 25.41 21.78
CA ASP D 184 -28.91 26.31 22.00
C ASP D 184 -28.63 27.67 21.37
N LYS D 185 -29.69 28.46 21.19
CA LYS D 185 -29.55 29.76 20.55
C LYS D 185 -28.68 30.71 21.36
N ASN D 186 -28.59 30.52 22.67
CA ASN D 186 -27.76 31.38 23.51
C ASN D 186 -26.28 31.05 23.45
N GLU D 187 -25.89 30.02 22.71
CA GLU D 187 -24.50 29.56 22.66
C GLU D 187 -23.79 29.89 21.35
N TYR D 188 -24.51 30.39 20.34
CA TYR D 188 -23.87 30.79 19.09
C TYR D 188 -24.57 32.02 18.54
N GLN D 189 -23.78 32.87 17.89
CA GLN D 189 -24.28 34.13 17.32
C GLN D 189 -23.76 34.27 15.90
N LEU D 190 -24.65 34.61 14.98
CA LEU D 190 -24.30 34.86 13.59
C LEU D 190 -24.32 36.38 13.36
N ILE D 191 -23.19 36.92 12.90
CA ILE D 191 -23.00 38.36 12.77
C ILE D 191 -22.93 38.71 11.28
N HIS D 192 -23.91 39.47 10.81
CA HIS D 192 -23.97 39.90 9.42
C HIS D 192 -23.04 41.08 9.21
N LEU D 193 -22.16 40.98 8.21
CA LEU D 193 -21.23 42.05 7.87
C LEU D 193 -21.75 42.95 6.75
N GLY D 194 -23.06 42.92 6.50
CA GLY D 194 -23.67 43.84 5.56
C GLY D 194 -23.38 43.59 4.11
N ALA D 195 -23.13 42.34 3.72
CA ALA D 195 -22.75 42.03 2.36
C ALA D 195 -23.23 40.64 1.99
N TYR D 196 -23.27 40.39 0.69
CA TYR D 196 -23.70 39.11 0.13
C TYR D 196 -22.73 38.72 -0.97
N LEU D 197 -22.61 37.40 -1.19
CA LEU D 197 -21.71 36.84 -2.18
C LEU D 197 -22.44 35.77 -2.98
N SER D 198 -22.19 35.72 -4.30
CA SER D 198 -22.78 34.68 -5.13
C SER D 198 -21.82 34.37 -6.27
N THR D 199 -21.68 33.08 -6.59
CA THR D 199 -20.88 32.66 -7.72
C THR D 199 -21.50 31.41 -8.33
N PHE D 200 -21.43 31.29 -9.65
CA PHE D 200 -21.93 30.12 -10.35
C PHE D 200 -21.29 30.07 -11.73
N THR D 201 -21.22 28.87 -12.30
CA THR D 201 -20.66 28.70 -13.63
C THR D 201 -21.78 28.71 -14.67
N ILE D 202 -21.46 29.26 -15.83
CA ILE D 202 -22.37 29.35 -16.97
C ILE D 202 -21.61 29.04 -18.24
N PRO D 203 -22.27 28.79 -19.35
CA PRO D 203 -21.56 28.65 -20.62
C PRO D 203 -20.83 29.94 -20.95
N ASN D 204 -19.62 29.80 -21.49
CA ASN D 204 -18.73 30.93 -21.75
C ASN D 204 -19.17 31.64 -23.03
N TYR D 205 -20.36 32.24 -22.96
CA TYR D 205 -20.95 32.87 -24.14
C TYR D 205 -20.09 33.99 -24.71
N LEU D 206 -19.20 34.58 -23.90
CA LEU D 206 -18.33 35.65 -24.38
C LEU D 206 -17.03 35.14 -24.98
N ASN D 207 -16.83 33.83 -25.03
CA ASN D 207 -15.60 33.24 -25.56
C ASN D 207 -14.37 33.82 -24.85
N LEU D 208 -14.48 34.01 -23.55
CA LEU D 208 -13.35 34.51 -22.77
C LEU D 208 -12.27 33.44 -22.67
N ARG D 209 -11.01 33.90 -22.59
CA ARG D 209 -9.88 33.01 -22.46
C ARG D 209 -8.92 33.56 -21.41
N HIS D 210 -8.76 32.83 -20.31
CA HIS D 210 -7.79 33.16 -19.26
C HIS D 210 -7.84 34.65 -18.90
N ILE D 211 -9.04 35.13 -18.58
CA ILE D 211 -9.24 36.54 -18.27
C ILE D 211 -10.34 36.65 -17.23
N ASP D 212 -10.27 37.71 -16.43
CA ASP D 212 -11.30 38.03 -15.45
C ASP D 212 -11.73 39.47 -15.67
N LEU D 213 -13.03 39.67 -15.87
CA LEU D 213 -13.62 41.00 -16.08
C LEU D 213 -14.49 41.34 -14.88
N GLU D 214 -14.32 42.54 -14.35
CA GLU D 214 -15.08 42.97 -13.18
C GLU D 214 -15.56 44.40 -13.36
N CYS D 215 -16.76 44.68 -12.87
CA CYS D 215 -17.37 46.00 -12.94
C CYS D 215 -17.97 46.33 -11.58
N GLU D 216 -17.53 47.44 -11.00
CA GLU D 216 -17.99 47.87 -9.68
C GLU D 216 -18.74 49.18 -9.80
N ALA D 217 -19.92 49.25 -9.17
CA ALA D 217 -20.72 50.46 -9.21
C ALA D 217 -21.80 50.39 -8.14
N ASN D 218 -21.98 51.49 -7.41
CA ASN D 218 -23.06 51.64 -6.44
C ASN D 218 -23.05 50.52 -5.40
N HIS D 219 -21.87 50.26 -4.84
CA HIS D 219 -21.72 49.27 -3.78
C HIS D 219 -22.08 47.86 -4.27
N LYS D 220 -21.84 47.61 -5.55
CA LYS D 220 -22.08 46.31 -6.15
C LYS D 220 -20.87 45.94 -7.01
N LEU D 221 -20.68 44.64 -7.21
CA LEU D 221 -19.59 44.14 -8.04
C LEU D 221 -20.10 42.96 -8.86
N VAL D 222 -19.82 42.98 -10.16
CA VAL D 222 -20.17 41.90 -11.08
C VAL D 222 -18.89 41.42 -11.74
N SER D 223 -18.69 40.11 -11.79
CA SER D 223 -17.48 39.53 -12.35
C SER D 223 -17.82 38.33 -13.21
N ILE D 224 -16.95 38.06 -14.18
CA ILE D 224 -17.05 36.88 -15.03
C ILE D 224 -15.63 36.54 -15.47
N ASN D 225 -15.25 35.27 -15.35
CA ASN D 225 -13.90 34.87 -15.69
C ASN D 225 -13.90 33.55 -16.43
N ASN D 226 -12.80 33.28 -17.12
CA ASN D 226 -12.52 31.98 -17.70
C ASN D 226 -11.10 31.58 -17.31
N ASP D 227 -10.94 30.36 -16.84
CA ASP D 227 -9.63 29.91 -16.38
C ASP D 227 -9.09 28.76 -17.24
N ASN D 228 -9.56 27.54 -16.98
CA ASN D 228 -9.09 26.36 -17.70
C ASN D 228 -10.11 25.90 -18.76
N ASP D 229 -11.28 25.47 -18.33
CA ASP D 229 -12.25 24.94 -19.27
C ASP D 229 -12.70 26.04 -20.23
N PRO D 230 -12.35 25.98 -21.53
CA PRO D 230 -12.75 27.05 -22.45
C PRO D 230 -14.25 27.12 -22.70
N GLU D 231 -15.01 26.12 -22.29
CA GLU D 231 -16.45 26.09 -22.53
C GLU D 231 -17.25 26.72 -21.40
N ILE D 232 -16.62 27.03 -20.27
CA ILE D 232 -17.33 27.46 -19.08
C ILE D 232 -16.76 28.79 -18.60
N ALA D 233 -17.65 29.65 -18.11
CA ALA D 233 -17.27 30.89 -17.45
C ALA D 233 -17.87 30.90 -16.05
N ARG D 234 -17.17 31.54 -15.12
CA ARG D 234 -17.63 31.66 -13.74
C ARG D 234 -18.06 33.09 -13.49
N ALA D 235 -19.30 33.26 -13.08
CA ALA D 235 -19.86 34.56 -12.75
C ALA D 235 -19.75 34.81 -11.26
N GLY D 236 -19.65 36.08 -10.89
CA GLY D 236 -19.55 36.46 -9.51
C GLY D 236 -20.33 37.72 -9.21
N PHE D 237 -21.01 37.76 -8.05
CA PHE D 237 -21.75 38.93 -7.61
C PHE D 237 -21.40 39.18 -6.15
N MET D 238 -21.08 40.44 -5.83
CA MET D 238 -20.87 40.86 -4.45
C MET D 238 -21.51 42.23 -4.30
N PHE D 239 -22.28 42.41 -3.22
CA PHE D 239 -22.98 43.68 -3.02
C PHE D 239 -23.22 43.90 -1.54
N LEU D 240 -23.33 45.17 -1.17
CA LEU D 240 -23.60 45.56 0.21
C LEU D 240 -25.10 45.63 0.44
N SER D 241 -25.56 45.07 1.56
CA SER D 241 -26.97 45.10 1.91
C SER D 241 -27.11 44.71 3.38
N GLN D 242 -28.11 45.29 4.03
CA GLN D 242 -28.50 44.92 5.39
C GLN D 242 -29.79 44.11 5.41
N HIS D 243 -30.47 43.99 4.28
CA HIS D 243 -31.65 43.15 4.17
C HIS D 243 -31.32 41.72 4.58
N ILE D 244 -32.29 41.05 5.18
CA ILE D 244 -32.17 39.66 5.61
C ILE D 244 -33.28 38.86 4.93
N LEU D 245 -32.91 37.71 4.38
CA LEU D 245 -33.90 36.87 3.70
C LEU D 245 -34.81 36.19 4.71
N LYS D 246 -36.02 35.87 4.25
CA LYS D 246 -36.94 35.08 5.07
C LYS D 246 -36.31 33.74 5.42
N ASP D 247 -35.70 33.08 4.44
CA ASP D 247 -34.99 31.82 4.65
C ASP D 247 -33.72 31.85 3.80
N ILE D 248 -32.58 32.09 4.44
CA ILE D 248 -31.31 32.20 3.74
C ILE D 248 -30.97 30.95 2.93
N ARG D 249 -31.70 29.86 3.15
CA ARG D 249 -31.45 28.60 2.46
C ARG D 249 -32.38 28.38 1.27
N ASP D 250 -33.31 29.29 1.02
CA ASP D 250 -34.24 29.17 -0.10
C ASP D 250 -33.57 29.71 -1.35
N GLU D 251 -33.09 28.81 -2.22
CA GLU D 251 -32.42 29.23 -3.44
C GLU D 251 -33.29 30.15 -4.28
N HIS D 252 -34.60 29.93 -4.28
CA HIS D 252 -35.49 30.76 -5.09
C HIS D 252 -35.53 32.19 -4.57
N GLU D 253 -35.53 32.37 -3.25
CA GLU D 253 -35.43 33.72 -2.70
C GLU D 253 -34.05 34.32 -2.93
N GLN D 254 -33.00 33.51 -2.78
CA GLN D 254 -31.65 33.98 -3.10
C GLN D 254 -31.58 34.53 -4.52
N LYS D 255 -32.02 33.72 -5.49
CA LYS D 255 -31.91 34.12 -6.89
C LYS D 255 -32.79 35.31 -7.22
N GLN D 256 -33.96 35.41 -6.59
CA GLN D 256 -34.82 36.58 -6.83
C GLN D 256 -34.22 37.83 -6.21
N PHE D 257 -33.63 37.71 -5.02
CA PHE D 257 -32.97 38.85 -4.38
C PHE D 257 -31.80 39.33 -5.22
N LEU D 258 -31.04 38.39 -5.79
CA LEU D 258 -29.91 38.77 -6.64
C LEU D 258 -30.39 39.43 -7.92
N CYS D 259 -31.48 38.91 -8.52
CA CYS D 259 -32.02 39.51 -9.73
C CYS D 259 -32.57 40.92 -9.49
N ASP D 260 -33.07 41.18 -8.27
CA ASP D 260 -33.62 42.50 -7.96
C ASP D 260 -32.52 43.50 -7.65
N THR D 261 -31.51 43.10 -6.86
CA THR D 261 -30.45 44.04 -6.52
C THR D 261 -29.68 44.50 -7.74
N PHE D 262 -29.47 43.59 -8.70
CA PHE D 262 -28.67 43.89 -9.89
C PHE D 262 -29.55 44.23 -11.10
N ARG D 263 -30.84 44.42 -10.88
CA ARG D 263 -31.69 44.99 -11.93
C ARG D 263 -31.28 46.44 -12.17
N ASP D 264 -31.02 46.76 -13.43
CA ASP D 264 -30.59 48.08 -13.90
C ASP D 264 -29.09 48.28 -13.74
N PHE D 265 -28.33 47.27 -13.30
CA PHE D 265 -26.89 47.44 -13.19
C PHE D 265 -26.24 47.58 -14.57
N GLY D 266 -26.79 46.91 -15.58
CA GLY D 266 -26.27 47.01 -16.92
C GLY D 266 -25.13 46.04 -17.17
N TRP D 267 -24.32 46.40 -18.15
CA TRP D 267 -23.13 45.61 -18.53
C TRP D 267 -23.62 44.21 -18.91
N GLU D 268 -22.96 43.15 -18.44
CA GLU D 268 -23.28 41.78 -18.83
C GLU D 268 -24.17 41.11 -17.79
N THR D 269 -24.77 41.89 -16.89
CA THR D 269 -25.52 41.32 -15.77
C THR D 269 -26.67 40.45 -16.25
N GLN D 270 -27.49 40.97 -17.17
CA GLN D 270 -28.67 40.22 -17.59
C GLN D 270 -28.28 39.00 -18.42
N ASN D 271 -27.26 39.15 -19.29
CA ASN D 271 -26.76 37.97 -20.00
C ASN D 271 -26.26 36.91 -19.03
N ILE D 272 -25.72 37.33 -17.88
CA ILE D 272 -25.25 36.37 -16.88
C ILE D 272 -26.44 35.76 -16.15
N LEU D 273 -27.36 36.59 -15.66
CA LEU D 273 -28.47 36.06 -14.87
C LEU D 273 -29.42 35.22 -15.72
N ASN D 274 -29.50 35.48 -17.02
CA ASN D 274 -30.36 34.65 -17.88
C ASN D 274 -29.84 33.22 -17.96
N ARG D 275 -28.53 33.02 -17.80
CA ARG D 275 -27.93 31.70 -17.83
C ARG D 275 -27.84 31.09 -16.43
N MET D 276 -28.41 31.74 -15.43
CA MET D 276 -28.31 31.25 -14.06
C MET D 276 -29.07 29.94 -13.87
N SER D 277 -30.18 29.75 -14.60
CA SER D 277 -31.00 28.57 -14.41
C SER D 277 -30.34 27.31 -14.94
N GLU D 278 -29.42 27.43 -15.90
CA GLU D 278 -28.69 26.27 -16.43
C GLU D 278 -27.39 26.00 -15.70
N SER D 279 -27.10 26.73 -14.63
CA SER D 279 -25.90 26.49 -13.83
C SER D 279 -26.16 25.34 -12.85
N ASP D 280 -25.15 24.48 -12.69
CA ASP D 280 -25.26 23.31 -11.83
C ASP D 280 -24.46 23.45 -10.54
N ASP D 281 -23.87 24.62 -10.27
CA ASP D 281 -23.04 24.81 -9.06
C ASP D 281 -23.37 26.13 -8.37
N PHE D 282 -24.65 26.47 -8.29
CA PHE D 282 -25.03 27.77 -7.75
C PHE D 282 -24.63 27.89 -6.28
N TYR D 283 -24.07 29.05 -5.93
CA TYR D 283 -23.70 29.36 -4.55
C TYR D 283 -24.13 30.78 -4.22
N PHE D 284 -24.78 30.94 -3.08
CA PHE D 284 -25.21 32.24 -2.59
C PHE D 284 -25.20 32.18 -1.08
N ASP D 285 -24.70 33.25 -0.46
CA ASP D 285 -24.74 33.32 0.99
C ASP D 285 -24.50 34.75 1.41
N ALA D 286 -24.86 35.03 2.65
CA ALA D 286 -24.53 36.30 3.27
C ALA D 286 -23.13 36.22 3.85
N ILE D 287 -22.42 37.35 3.83
CA ILE D 287 -21.11 37.46 4.45
C ILE D 287 -21.34 37.57 5.94
N THR D 288 -21.03 36.49 6.66
CA THR D 288 -21.41 36.34 8.05
C THR D 288 -20.28 35.68 8.82
N GLN D 289 -20.30 35.83 10.14
CA GLN D 289 -19.35 35.17 11.02
C GLN D 289 -20.11 34.45 12.13
N VAL D 290 -19.51 33.38 12.63
CA VAL D 290 -20.08 32.57 13.70
C VAL D 290 -19.26 32.83 14.95
N LYS D 291 -19.92 33.28 16.02
CA LYS D 291 -19.29 33.62 17.28
C LYS D 291 -19.75 32.62 18.34
N MET D 292 -18.82 31.81 18.85
CA MET D 292 -19.11 30.85 19.90
C MET D 292 -17.99 30.92 20.94
N ASN D 293 -18.34 30.66 22.20
CA ASN D 293 -17.33 30.58 23.24
C ASN D 293 -16.66 29.21 23.26
N SER D 294 -17.38 28.18 22.83
CA SER D 294 -16.88 26.82 22.72
C SER D 294 -17.43 26.19 21.46
N TRP D 295 -16.65 25.29 20.87
CA TRP D 295 -17.00 24.62 19.63
C TRP D 295 -17.26 23.13 19.84
N THR D 296 -17.49 22.71 21.10
CA THR D 296 -17.70 21.33 21.45
C THR D 296 -18.83 21.24 22.47
N LYS D 297 -19.59 20.14 22.41
CA LYS D 297 -20.62 19.85 23.40
C LYS D 297 -20.69 18.33 23.55
N GLY D 298 -20.18 17.82 24.66
CA GLY D 298 -20.20 16.38 24.89
C GLY D 298 -19.37 15.66 23.86
N ARG D 299 -20.02 14.75 23.13
CA ARG D 299 -19.37 13.93 22.12
C ARG D 299 -19.44 14.54 20.73
N ILE D 300 -19.82 15.82 20.62
CA ILE D 300 -20.04 16.47 19.33
C ILE D 300 -19.15 17.70 19.26
N ALA D 301 -18.39 17.80 18.17
CA ALA D 301 -17.50 18.93 17.93
C ALA D 301 -17.81 19.56 16.59
N LEU D 302 -17.62 20.88 16.53
CA LEU D 302 -17.78 21.64 15.30
C LEU D 302 -16.41 22.03 14.76
N ILE D 303 -16.25 21.96 13.44
CA ILE D 303 -15.05 22.41 12.77
C ILE D 303 -15.43 23.25 11.57
N GLY D 304 -14.48 24.10 11.15
CA GLY D 304 -14.69 24.93 9.98
C GLY D 304 -15.71 26.02 10.23
N ASP D 305 -16.41 26.39 9.16
CA ASP D 305 -17.37 27.50 9.24
C ASP D 305 -18.48 27.22 10.24
N ALA D 306 -18.88 25.97 10.40
CA ALA D 306 -19.91 25.63 11.38
C ALA D 306 -19.58 26.20 12.75
N GLY D 307 -18.29 26.29 13.09
CA GLY D 307 -17.89 26.76 14.40
C GLY D 307 -17.41 28.20 14.45
N TYR D 308 -16.65 28.64 13.44
CA TYR D 308 -15.94 29.91 13.56
C TYR D 308 -15.74 30.56 12.20
N CYS D 309 -16.75 30.49 11.34
CA CYS D 309 -16.64 31.06 10.00
C CYS D 309 -16.05 32.46 10.06
N PRO D 310 -14.91 32.73 9.42
CA PRO D 310 -14.40 34.10 9.36
C PRO D 310 -15.03 34.95 8.28
N SER D 311 -15.86 34.35 7.42
CA SER D 311 -16.57 35.03 6.34
C SER D 311 -15.69 35.11 5.10
N PRO D 312 -16.28 35.20 3.91
CA PRO D 312 -15.47 35.45 2.71
C PRO D 312 -14.52 36.64 2.82
N LEU D 313 -14.86 37.68 3.59
CA LEU D 313 -14.03 38.88 3.62
C LEU D 313 -12.68 38.66 4.27
N SER D 314 -12.50 37.56 5.02
CA SER D 314 -11.20 37.22 5.59
C SER D 314 -10.32 36.46 4.62
N GLY D 315 -10.88 35.84 3.59
CA GLY D 315 -10.09 35.03 2.70
C GLY D 315 -9.39 33.87 3.37
N GLN D 316 -9.86 33.46 4.55
CA GLN D 316 -9.16 32.49 5.37
C GLN D 316 -10.01 31.29 5.79
N GLY D 317 -11.22 31.16 5.25
CA GLY D 317 -12.10 30.08 5.68
C GLY D 317 -11.51 28.71 5.45
N ASN D 318 -10.95 28.49 4.26
CA ASN D 318 -10.39 27.18 3.95
C ASN D 318 -9.17 26.87 4.82
N ASN D 319 -8.35 27.88 5.09
CA ASN D 319 -7.15 27.67 5.89
C ASN D 319 -7.51 27.40 7.34
N LEU D 320 -8.54 28.07 7.86
CA LEU D 320 -9.03 27.77 9.20
C LEU D 320 -9.68 26.39 9.25
N ALA D 321 -10.31 25.97 8.16
CA ALA D 321 -10.81 24.59 8.09
C ALA D 321 -9.66 23.60 8.18
N PHE D 322 -8.57 23.85 7.44
CA PHE D 322 -7.41 22.98 7.53
C PHE D 322 -6.89 22.90 8.96
N VAL D 323 -6.67 24.06 9.59
CA VAL D 323 -6.06 24.08 10.92
C VAL D 323 -6.95 23.40 11.95
N GLY D 324 -8.26 23.70 11.91
CA GLY D 324 -9.16 23.08 12.87
C GLY D 324 -9.22 21.57 12.72
N ALA D 325 -9.19 21.08 11.48
CA ALA D 325 -9.20 19.64 11.25
C ALA D 325 -7.93 18.98 11.80
N TYR D 326 -6.77 19.58 11.53
CA TYR D 326 -5.51 18.99 11.97
C TYR D 326 -5.43 18.95 13.48
N ILE D 327 -5.80 20.04 14.16
CA ILE D 327 -5.63 20.13 15.61
C ILE D 327 -6.59 19.20 16.32
N LEU D 328 -7.86 19.17 15.90
CA LEU D 328 -8.83 18.29 16.55
C LEU D 328 -8.40 16.83 16.44
N ALA D 329 -8.09 16.38 15.22
CA ALA D 329 -7.66 15.00 15.03
C ALA D 329 -6.36 14.72 15.79
N GLY D 330 -5.43 15.69 15.80
CA GLY D 330 -4.19 15.49 16.53
C GLY D 330 -4.40 15.39 18.03
N GLU D 331 -5.23 16.27 18.58
CA GLU D 331 -5.49 16.25 20.02
C GLU D 331 -6.19 14.97 20.43
N LEU D 332 -7.07 14.44 19.57
CA LEU D 332 -7.69 13.15 19.85
C LEU D 332 -6.64 12.05 19.90
N LYS D 333 -5.68 12.08 18.98
CA LYS D 333 -4.58 11.14 19.04
C LYS D 333 -3.80 11.30 20.34
N ALA D 334 -3.48 12.55 20.71
CA ALA D 334 -2.70 12.79 21.91
C ALA D 334 -3.46 12.46 23.19
N ALA D 335 -4.79 12.47 23.14
CA ALA D 335 -5.61 12.12 24.29
C ALA D 335 -6.00 10.65 24.30
N ASP D 336 -5.48 9.86 23.36
CA ASP D 336 -5.79 8.43 23.27
C ASP D 336 -7.31 8.20 23.28
N GLY D 337 -8.03 9.05 22.55
CA GLY D 337 -9.47 8.91 22.42
C GLY D 337 -10.28 9.50 23.56
N ASN D 338 -9.66 10.19 24.50
CA ASN D 338 -10.38 10.88 25.57
C ASN D 338 -10.91 12.19 24.99
N TYR D 339 -12.13 12.14 24.46
CA TYR D 339 -12.68 13.32 23.79
C TYR D 339 -12.83 14.49 24.75
N MET D 340 -12.97 14.20 26.05
CA MET D 340 -13.08 15.27 27.04
C MET D 340 -11.84 16.16 27.02
N GLN D 341 -10.65 15.56 27.04
CA GLN D 341 -9.42 16.34 27.08
C GLN D 341 -9.11 16.93 25.71
N ALA D 342 -9.27 16.15 24.64
CA ALA D 342 -8.96 16.65 23.31
C ALA D 342 -9.83 17.86 22.96
N PHE D 343 -11.13 17.76 23.22
CA PHE D 343 -12.04 18.86 22.89
C PHE D 343 -11.65 20.13 23.65
N THR D 344 -11.21 19.99 24.90
CA THR D 344 -10.83 21.17 25.68
C THR D 344 -9.58 21.82 25.09
N ARG D 345 -8.56 21.03 24.79
CA ARG D 345 -7.35 21.58 24.18
C ARG D 345 -7.65 22.16 22.80
N TYR D 346 -8.53 21.49 22.05
CA TYR D 346 -8.94 22.01 20.74
C TYR D 346 -9.54 23.41 20.86
N ASN D 347 -10.44 23.61 21.83
CA ASN D 347 -11.06 24.92 21.99
C ASN D 347 -10.03 26.00 22.32
N ALA D 348 -8.97 25.63 23.05
CA ALA D 348 -8.00 26.63 23.51
C ALA D 348 -6.98 26.95 22.43
N LEU D 349 -6.44 25.93 21.76
CA LEU D 349 -5.39 26.16 20.78
C LEU D 349 -5.90 27.00 19.61
N LEU D 350 -7.12 26.75 19.15
CA LEU D 350 -7.66 27.43 17.98
C LEU D 350 -8.20 28.83 18.29
N ARG D 351 -8.46 29.13 19.58
CA ARG D 351 -9.01 30.43 19.98
C ARG D 351 -8.22 31.62 19.46
N PRO D 352 -6.90 31.68 19.62
CA PRO D 352 -6.18 32.87 19.10
C PRO D 352 -6.23 32.97 17.59
N PHE D 353 -6.14 31.83 16.90
CA PHE D 353 -6.18 31.86 15.44
C PHE D 353 -7.54 32.30 14.93
N VAL D 354 -8.62 31.84 15.57
CA VAL D 354 -9.96 32.27 15.15
C VAL D 354 -10.14 33.77 15.35
N ASP D 355 -9.65 34.29 16.48
CA ASP D 355 -9.84 35.71 16.77
C ASP D 355 -9.09 36.57 15.77
N ALA D 356 -7.84 36.21 15.45
CA ALA D 356 -7.07 37.00 14.50
C ALA D 356 -7.74 37.01 13.13
N ASN D 357 -8.19 35.84 12.67
CA ASN D 357 -8.78 35.76 11.33
C ASN D 357 -10.14 36.45 11.27
N GLN D 358 -10.97 36.25 12.30
CA GLN D 358 -12.28 36.90 12.31
C GLN D 358 -12.16 38.41 12.44
N GLU D 359 -11.23 38.89 13.27
CA GLU D 359 -11.01 40.33 13.37
C GLU D 359 -10.52 40.89 12.05
N PHE D 360 -9.61 40.18 11.38
CA PHE D 360 -9.18 40.62 10.06
C PHE D 360 -10.38 40.75 9.12
N GLY D 361 -11.25 39.76 9.10
CA GLY D 361 -12.42 39.83 8.22
C GLY D 361 -13.29 41.04 8.50
N VAL D 362 -13.51 41.34 9.78
CA VAL D 362 -14.29 42.53 10.11
C VAL D 362 -13.55 43.79 9.68
N TRP D 363 -12.23 43.80 9.88
CA TRP D 363 -11.41 44.93 9.44
C TRP D 363 -11.62 45.19 7.95
N VAL D 364 -11.54 44.13 7.13
CA VAL D 364 -11.73 44.29 5.69
C VAL D 364 -13.11 44.86 5.40
N SER D 365 -14.12 44.40 6.14
CA SER D 365 -15.50 44.83 5.89
C SER D 365 -15.70 46.32 6.10
N LYS D 366 -14.82 46.97 6.84
CA LYS D 366 -14.96 48.41 7.06
C LYS D 366 -14.80 49.19 5.76
N SER D 367 -14.03 48.65 4.81
CA SER D 367 -13.79 49.31 3.53
C SER D 367 -14.45 48.60 2.35
N PHE D 368 -14.82 47.34 2.49
CA PHE D 368 -15.29 46.54 1.36
C PHE D 368 -16.47 47.22 0.68
N LEU D 369 -16.29 47.58 -0.59
CA LEU D 369 -17.32 48.17 -1.44
C LEU D 369 -17.91 49.46 -0.86
N VAL D 370 -17.27 50.04 0.16
CA VAL D 370 -17.77 51.30 0.69
C VAL D 370 -17.75 52.36 -0.40
N GLU D 371 -16.70 52.36 -1.23
CA GLU D 371 -16.57 53.31 -2.34
C GLU D 371 -16.56 54.75 -1.83
N ASP D 372 -15.99 54.95 -0.64
CA ASP D 372 -15.77 56.30 -0.15
C ASP D 372 -14.75 57.01 -1.04
N GLU D 373 -14.99 58.29 -1.31
CA GLU D 373 -14.16 59.07 -2.22
C GLU D 373 -12.80 59.32 -1.59
N VAL D 374 -11.92 58.34 -1.72
CA VAL D 374 -10.58 58.38 -1.17
C VAL D 374 -9.58 58.44 -2.33
N SER D 375 -8.34 58.80 -1.99
CA SER D 375 -7.30 59.02 -2.99
C SER D 375 -6.46 57.77 -3.19
N LYS D 376 -5.56 57.83 -4.17
CA LYS D 376 -4.63 56.74 -4.39
C LYS D 376 -3.77 56.50 -3.16
N GLU D 377 -3.42 57.56 -2.44
CA GLU D 377 -2.64 57.42 -1.22
C GLU D 377 -3.40 56.59 -0.20
N ILE D 378 -4.66 56.93 0.05
CA ILE D 378 -5.48 56.17 1.00
C ILE D 378 -5.64 54.74 0.53
N ALA D 379 -5.89 54.55 -0.77
CA ALA D 379 -6.13 53.20 -1.29
C ALA D 379 -4.87 52.35 -1.21
N GLU D 380 -3.73 52.90 -1.59
CA GLU D 380 -2.50 52.12 -1.54
C GLU D 380 -2.11 51.77 -0.12
N GLU D 381 -2.41 52.64 0.85
CA GLU D 381 -2.09 52.34 2.23
C GLU D 381 -2.97 51.21 2.77
N ARG D 382 -4.27 51.23 2.47
CA ARG D 382 -5.14 50.14 2.88
C ARG D 382 -4.70 48.83 2.22
N SER D 383 -4.36 48.88 0.93
CA SER D 383 -3.98 47.67 0.22
C SER D 383 -2.71 47.07 0.80
N ASN D 384 -1.70 47.90 1.04
CA ASN D 384 -0.45 47.40 1.60
C ASN D 384 -0.64 46.91 3.02
N ARG D 385 -1.49 47.59 3.79
CA ARG D 385 -1.77 47.16 5.14
C ARG D 385 -2.60 45.87 5.16
N THR D 386 -3.44 45.66 4.14
CA THR D 386 -4.14 44.39 4.01
C THR D 386 -3.15 43.25 3.73
N LEU D 387 -2.16 43.50 2.85
CA LEU D 387 -1.17 42.47 2.56
C LEU D 387 -0.38 42.11 3.80
N ALA D 388 0.06 43.12 4.57
CA ALA D 388 0.80 42.84 5.79
C ALA D 388 -0.10 42.16 6.83
N LEU D 389 -1.32 42.66 7.00
CA LEU D 389 -2.21 42.12 8.02
C LEU D 389 -2.55 40.66 7.75
N ILE D 390 -2.77 40.30 6.48
CA ILE D 390 -3.19 38.94 6.16
C ILE D 390 -2.05 37.94 6.27
N LYS D 391 -0.80 38.39 6.13
CA LYS D 391 0.33 37.48 6.33
C LYS D 391 0.53 37.17 7.80
N SER D 392 0.40 38.17 8.67
CA SER D 392 0.53 37.93 10.10
C SER D 392 -0.62 37.08 10.61
N VAL D 393 -1.84 37.35 10.16
CA VAL D 393 -3.00 36.58 10.59
C VAL D 393 -2.87 35.13 10.13
N SER D 394 -2.40 34.91 8.91
CA SER D 394 -2.28 33.57 8.37
C SER D 394 -1.25 32.72 9.12
N ASN D 395 -0.42 33.35 9.94
CA ASN D 395 0.58 32.63 10.73
C ASN D 395 0.45 32.94 12.21
N ALA D 396 -0.72 33.40 12.65
CA ALA D 396 -0.94 33.84 14.03
C ALA D 396 -0.84 32.71 15.05
N ILE D 397 -0.56 31.48 14.64
CA ILE D 397 -0.51 30.33 15.54
C ILE D 397 0.63 29.43 15.10
N THR D 398 1.18 28.69 16.06
CA THR D 398 2.21 27.69 15.80
C THR D 398 1.59 26.31 15.93
N LEU D 399 1.68 25.52 14.87
CA LEU D 399 1.03 24.22 14.87
C LEU D 399 1.78 23.26 15.80
N PRO D 400 1.06 22.49 16.62
CA PRO D 400 1.72 21.40 17.37
C PRO D 400 2.16 20.29 16.43
N GLN D 401 2.77 19.25 16.97
CA GLN D 401 3.16 18.07 16.23
C GLN D 401 2.57 16.83 16.88
N TYR D 402 2.21 15.85 16.04
CA TYR D 402 1.54 14.64 16.51
C TYR D 402 2.07 13.37 15.85
N GLU D 403 3.10 13.46 15.01
CA GLU D 403 3.54 12.34 14.19
C GLU D 403 2.42 11.85 13.28
#